data_7T86
#
_entry.id   7T86
#
_cell.length_a   81.981
_cell.length_b   82.862
_cell.length_c   90.652
_cell.angle_alpha   70.890
_cell.angle_beta   84.410
_cell.angle_gamma   62.100
#
_symmetry.space_group_name_H-M   'P 1'
#
loop_
_entity.id
_entity.type
_entity.pdbx_description
1 polymer 'Antibody Fab CR5133 Light Chain'
2 polymer 'Antibody Fab CR5133 Heavy Chain'
3 polymer 'Phospho-SD Peptide'
4 non-polymer 2-acetamido-2-deoxy-beta-D-glucopyranose
5 water water
#
loop_
_entity_poly.entity_id
_entity_poly.type
_entity_poly.pdbx_seq_one_letter_code
_entity_poly.pdbx_strand_id
1 'polypeptide(L)'
;EIVLTQSPATLSLSPGERATLSCRASQSVSGYLGWYQQKPGQAPRLLIYGASSRATGIPDRFSGSGSGTDFTLTISRLEP
EDFAVYYCQQYGSSPLTFGGGTKLEIKRTVAAPSVFIFPPSDEQLKSGTASVVCLLNNFYPREAKVQWKVDNALQSGNSQ
ESVTEQDSKDSTYSLSSTLTLSKADYEKHKVYACEVTHQGLSSPVTKSFNRGE
;
L,A,C,E
2 'polypeptide(L)'
;EVQLVETGGGLVKPGGSLRLSCSASRFSFRDYYMTWIRQAPGKGPEWVSHISGSGSTIYYADSVRGRFTISRDNAKSSLY
LQMDSLQADDTAVYYCARGGRATSYYWVHWGPGTLVTVSSASTKGPSVFPLAPSSKSTSGGTAALGCLVKDYFPEPVTVS
WNSGALTSGVHTFPAVLQSSGLYSLSSVVTVPSSSLGTQTYICNVNHKPSNTKVDKKVEPKSCHHHHHH
;
H,B,D,F
3 'polypeptide(L)' SDSDSDSDSDSD G,I,J,K
#
loop_
_chem_comp.id
_chem_comp.type
_chem_comp.name
_chem_comp.formula
NAG D-saccharide, beta linking 2-acetamido-2-deoxy-beta-D-glucopyranose 'C8 H15 N O6'
#
# COMPACT_ATOMS: atom_id res chain seq x y z
N GLU A 1 -14.67 -33.09 23.92
CA GLU A 1 -15.08 -32.90 22.54
C GLU A 1 -13.88 -32.54 21.68
N ILE A 2 -14.03 -32.70 20.36
CA ILE A 2 -12.99 -32.27 19.43
C ILE A 2 -13.27 -30.82 19.05
N VAL A 3 -12.26 -29.97 19.16
CA VAL A 3 -12.36 -28.56 18.81
C VAL A 3 -11.84 -28.36 17.39
N LEU A 4 -12.57 -27.60 16.59
CA LEU A 4 -12.18 -27.29 15.22
C LEU A 4 -11.77 -25.81 15.15
N THR A 5 -10.49 -25.56 14.86
CA THR A 5 -9.95 -24.21 14.76
C THR A 5 -9.85 -23.80 13.30
N GLN A 6 -10.59 -22.76 12.92
CA GLN A 6 -10.57 -22.25 11.57
C GLN A 6 -9.78 -20.96 11.49
N SER A 7 -8.87 -20.89 10.52
CA SER A 7 -8.07 -19.70 10.27
C SER A 7 -8.03 -19.45 8.79
N PRO A 8 -7.97 -18.18 8.36
CA PRO A 8 -8.10 -17.01 9.23
C PRO A 8 -9.56 -16.73 9.57
N ALA A 9 -9.81 -15.91 10.59
CA ALA A 9 -11.19 -15.59 10.94
C ALA A 9 -11.91 -14.86 9.82
N THR A 10 -11.20 -13.99 9.11
CA THR A 10 -11.76 -13.28 7.97
C THR A 10 -10.72 -13.29 6.86
N LEU A 11 -11.19 -13.43 5.63
CA LEU A 11 -10.31 -13.55 4.47
C LEU A 11 -10.79 -12.60 3.39
N SER A 12 -9.93 -11.67 2.99
CA SER A 12 -10.30 -10.58 2.11
C SER A 12 -9.69 -10.83 0.75
N LEU A 13 -10.50 -11.18 -0.24
CA LEU A 13 -9.96 -11.45 -1.57
C LEU A 13 -10.82 -10.79 -2.64
N SER A 14 -10.21 -10.54 -3.79
CA SER A 14 -10.86 -10.01 -4.97
C SER A 14 -11.44 -11.14 -5.81
N PRO A 15 -12.54 -10.91 -6.53
CA PRO A 15 -13.04 -11.95 -7.44
C PRO A 15 -11.95 -12.35 -8.43
N GLY A 16 -11.86 -13.65 -8.71
CA GLY A 16 -10.83 -14.19 -9.55
C GLY A 16 -9.64 -14.79 -8.82
N GLU A 17 -9.40 -14.39 -7.58
CA GLU A 17 -8.29 -14.95 -6.83
C GLU A 17 -8.63 -16.35 -6.31
N ARG A 18 -7.61 -17.02 -5.78
CA ARG A 18 -7.73 -18.34 -5.16
C ARG A 18 -7.77 -18.19 -3.65
N ALA A 19 -8.72 -18.87 -3.01
CA ALA A 19 -8.86 -18.85 -1.56
C ALA A 19 -8.45 -20.20 -0.97
N THR A 20 -7.71 -20.15 0.13
CA THR A 20 -7.35 -21.35 0.87
C THR A 20 -7.78 -21.17 2.32
N LEU A 21 -8.69 -22.03 2.77
CA LEU A 21 -9.27 -21.97 4.11
C LEU A 21 -8.78 -23.17 4.90
N SER A 22 -8.31 -22.94 6.12
CA SER A 22 -7.70 -23.98 6.92
C SER A 22 -8.60 -24.35 8.10
N CYS A 23 -8.64 -25.64 8.42
CA CYS A 23 -9.36 -26.14 9.59
C CYS A 23 -8.43 -27.11 10.31
N ARG A 24 -8.20 -26.84 11.59
CA ARG A 24 -7.33 -27.67 12.41
C ARG A 24 -8.16 -28.33 13.50
N ALA A 25 -7.99 -29.63 13.67
CA ALA A 25 -8.72 -30.37 14.68
C ALA A 25 -7.83 -30.62 15.89
N SER A 26 -8.41 -30.56 17.08
CA SER A 26 -7.64 -30.77 18.31
C SER A 26 -7.15 -32.21 18.43
N GLN A 27 -7.92 -33.17 17.93
CA GLN A 27 -7.48 -34.55 17.81
C GLN A 27 -7.68 -35.02 16.38
N SER A 28 -7.08 -36.15 16.04
CA SER A 28 -7.29 -36.71 14.73
C SER A 28 -8.77 -37.06 14.56
N VAL A 29 -9.32 -36.71 13.40
CA VAL A 29 -10.64 -37.12 12.96
C VAL A 29 -10.57 -37.97 11.69
N SER A 30 -9.37 -38.43 11.32
CA SER A 30 -9.15 -39.23 10.11
C SER A 30 -9.58 -38.40 8.91
N GLY A 31 -10.41 -38.91 8.01
CA GLY A 31 -10.88 -38.14 6.87
C GLY A 31 -12.36 -37.82 6.98
N TYR A 32 -12.90 -37.91 8.20
CA TYR A 32 -14.32 -37.66 8.46
C TYR A 32 -14.50 -36.19 8.79
N LEU A 33 -14.47 -35.37 7.75
CA LEU A 33 -14.55 -33.92 7.91
C LEU A 33 -15.33 -33.34 6.75
N GLY A 34 -16.27 -32.45 7.04
CA GLY A 34 -17.02 -31.80 5.99
C GLY A 34 -16.90 -30.29 6.01
N TRP A 35 -17.24 -29.66 4.89
CA TRP A 35 -17.20 -28.21 4.76
C TRP A 35 -18.54 -27.70 4.31
N TYR A 36 -18.95 -26.57 4.87
CA TYR A 36 -20.22 -25.94 4.54
C TYR A 36 -20.00 -24.48 4.21
N GLN A 37 -20.84 -23.98 3.32
CA GLN A 37 -20.94 -22.55 3.01
C GLN A 37 -22.25 -22.02 3.60
N GLN A 38 -22.22 -20.79 4.11
CA GLN A 38 -23.45 -20.20 4.64
C GLN A 38 -23.54 -18.74 4.26
N LYS A 39 -24.65 -18.38 3.67
CA LYS A 39 -25.05 -17.03 3.30
C LYS A 39 -26.11 -16.49 4.25
N PRO A 40 -26.23 -15.17 4.37
CA PRO A 40 -27.11 -14.58 5.38
C PRO A 40 -28.55 -15.06 5.28
N GLY A 41 -29.09 -15.50 6.42
CA GLY A 41 -30.48 -15.92 6.48
C GLY A 41 -30.78 -17.27 5.89
N GLN A 42 -29.76 -18.09 5.61
CA GLN A 42 -29.94 -19.42 5.03
C GLN A 42 -29.26 -20.45 5.91
N ALA A 43 -29.69 -21.69 5.76
CA ALA A 43 -29.01 -22.82 6.37
C ALA A 43 -27.63 -23.02 5.76
N PRO A 44 -26.69 -23.67 6.48
CA PRO A 44 -25.42 -24.06 5.85
C PRO A 44 -25.68 -24.96 4.65
N ARG A 45 -24.73 -24.96 3.71
CA ARG A 45 -24.86 -25.72 2.47
C ARG A 45 -23.63 -26.59 2.34
N LEU A 46 -23.83 -27.90 2.33
CA LEU A 46 -22.70 -28.82 2.29
C LEU A 46 -21.94 -28.69 0.97
N LEU A 47 -20.63 -28.51 1.07
CA LEU A 47 -19.72 -28.47 -0.07
C LEU A 47 -18.92 -29.75 -0.22
N ILE A 48 -18.40 -30.28 0.88
CA ILE A 48 -17.43 -31.36 0.89
C ILE A 48 -17.74 -32.27 2.07
N TYR A 49 -17.67 -33.58 1.83
CA TYR A 49 -17.72 -34.57 2.88
C TYR A 49 -16.56 -35.54 2.68
N GLY A 50 -16.23 -36.28 3.73
CA GLY A 50 -15.07 -37.16 3.66
C GLY A 50 -13.77 -36.43 3.32
N ALA A 51 -13.56 -35.26 3.91
CA ALA A 51 -12.36 -34.45 3.74
C ALA A 51 -12.14 -33.95 2.31
N SER A 52 -12.47 -34.76 1.30
CA SER A 52 -12.14 -34.39 -0.07
C SER A 52 -13.23 -34.69 -1.09
N SER A 53 -14.29 -35.41 -0.72
CA SER A 53 -15.35 -35.77 -1.65
C SER A 53 -16.37 -34.64 -1.77
N ARG A 54 -16.51 -34.12 -2.99
CA ARG A 54 -17.44 -33.03 -3.26
C ARG A 54 -18.89 -33.50 -3.18
N ALA A 55 -19.76 -32.63 -2.68
CA ALA A 55 -21.18 -32.95 -2.65
C ALA A 55 -21.81 -32.68 -4.02
N THR A 56 -23.04 -33.17 -4.19
CA THR A 56 -23.73 -33.12 -5.48
C THR A 56 -24.01 -31.68 -5.89
N GLY A 57 -23.68 -31.34 -7.13
CA GLY A 57 -23.96 -30.02 -7.68
C GLY A 57 -22.93 -28.96 -7.37
N ILE A 58 -22.00 -29.24 -6.47
CA ILE A 58 -21.01 -28.21 -6.09
C ILE A 58 -20.02 -27.99 -7.23
N PRO A 59 -19.84 -26.76 -7.71
CA PRO A 59 -18.85 -26.49 -8.77
C PRO A 59 -17.47 -27.06 -8.48
N ASP A 60 -16.68 -27.31 -9.54
CA ASP A 60 -15.42 -28.01 -9.38
C ASP A 60 -14.31 -27.14 -8.79
N ARG A 61 -14.47 -25.81 -8.79
CA ARG A 61 -13.49 -24.93 -8.17
C ARG A 61 -13.41 -25.12 -6.65
N PHE A 62 -14.39 -25.78 -6.05
CA PHE A 62 -14.35 -26.13 -4.63
C PHE A 62 -13.65 -27.47 -4.49
N SER A 63 -12.55 -27.49 -3.74
CA SER A 63 -11.89 -28.75 -3.43
C SER A 63 -11.46 -28.74 -1.97
N GLY A 64 -11.43 -29.92 -1.37
CA GLY A 64 -10.95 -30.09 -0.01
C GLY A 64 -9.85 -31.14 0.03
N SER A 65 -8.89 -30.92 0.92
CA SER A 65 -7.81 -31.87 1.13
C SER A 65 -7.58 -32.03 2.63
N GLY A 66 -6.54 -32.78 2.97
CA GLY A 66 -6.16 -32.99 4.36
C GLY A 66 -6.73 -34.26 4.94
N SER A 67 -6.18 -34.63 6.09
CA SER A 67 -6.56 -35.84 6.80
C SER A 67 -5.95 -35.78 8.19
N GLY A 68 -6.69 -36.31 9.17
CA GLY A 68 -6.19 -36.34 10.53
C GLY A 68 -6.53 -35.12 11.35
N THR A 69 -5.68 -34.08 11.29
CA THR A 69 -5.90 -32.85 12.04
C THR A 69 -5.87 -31.57 11.20
N ASP A 70 -5.24 -31.56 10.03
CA ASP A 70 -5.07 -30.33 9.26
C ASP A 70 -5.81 -30.47 7.94
N PHE A 71 -6.85 -29.66 7.76
CA PHE A 71 -7.68 -29.71 6.56
C PHE A 71 -7.70 -28.35 5.88
N THR A 72 -7.95 -28.38 4.57
CA THR A 72 -7.94 -27.19 3.74
C THR A 72 -9.11 -27.26 2.77
N LEU A 73 -9.82 -26.14 2.64
CA LEU A 73 -10.79 -25.93 1.59
C LEU A 73 -10.23 -24.89 0.64
N THR A 74 -10.23 -25.20 -0.66
CA THR A 74 -9.66 -24.33 -1.69
C THR A 74 -10.71 -23.96 -2.71
N ILE A 75 -10.77 -22.67 -3.05
CA ILE A 75 -11.61 -22.14 -4.13
C ILE A 75 -10.67 -21.68 -5.23
N SER A 76 -10.66 -22.39 -6.36
CA SER A 76 -9.60 -22.21 -7.37
C SER A 76 -9.58 -20.78 -7.89
N ARG A 77 -10.74 -20.26 -8.28
CA ARG A 77 -10.86 -18.84 -8.60
C ARG A 77 -12.23 -18.38 -8.12
N LEU A 78 -12.24 -17.33 -7.32
CA LEU A 78 -13.44 -16.90 -6.63
C LEU A 78 -14.40 -16.20 -7.59
N GLU A 79 -15.62 -16.62 -7.59
CA GLU A 79 -16.83 -16.08 -8.18
C GLU A 79 -17.52 -15.14 -7.21
N PRO A 80 -18.23 -14.13 -7.73
CA PRO A 80 -18.96 -13.21 -6.85
C PRO A 80 -19.87 -13.93 -5.85
N GLU A 81 -20.41 -15.08 -6.24
CA GLU A 81 -21.34 -15.85 -5.42
C GLU A 81 -20.65 -16.58 -4.27
N ASP A 82 -19.32 -16.58 -4.22
CA ASP A 82 -18.60 -17.39 -3.26
C ASP A 82 -18.28 -16.65 -1.97
N PHE A 83 -18.58 -15.37 -1.91
CA PHE A 83 -18.28 -14.58 -0.71
C PHE A 83 -19.34 -14.86 0.33
N ALA A 84 -18.95 -15.52 1.41
CA ALA A 84 -19.88 -16.07 2.39
C ALA A 84 -19.08 -16.58 3.57
N VAL A 85 -19.75 -17.22 4.51
CA VAL A 85 -19.08 -17.80 5.66
C VAL A 85 -18.92 -19.29 5.43
N TYR A 86 -17.78 -19.84 5.85
CA TYR A 86 -17.45 -21.24 5.62
C TYR A 86 -17.13 -21.92 6.94
N TYR A 87 -17.73 -23.09 7.15
CA TYR A 87 -17.55 -23.88 8.37
C TYR A 87 -17.00 -25.25 8.03
N CYS A 88 -16.08 -25.74 8.86
CA CYS A 88 -15.74 -27.15 8.83
C CYS A 88 -16.53 -27.88 9.91
N GLN A 89 -16.59 -29.20 9.77
CA GLN A 89 -17.35 -30.03 10.69
C GLN A 89 -16.72 -31.42 10.72
N GLN A 90 -16.37 -31.90 11.91
CA GLN A 90 -15.81 -33.23 12.06
C GLN A 90 -16.88 -34.23 12.47
N TYR A 91 -16.72 -35.47 12.01
CA TYR A 91 -17.58 -36.54 12.52
C TYR A 91 -16.77 -37.81 12.78
N GLY A 92 -15.49 -37.67 13.11
CA GLY A 92 -14.71 -38.83 13.52
C GLY A 92 -15.09 -39.33 14.90
N SER A 93 -15.61 -38.45 15.76
CA SER A 93 -15.93 -38.78 17.13
C SER A 93 -17.11 -37.93 17.58
N SER A 94 -17.96 -38.53 18.41
CA SER A 94 -19.04 -37.75 18.98
C SER A 94 -18.56 -37.03 20.23
N PRO A 95 -19.19 -35.91 20.61
CA PRO A 95 -20.25 -35.23 19.86
C PRO A 95 -19.73 -34.55 18.60
N LEU A 96 -20.54 -34.54 17.55
CA LEU A 96 -20.18 -33.86 16.32
C LEU A 96 -20.06 -32.37 16.58
N THR A 97 -19.04 -31.75 16.00
CA THR A 97 -18.74 -30.36 16.31
C THR A 97 -18.46 -29.60 15.01
N PHE A 98 -18.77 -28.31 15.03
CA PHE A 98 -18.43 -27.40 13.94
C PHE A 98 -17.28 -26.49 14.35
N GLY A 99 -16.60 -25.94 13.34
CA GLY A 99 -15.65 -24.88 13.57
C GLY A 99 -16.36 -23.56 13.80
N GLY A 100 -15.54 -22.53 14.07
CA GLY A 100 -16.05 -21.19 14.32
C GLY A 100 -16.30 -20.36 13.09
N GLY A 101 -15.89 -20.82 11.93
CA GLY A 101 -16.24 -20.13 10.71
C GLY A 101 -15.10 -19.25 10.21
N THR A 102 -15.00 -19.14 8.88
CA THR A 102 -14.18 -18.15 8.19
C THR A 102 -15.10 -17.33 7.30
N LYS A 103 -15.03 -16.01 7.40
CA LYS A 103 -15.86 -15.13 6.57
C LYS A 103 -15.02 -14.66 5.40
N LEU A 104 -15.48 -14.94 4.19
CA LEU A 104 -14.78 -14.56 2.97
C LEU A 104 -15.44 -13.29 2.44
N GLU A 105 -14.72 -12.18 2.48
CA GLU A 105 -15.26 -10.88 2.11
C GLU A 105 -14.51 -10.33 0.91
N ILE A 106 -15.10 -9.32 0.28
CA ILE A 106 -14.58 -8.76 -0.97
C ILE A 106 -13.54 -7.69 -0.64
N LYS A 107 -12.32 -7.87 -1.13
CA LYS A 107 -11.32 -6.81 -1.04
C LYS A 107 -11.54 -5.80 -2.16
N ARG A 108 -11.47 -4.53 -1.82
CA ARG A 108 -11.57 -3.43 -2.76
C ARG A 108 -10.56 -2.38 -2.33
N THR A 109 -10.50 -1.28 -3.09
CA THR A 109 -9.54 -0.23 -2.77
C THR A 109 -9.93 0.45 -1.46
N VAL A 110 -8.93 1.01 -0.79
CA VAL A 110 -9.17 1.70 0.47
C VAL A 110 -10.06 2.90 0.24
N ALA A 111 -11.04 3.09 1.13
CA ALA A 111 -11.97 4.23 1.08
C ALA A 111 -12.09 4.80 2.49
N ALA A 112 -11.79 6.09 2.63
CA ALA A 112 -11.89 6.73 3.93
C ALA A 112 -13.35 6.91 4.34
N PRO A 113 -13.68 6.76 5.61
CA PRO A 113 -15.06 7.06 6.04
C PRO A 113 -15.29 8.57 5.99
N SER A 114 -16.51 8.96 5.66
CA SER A 114 -16.96 10.30 5.97
C SER A 114 -17.59 10.26 7.34
N VAL A 115 -17.21 11.19 8.21
CA VAL A 115 -17.54 11.09 9.63
C VAL A 115 -18.55 12.18 9.98
N PHE A 116 -19.59 11.78 10.71
CA PHE A 116 -20.61 12.70 11.19
C PHE A 116 -20.84 12.42 12.66
N ILE A 117 -21.27 13.43 13.39
CA ILE A 117 -21.61 13.27 14.80
C ILE A 117 -22.94 13.95 15.04
N PHE A 118 -23.76 13.35 15.89
CA PHE A 118 -25.14 13.79 16.14
C PHE A 118 -25.33 13.94 17.64
N PRO A 119 -25.64 15.14 18.15
CA PRO A 119 -26.00 15.26 19.55
C PRO A 119 -27.36 14.64 19.80
N PRO A 120 -27.65 14.29 21.06
CA PRO A 120 -29.00 13.84 21.39
C PRO A 120 -30.04 14.88 21.00
N SER A 121 -31.20 14.39 20.59
CA SER A 121 -32.31 15.28 20.30
C SER A 121 -32.89 15.83 21.60
N ASP A 122 -33.60 16.95 21.48
CA ASP A 122 -34.31 17.48 22.64
C ASP A 122 -35.38 16.50 23.11
N GLU A 123 -36.07 15.84 22.17
CA GLU A 123 -37.08 14.85 22.55
C GLU A 123 -36.48 13.77 23.45
N GLN A 124 -35.29 13.26 23.11
CA GLN A 124 -34.74 12.18 23.91
C GLN A 124 -34.32 12.67 25.29
N LEU A 125 -33.67 13.84 25.36
CA LEU A 125 -33.30 14.40 26.66
C LEU A 125 -34.52 14.59 27.53
N LYS A 126 -35.64 15.01 26.95
CA LYS A 126 -36.90 15.07 27.67
C LYS A 126 -37.18 13.77 28.43
N SER A 127 -36.93 12.62 27.80
CA SER A 127 -37.20 11.33 28.41
C SER A 127 -36.12 10.87 29.39
N GLY A 128 -35.05 11.63 29.57
CA GLY A 128 -34.08 11.32 30.61
C GLY A 128 -32.80 10.65 30.16
N THR A 129 -32.55 10.53 28.86
CA THR A 129 -31.35 9.85 28.40
C THR A 129 -30.72 10.62 27.26
N ALA A 130 -29.44 10.39 27.07
CA ALA A 130 -28.68 11.02 26.01
C ALA A 130 -27.96 9.93 25.25
N SER A 131 -28.21 9.87 23.95
CA SER A 131 -27.44 9.03 23.03
C SER A 131 -26.72 9.97 22.09
N VAL A 132 -25.40 9.84 22.04
CA VAL A 132 -24.57 10.57 21.08
C VAL A 132 -24.13 9.57 20.02
N VAL A 133 -24.36 9.90 18.76
CA VAL A 133 -24.11 8.99 17.66
C VAL A 133 -22.98 9.50 16.79
N CYS A 134 -21.99 8.65 16.56
CA CYS A 134 -20.92 8.93 15.62
C CYS A 134 -21.07 7.99 14.44
N LEU A 135 -21.15 8.54 13.23
CA LEU A 135 -21.37 7.79 12.00
C LEU A 135 -20.12 7.79 11.12
N LEU A 136 -19.69 6.60 10.68
CA LEU A 136 -18.60 6.44 9.71
C LEU A 136 -19.24 5.85 8.46
N ASN A 137 -19.25 6.61 7.37
CA ASN A 137 -20.04 6.22 6.19
C ASN A 137 -19.14 5.80 5.05
N ASN A 138 -19.41 4.59 4.51
CA ASN A 138 -18.91 4.08 3.23
C ASN A 138 -17.38 4.03 3.19
N PHE A 139 -16.82 3.13 4.00
CA PHE A 139 -15.37 3.01 4.12
C PHE A 139 -14.91 1.57 3.91
N TYR A 140 -13.62 1.44 3.61
CA TYR A 140 -13.02 0.13 3.42
C TYR A 140 -11.54 0.29 3.71
N PRO A 141 -10.90 -0.65 4.42
CA PRO A 141 -11.39 -1.90 4.99
C PRO A 141 -12.23 -1.69 6.24
N ARG A 142 -12.65 -2.80 6.86
CA ARG A 142 -13.61 -2.75 7.97
C ARG A 142 -12.99 -2.25 9.26
N GLU A 143 -11.68 -2.42 9.43
CA GLU A 143 -11.04 -2.08 10.69
C GLU A 143 -11.00 -0.57 10.87
N ALA A 144 -11.50 -0.11 12.00
CA ALA A 144 -11.51 1.31 12.32
C ALA A 144 -11.52 1.46 13.83
N LYS A 145 -10.75 2.40 14.33
CA LYS A 145 -10.78 2.75 15.75
C LYS A 145 -11.66 3.98 15.92
N VAL A 146 -12.65 3.88 16.79
CA VAL A 146 -13.54 4.99 17.12
C VAL A 146 -13.48 5.19 18.64
N GLN A 147 -13.01 6.36 19.07
CA GLN A 147 -12.87 6.67 20.48
C GLN A 147 -13.73 7.86 20.86
N TRP A 148 -14.43 7.73 21.97
CA TRP A 148 -15.24 8.80 22.53
C TRP A 148 -14.43 9.54 23.59
N LYS A 149 -14.42 10.86 23.49
CA LYS A 149 -13.77 11.72 24.47
C LYS A 149 -14.79 12.74 24.94
N VAL A 150 -14.97 12.82 26.26
CA VAL A 150 -15.90 13.76 26.87
C VAL A 150 -15.06 14.67 27.76
N ASP A 151 -14.96 15.95 27.40
CA ASP A 151 -14.06 16.90 28.08
C ASP A 151 -12.66 16.31 28.22
N ASN A 152 -12.16 15.76 27.10
CA ASN A 152 -10.87 15.10 26.93
C ASN A 152 -10.72 13.78 27.68
N ALA A 153 -11.75 13.29 28.35
CA ALA A 153 -11.66 12.01 29.06
C ALA A 153 -12.11 10.90 28.13
N LEU A 154 -11.23 9.93 27.89
CA LEU A 154 -11.59 8.78 27.08
C LEU A 154 -12.67 7.96 27.78
N GLN A 155 -13.74 7.68 27.05
CA GLN A 155 -14.81 6.87 27.59
C GLN A 155 -14.51 5.38 27.42
N SER A 156 -15.11 4.56 28.28
CA SER A 156 -15.09 3.13 28.03
C SER A 156 -16.23 2.48 28.78
N GLY A 157 -16.72 1.38 28.22
CA GLY A 157 -17.84 0.65 28.76
C GLY A 157 -19.20 1.26 28.51
N ASN A 158 -19.27 2.41 27.82
CA ASN A 158 -20.56 3.07 27.67
C ASN A 158 -20.89 3.41 26.22
N SER A 159 -20.28 2.70 25.27
CA SER A 159 -20.67 2.85 23.86
C SER A 159 -20.81 1.48 23.22
N GLN A 160 -21.57 1.44 22.13
CA GLN A 160 -21.71 0.22 21.34
C GLN A 160 -21.59 0.55 19.87
N GLU A 161 -20.97 -0.35 19.12
CA GLU A 161 -20.81 -0.21 17.68
C GLU A 161 -21.72 -1.18 16.93
N SER A 162 -22.22 -0.75 15.79
CA SER A 162 -22.87 -1.61 14.81
C SER A 162 -22.25 -1.33 13.45
N VAL A 163 -22.05 -2.39 12.65
CA VAL A 163 -21.47 -2.28 11.31
C VAL A 163 -22.42 -2.93 10.33
N THR A 164 -22.68 -2.26 9.21
CA THR A 164 -23.46 -2.86 8.14
C THR A 164 -22.74 -4.05 7.52
N GLU A 165 -23.51 -4.87 6.79
CA GLU A 165 -22.90 -5.83 5.89
C GLU A 165 -22.22 -5.08 4.74
N GLN A 166 -21.22 -5.73 4.16
CA GLN A 166 -20.57 -5.16 2.98
C GLN A 166 -21.60 -4.80 1.91
N ASP A 167 -21.52 -3.57 1.42
CA ASP A 167 -22.50 -3.05 0.49
C ASP A 167 -22.49 -3.82 -0.82
N SER A 168 -23.68 -4.18 -1.31
CA SER A 168 -23.76 -5.04 -2.49
C SER A 168 -23.22 -4.35 -3.73
N LYS A 169 -23.28 -3.02 -3.77
CA LYS A 169 -22.81 -2.27 -4.94
C LYS A 169 -21.33 -1.89 -4.83
N ASP A 170 -20.95 -1.13 -3.81
CA ASP A 170 -19.58 -0.62 -3.74
C ASP A 170 -18.68 -1.34 -2.75
N SER A 171 -19.15 -2.38 -2.08
CA SER A 171 -18.35 -3.25 -1.22
C SER A 171 -17.78 -2.50 0.01
N THR A 172 -18.32 -1.32 0.34
CA THR A 172 -17.89 -0.60 1.53
C THR A 172 -18.71 -1.02 2.75
N TYR A 173 -18.24 -0.56 3.91
CA TYR A 173 -18.91 -0.74 5.19
C TYR A 173 -19.35 0.60 5.73
N SER A 174 -20.35 0.58 6.61
CA SER A 174 -20.70 1.75 7.39
C SER A 174 -20.79 1.35 8.84
N LEU A 175 -20.48 2.28 9.73
CA LEU A 175 -20.39 1.95 11.13
C LEU A 175 -21.04 3.04 11.95
N SER A 176 -21.82 2.66 12.97
CA SER A 176 -22.28 3.61 13.97
C SER A 176 -21.61 3.29 15.30
N SER A 177 -21.25 4.33 16.03
CA SER A 177 -20.83 4.21 17.42
C SER A 177 -21.75 5.10 18.23
N THR A 178 -22.41 4.52 19.24
CA THR A 178 -23.45 5.20 20.00
C THR A 178 -23.03 5.24 21.45
N LEU A 179 -22.79 6.44 21.97
CA LEU A 179 -22.44 6.67 23.35
C LEU A 179 -23.71 7.00 24.10
N THR A 180 -24.03 6.25 25.14
CA THR A 180 -25.28 6.46 25.84
C THR A 180 -25.02 6.85 27.29
N LEU A 181 -25.65 7.93 27.71
CA LEU A 181 -25.51 8.45 29.06
C LEU A 181 -26.89 8.82 29.57
N SER A 182 -27.01 8.87 30.89
CA SER A 182 -28.19 9.51 31.47
C SER A 182 -28.18 10.99 31.14
N LYS A 183 -29.34 11.61 31.23
CA LYS A 183 -29.40 13.06 31.02
C LYS A 183 -28.55 13.78 32.05
N ALA A 184 -28.57 13.28 33.30
CA ALA A 184 -27.80 13.92 34.36
C ALA A 184 -26.30 13.90 34.05
N ASP A 185 -25.79 12.75 33.59
CA ASP A 185 -24.37 12.66 33.27
C ASP A 185 -24.02 13.50 32.05
N TYR A 186 -24.90 13.49 31.05
CA TYR A 186 -24.65 14.27 29.84
C TYR A 186 -24.46 15.74 30.17
N GLU A 187 -25.27 16.27 31.09
CA GLU A 187 -25.20 17.69 31.44
C GLU A 187 -24.03 18.01 32.37
N LYS A 188 -23.29 17.03 32.88
CA LYS A 188 -22.08 17.31 33.64
C LYS A 188 -20.92 17.75 32.78
N HIS A 189 -21.06 17.78 31.46
CA HIS A 189 -19.91 17.96 30.59
C HIS A 189 -20.29 18.84 29.40
N LYS A 190 -19.26 19.41 28.78
CA LYS A 190 -19.42 20.39 27.72
C LYS A 190 -19.09 19.85 26.33
N VAL A 191 -17.96 19.18 26.18
CA VAL A 191 -17.41 18.88 24.87
C VAL A 191 -17.51 17.38 24.62
N TYR A 192 -18.18 17.02 23.54
CA TYR A 192 -18.39 15.63 23.13
C TYR A 192 -17.70 15.43 21.80
N ALA A 193 -16.80 14.47 21.73
CA ALA A 193 -15.94 14.33 20.56
C ALA A 193 -15.81 12.86 20.18
N CYS A 194 -15.96 12.60 18.89
CA CYS A 194 -15.72 11.29 18.30
C CYS A 194 -14.44 11.39 17.49
N GLU A 195 -13.48 10.53 17.78
CA GLU A 195 -12.21 10.52 17.06
C GLU A 195 -12.04 9.22 16.30
N VAL A 196 -11.82 9.31 14.99
CA VAL A 196 -11.85 8.15 14.10
C VAL A 196 -10.48 7.94 13.48
N THR A 197 -9.92 6.75 13.68
CA THR A 197 -8.68 6.35 13.03
C THR A 197 -8.99 5.30 11.97
N HIS A 198 -8.54 5.54 10.74
CA HIS A 198 -8.78 4.60 9.66
C HIS A 198 -7.67 4.74 8.63
N GLN A 199 -7.26 3.59 8.07
CA GLN A 199 -6.19 3.53 7.08
C GLN A 199 -6.39 4.51 5.94
N GLY A 200 -7.64 4.79 5.58
CA GLY A 200 -7.92 5.71 4.49
C GLY A 200 -7.70 7.17 4.82
N LEU A 201 -7.51 7.49 6.10
CA LEU A 201 -7.37 8.86 6.57
C LEU A 201 -5.89 9.14 6.81
N SER A 202 -5.40 10.28 6.29
CA SER A 202 -3.99 10.62 6.47
C SER A 202 -3.67 10.94 7.93
N SER A 203 -4.64 11.44 8.67
CA SER A 203 -4.52 11.55 10.11
C SER A 203 -5.90 11.39 10.71
N PRO A 204 -6.00 11.01 11.98
CA PRO A 204 -7.33 10.78 12.59
C PRO A 204 -8.23 11.99 12.49
N VAL A 205 -9.52 11.74 12.31
CA VAL A 205 -10.53 12.77 12.17
C VAL A 205 -11.29 12.90 13.48
N THR A 206 -11.46 14.12 13.98
CA THR A 206 -12.29 14.38 15.15
C THR A 206 -13.51 15.18 14.74
N LYS A 207 -14.69 14.69 15.11
CA LYS A 207 -15.91 15.47 15.05
C LYS A 207 -16.40 15.72 16.47
N SER A 208 -16.86 16.93 16.74
CA SER A 208 -17.15 17.30 18.12
C SER A 208 -18.27 18.34 18.14
N PHE A 209 -18.82 18.55 19.33
CA PHE A 209 -19.75 19.64 19.55
C PHE A 209 -19.75 20.00 21.01
N ASN A 210 -20.13 21.26 21.28
CA ASN A 210 -20.40 21.75 22.63
C ASN A 210 -21.87 21.49 22.93
N ARG A 211 -22.14 20.84 24.07
CA ARG A 211 -23.52 20.67 24.50
C ARG A 211 -24.22 22.02 24.57
N GLY A 212 -25.40 22.12 23.97
CA GLY A 212 -26.17 23.34 23.99
C GLY A 212 -25.99 24.24 22.77
N GLU A 213 -25.06 23.92 21.88
CA GLU A 213 -24.83 24.77 20.71
C GLU A 213 -24.92 23.97 19.41
N GLU B 1 -37.43 -33.37 -4.91
CA GLU B 1 -36.38 -32.82 -4.04
C GLU B 1 -36.86 -32.85 -2.59
N VAL B 2 -35.97 -33.27 -1.68
CA VAL B 2 -36.31 -33.29 -0.26
C VAL B 2 -36.80 -31.90 0.15
N GLN B 3 -37.88 -31.87 0.93
CA GLN B 3 -38.40 -30.62 1.49
C GLN B 3 -38.47 -30.76 3.00
N LEU B 4 -37.94 -29.76 3.71
CA LEU B 4 -38.01 -29.69 5.17
C LEU B 4 -38.39 -28.27 5.55
N VAL B 5 -39.28 -28.14 6.53
CA VAL B 5 -39.75 -26.82 6.97
C VAL B 5 -39.95 -26.86 8.48
N GLU B 6 -39.16 -26.08 9.21
CA GLU B 6 -39.34 -25.92 10.65
C GLU B 6 -40.41 -24.87 10.93
N THR B 7 -41.19 -25.09 11.99
CA THR B 7 -42.09 -24.08 12.53
C THR B 7 -42.13 -24.20 14.04
N GLY B 8 -42.70 -23.19 14.69
CA GLY B 8 -42.88 -23.19 16.13
C GLY B 8 -41.95 -22.27 16.89
N GLY B 9 -41.00 -21.61 16.21
CA GLY B 9 -40.09 -20.72 16.91
C GLY B 9 -40.76 -19.41 17.32
N GLY B 10 -40.22 -18.79 18.36
CA GLY B 10 -40.81 -17.57 18.86
C GLY B 10 -40.08 -17.10 20.10
N LEU B 11 -40.66 -16.11 20.78
CA LEU B 11 -40.11 -15.54 21.99
C LEU B 11 -40.68 -16.24 23.21
N VAL B 12 -39.80 -16.57 24.17
CA VAL B 12 -40.21 -17.30 25.35
C VAL B 12 -39.33 -16.86 26.51
N LYS B 13 -39.94 -16.80 27.70
CA LYS B 13 -39.22 -16.43 28.91
C LYS B 13 -38.32 -17.58 29.37
N PRO B 14 -37.22 -17.27 30.06
CA PRO B 14 -36.38 -18.35 30.60
C PRO B 14 -37.19 -19.22 31.55
N GLY B 15 -36.98 -20.54 31.46
CA GLY B 15 -37.82 -21.49 32.16
C GLY B 15 -39.07 -21.91 31.43
N GLY B 16 -39.46 -21.16 30.40
CA GLY B 16 -40.61 -21.50 29.60
C GLY B 16 -40.36 -22.70 28.71
N SER B 17 -41.34 -22.97 27.87
CA SER B 17 -41.36 -24.16 27.01
C SER B 17 -41.75 -23.76 25.60
N LEU B 18 -41.36 -24.59 24.66
CA LEU B 18 -41.62 -24.32 23.26
C LEU B 18 -41.51 -25.65 22.52
N ARG B 19 -42.37 -25.84 21.52
CA ARG B 19 -42.38 -27.08 20.76
C ARG B 19 -42.13 -26.75 19.30
N LEU B 20 -41.06 -27.30 18.75
CA LEU B 20 -40.72 -27.10 17.34
C LEU B 20 -41.16 -28.31 16.54
N SER B 21 -41.69 -28.07 15.36
CA SER B 21 -42.00 -29.16 14.44
C SER B 21 -41.26 -28.94 13.14
N CYS B 22 -40.90 -30.06 12.52
CA CYS B 22 -40.28 -30.07 11.21
C CYS B 22 -41.13 -30.98 10.33
N SER B 23 -41.71 -30.41 9.27
CA SER B 23 -42.51 -31.16 8.31
C SER B 23 -41.64 -31.58 7.13
N ALA B 24 -41.66 -32.86 6.81
CA ALA B 24 -40.87 -33.42 5.71
C ALA B 24 -41.79 -33.86 4.59
N SER B 25 -41.35 -33.70 3.36
CA SER B 25 -42.11 -34.24 2.24
C SER B 25 -41.17 -34.61 1.11
N ARG B 26 -41.70 -35.44 0.21
CA ARG B 26 -41.03 -35.91 -1.00
C ARG B 26 -39.86 -36.84 -0.71
N PHE B 27 -39.90 -37.56 0.41
CA PHE B 27 -38.96 -38.66 0.60
C PHE B 27 -39.53 -39.58 1.68
N SER B 28 -38.86 -40.72 1.88
CA SER B 28 -39.38 -41.77 2.75
C SER B 28 -38.89 -41.52 4.17
N PHE B 29 -39.62 -40.60 4.85
CA PHE B 29 -39.20 -40.04 6.13
C PHE B 29 -38.82 -41.12 7.14
N ARG B 30 -39.59 -42.22 7.18
CA ARG B 30 -39.39 -43.24 8.22
C ARG B 30 -38.09 -44.02 8.05
N ASP B 31 -37.43 -43.91 6.90
CA ASP B 31 -36.20 -44.64 6.64
C ASP B 31 -34.93 -43.88 7.01
N TYR B 32 -35.05 -42.69 7.61
CA TYR B 32 -33.88 -41.85 7.81
C TYR B 32 -33.78 -41.39 9.26
N TYR B 33 -32.55 -41.43 9.78
CA TYR B 33 -32.22 -40.62 10.94
C TYR B 33 -32.62 -39.18 10.69
N MET B 34 -33.11 -38.50 11.74
CA MET B 34 -33.38 -37.08 11.69
C MET B 34 -32.63 -36.39 12.82
N THR B 35 -32.20 -35.15 12.57
CA THR B 35 -31.27 -34.44 13.45
C THR B 35 -31.73 -33.00 13.66
N TRP B 36 -31.51 -32.48 14.86
CA TRP B 36 -31.71 -31.06 15.13
C TRP B 36 -30.36 -30.38 15.29
N ILE B 37 -30.18 -29.26 14.57
CA ILE B 37 -28.99 -28.43 14.62
C ILE B 37 -29.44 -27.01 14.98
N ARG B 38 -28.65 -26.30 15.79
CA ARG B 38 -28.98 -24.93 16.14
C ARG B 38 -27.76 -24.03 15.99
N GLN B 39 -28.00 -22.73 15.75
CA GLN B 39 -26.92 -21.79 15.52
C GLN B 39 -27.22 -20.49 16.25
N ALA B 40 -26.40 -20.17 17.23
CA ALA B 40 -26.55 -18.92 17.95
C ALA B 40 -26.09 -17.75 17.08
N PRO B 41 -26.68 -16.56 17.28
CA PRO B 41 -26.24 -15.37 16.52
C PRO B 41 -24.73 -15.16 16.56
N GLY B 42 -24.09 -15.14 15.39
CA GLY B 42 -22.67 -14.89 15.33
C GLY B 42 -21.79 -16.09 15.56
N LYS B 43 -22.36 -17.26 15.86
CA LYS B 43 -21.60 -18.47 16.13
C LYS B 43 -21.76 -19.46 14.99
N GLY B 44 -20.95 -20.53 15.05
CA GLY B 44 -21.16 -21.64 14.17
C GLY B 44 -22.26 -22.55 14.67
N PRO B 45 -22.67 -23.51 13.84
CA PRO B 45 -23.73 -24.44 14.24
C PRO B 45 -23.26 -25.38 15.34
N GLU B 46 -24.26 -25.93 16.03
CA GLU B 46 -24.08 -26.82 17.16
C GLU B 46 -25.06 -27.97 17.03
N TRP B 47 -24.56 -29.20 17.06
CA TRP B 47 -25.43 -30.37 17.05
C TRP B 47 -26.27 -30.41 18.33
N VAL B 48 -27.55 -30.79 18.19
CA VAL B 48 -28.48 -30.81 19.32
C VAL B 48 -28.95 -32.23 19.64
N SER B 49 -29.47 -32.95 18.66
CA SER B 49 -30.10 -34.24 18.97
C SER B 49 -30.24 -35.06 17.69
N HIS B 50 -30.20 -36.39 17.85
CA HIS B 50 -30.41 -37.39 16.81
C HIS B 50 -31.60 -38.26 17.20
N ILE B 51 -32.39 -38.70 16.19
CA ILE B 51 -33.40 -39.74 16.42
C ILE B 51 -33.39 -40.70 15.23
N SER B 52 -33.35 -42.00 15.52
CA SER B 52 -33.35 -43.00 14.46
C SER B 52 -34.71 -43.03 13.75
N GLY B 53 -34.71 -43.61 12.55
CA GLY B 53 -35.93 -43.71 11.78
C GLY B 53 -37.07 -44.35 12.54
N SER B 54 -36.74 -45.35 13.37
CA SER B 54 -37.74 -46.02 14.19
C SER B 54 -38.13 -45.20 15.42
N GLY B 55 -37.30 -44.26 15.85
CA GLY B 55 -37.58 -43.54 17.08
C GLY B 55 -37.06 -44.20 18.33
N SER B 56 -36.43 -45.37 18.22
CA SER B 56 -36.00 -46.12 19.39
C SER B 56 -34.56 -45.82 19.80
N THR B 57 -33.78 -45.18 18.94
CA THR B 57 -32.42 -44.76 19.28
C THR B 57 -32.34 -43.24 19.21
N ILE B 58 -31.90 -42.63 20.30
CA ILE B 58 -31.96 -41.18 20.49
C ILE B 58 -30.72 -40.74 21.23
N TYR B 59 -30.09 -39.66 20.76
CA TYR B 59 -28.91 -39.08 21.40
C TYR B 59 -29.09 -37.57 21.59
N TYR B 60 -28.48 -37.03 22.65
CA TYR B 60 -28.59 -35.61 22.98
C TYR B 60 -27.21 -35.02 23.25
N ALA B 61 -27.02 -33.76 22.84
CA ALA B 61 -25.91 -32.98 23.35
C ALA B 61 -26.07 -32.78 24.86
N ASP B 62 -24.95 -32.78 25.57
CA ASP B 62 -24.99 -32.62 27.02
C ASP B 62 -25.73 -31.35 27.45
N SER B 63 -25.61 -30.28 26.66
CA SER B 63 -26.14 -28.99 27.06
C SER B 63 -27.67 -28.94 27.09
N VAL B 64 -28.34 -29.90 26.45
CA VAL B 64 -29.80 -29.92 26.44
C VAL B 64 -30.36 -31.16 27.12
N ARG B 65 -29.52 -32.08 27.57
CA ARG B 65 -30.03 -33.34 28.13
C ARG B 65 -30.88 -33.07 29.37
N GLY B 66 -32.02 -33.76 29.44
CA GLY B 66 -32.96 -33.57 30.50
C GLY B 66 -33.89 -32.39 30.33
N ARG B 67 -33.64 -31.54 29.35
CA ARG B 67 -34.50 -30.39 29.08
C ARG B 67 -35.21 -30.49 27.74
N PHE B 68 -34.53 -31.02 26.72
CA PHE B 68 -35.10 -31.17 25.38
C PHE B 68 -35.46 -32.63 25.12
N THR B 69 -36.55 -32.85 24.40
CA THR B 69 -37.01 -34.19 24.03
C THR B 69 -37.26 -34.20 22.54
N ILE B 70 -36.56 -35.07 21.82
CA ILE B 70 -36.77 -35.25 20.39
C ILE B 70 -37.76 -36.39 20.20
N SER B 71 -38.63 -36.26 19.19
CA SER B 71 -39.52 -37.34 18.80
C SER B 71 -39.91 -37.13 17.35
N ARG B 72 -40.70 -38.07 16.82
CA ARG B 72 -41.12 -38.03 15.44
C ARG B 72 -42.43 -38.81 15.31
N ASP B 73 -43.23 -38.42 14.33
CA ASP B 73 -44.44 -39.11 13.93
C ASP B 73 -44.23 -39.54 12.48
N ASN B 74 -43.87 -40.81 12.27
CA ASN B 74 -43.56 -41.23 10.91
C ASN B 74 -44.80 -41.22 10.02
N ALA B 75 -45.98 -41.46 10.61
CA ALA B 75 -47.22 -41.42 9.83
C ALA B 75 -47.46 -40.03 9.27
N LYS B 76 -47.16 -39.00 10.04
CA LYS B 76 -47.34 -37.62 9.61
C LYS B 76 -46.07 -37.03 9.00
N SER B 77 -45.02 -37.82 8.87
CA SER B 77 -43.70 -37.37 8.40
C SER B 77 -43.33 -36.04 9.07
N SER B 78 -43.14 -36.13 10.38
CA SER B 78 -42.96 -34.94 11.21
C SER B 78 -41.94 -35.22 12.30
N LEU B 79 -40.97 -34.31 12.44
CA LEU B 79 -39.96 -34.36 13.49
C LEU B 79 -40.29 -33.28 14.50
N TYR B 80 -40.11 -33.58 15.79
CA TYR B 80 -40.40 -32.60 16.83
C TYR B 80 -39.23 -32.45 17.78
N LEU B 81 -39.20 -31.28 18.42
CA LEU B 81 -38.24 -30.98 19.48
C LEU B 81 -39.02 -30.28 20.58
N GLN B 82 -39.22 -30.96 21.69
CA GLN B 82 -39.92 -30.36 22.81
C GLN B 82 -38.88 -29.72 23.71
N MET B 83 -38.97 -28.41 23.91
CA MET B 83 -37.96 -27.67 24.65
C MET B 83 -38.55 -27.18 25.97
N ASP B 84 -38.08 -27.75 27.07
CA ASP B 84 -38.51 -27.32 28.40
C ASP B 84 -37.34 -26.66 29.10
N SER B 85 -37.68 -25.90 30.16
CA SER B 85 -36.68 -25.24 31.00
C SER B 85 -35.68 -24.47 30.14
N LEU B 86 -36.21 -23.66 29.22
CA LEU B 86 -35.39 -22.94 28.25
C LEU B 86 -34.51 -21.91 28.95
N GLN B 87 -33.30 -21.75 28.41
CA GLN B 87 -32.30 -20.85 28.96
C GLN B 87 -31.95 -19.79 27.92
N ALA B 88 -31.48 -18.64 28.40
CA ALA B 88 -31.01 -17.60 27.49
C ALA B 88 -30.04 -18.15 26.44
N ASP B 89 -29.19 -19.09 26.84
CA ASP B 89 -28.17 -19.59 25.91
C ASP B 89 -28.71 -20.63 24.94
N ASP B 90 -30.00 -20.97 25.02
CA ASP B 90 -30.70 -21.71 23.98
C ASP B 90 -31.17 -20.83 22.82
N THR B 91 -31.00 -19.51 22.92
CA THR B 91 -31.39 -18.64 21.81
C THR B 91 -30.55 -18.94 20.57
N ALA B 92 -31.23 -19.20 19.45
CA ALA B 92 -30.55 -19.68 18.24
C ALA B 92 -31.58 -19.88 17.15
N VAL B 93 -31.09 -19.99 15.92
CA VAL B 93 -31.91 -20.54 14.83
C VAL B 93 -31.84 -22.05 14.91
N TYR B 94 -33.00 -22.70 14.89
CA TYR B 94 -33.06 -24.15 14.97
C TYR B 94 -33.39 -24.71 13.60
N TYR B 95 -32.63 -25.71 13.19
CA TYR B 95 -32.77 -26.39 11.90
C TYR B 95 -32.98 -27.88 12.11
N CYS B 96 -33.89 -28.45 11.32
CA CYS B 96 -33.95 -29.90 11.20
C CYS B 96 -33.19 -30.33 9.95
N ALA B 97 -32.59 -31.50 10.01
CA ALA B 97 -31.76 -31.96 8.91
C ALA B 97 -31.90 -33.47 8.79
N ARG B 98 -31.92 -33.93 7.54
CA ARG B 98 -32.02 -35.36 7.26
C ARG B 98 -30.66 -36.02 7.41
N GLY B 99 -30.62 -37.16 8.09
CA GLY B 99 -29.41 -37.94 8.20
C GLY B 99 -29.31 -38.99 7.11
N GLY B 100 -28.54 -40.03 7.40
CA GLY B 100 -28.57 -41.24 6.60
C GLY B 100 -29.56 -42.26 7.16
N ARG B 101 -29.60 -43.43 6.53
CA ARG B 101 -30.54 -44.45 6.94
C ARG B 101 -30.15 -45.07 8.27
N ALA B 102 -28.84 -45.18 8.53
CA ALA B 102 -28.36 -45.73 9.79
C ALA B 102 -27.43 -44.79 10.56
N THR B 103 -26.97 -43.71 9.96
CA THR B 103 -26.10 -42.73 10.63
C THR B 103 -26.56 -41.32 10.32
N SER B 104 -26.07 -40.35 11.12
CA SER B 104 -26.33 -38.92 10.87
C SER B 104 -25.05 -38.17 11.26
N TYR B 105 -24.08 -38.16 10.34
CA TYR B 105 -22.75 -37.62 10.55
C TYR B 105 -22.56 -36.21 9.98
N TYR B 106 -23.27 -35.88 8.92
CA TYR B 106 -23.19 -34.60 8.24
C TYR B 106 -24.50 -34.46 7.47
N TRP B 107 -24.72 -33.29 6.87
CA TRP B 107 -26.08 -33.00 6.43
C TRP B 107 -26.11 -32.27 5.10
N VAL B 108 -26.84 -32.84 4.15
CA VAL B 108 -27.08 -32.20 2.85
C VAL B 108 -28.36 -31.39 2.87
N HIS B 109 -29.42 -31.97 3.44
CA HIS B 109 -30.77 -31.40 3.40
C HIS B 109 -31.10 -30.74 4.73
N TRP B 110 -31.31 -29.43 4.69
CA TRP B 110 -31.62 -28.60 5.85
C TRP B 110 -32.94 -27.89 5.59
N GLY B 111 -33.72 -27.67 6.65
CA GLY B 111 -34.83 -26.76 6.57
C GLY B 111 -34.32 -25.33 6.54
N PRO B 112 -35.21 -24.35 6.31
CA PRO B 112 -34.78 -22.95 6.32
C PRO B 112 -34.54 -22.38 7.71
N GLY B 113 -34.98 -23.05 8.75
CA GLY B 113 -34.70 -22.66 10.12
C GLY B 113 -35.87 -21.93 10.78
N THR B 114 -35.93 -22.02 12.10
CA THR B 114 -36.93 -21.27 12.86
C THR B 114 -36.24 -20.63 14.05
N LEU B 115 -36.53 -19.36 14.29
CA LEU B 115 -35.81 -18.59 15.30
C LEU B 115 -36.46 -18.74 16.67
N VAL B 116 -35.68 -19.17 17.65
CA VAL B 116 -36.11 -19.25 19.05
C VAL B 116 -35.34 -18.21 19.85
N THR B 117 -36.07 -17.28 20.48
CA THR B 117 -35.48 -16.26 21.34
C THR B 117 -35.93 -16.51 22.77
N VAL B 118 -34.98 -16.66 23.68
CA VAL B 118 -35.26 -16.87 25.09
C VAL B 118 -34.77 -15.65 25.85
N SER B 119 -35.69 -14.90 26.44
CA SER B 119 -35.33 -13.66 27.11
C SER B 119 -36.42 -13.26 28.09
N SER B 120 -36.00 -12.65 29.21
CA SER B 120 -36.94 -12.06 30.15
C SER B 120 -37.46 -10.70 29.69
N ALA B 121 -36.86 -10.10 28.65
CA ALA B 121 -37.31 -8.80 28.19
C ALA B 121 -38.73 -8.89 27.64
N SER B 122 -39.55 -7.88 27.97
CA SER B 122 -40.93 -7.85 27.50
C SER B 122 -41.02 -7.20 26.11
N THR B 123 -41.94 -7.70 25.30
CA THR B 123 -42.24 -7.07 24.01
C THR B 123 -42.52 -5.60 24.23
N LYS B 124 -41.94 -4.76 23.37
CA LYS B 124 -42.02 -3.32 23.56
C LYS B 124 -41.74 -2.62 22.25
N GLY B 125 -42.58 -1.67 21.88
CA GLY B 125 -42.37 -0.87 20.70
C GLY B 125 -41.32 0.19 20.96
N PRO B 126 -40.74 0.74 19.89
CA PRO B 126 -39.59 1.63 20.00
C PRO B 126 -39.94 3.10 20.21
N SER B 127 -38.99 3.82 20.82
CA SER B 127 -38.95 5.26 20.79
C SER B 127 -38.10 5.70 19.60
N VAL B 128 -38.58 6.69 18.86
CA VAL B 128 -37.88 7.16 17.66
C VAL B 128 -37.50 8.62 17.85
N PHE B 129 -36.23 8.92 17.60
CA PHE B 129 -35.65 10.23 17.86
C PHE B 129 -34.92 10.71 16.61
N PRO B 130 -35.03 11.99 16.28
CA PRO B 130 -34.37 12.48 15.07
C PRO B 130 -32.87 12.56 15.30
N LEU B 131 -32.12 12.27 14.24
CA LEU B 131 -30.70 12.59 14.17
C LEU B 131 -30.64 13.75 13.19
N ALA B 132 -30.71 14.96 13.73
CA ALA B 132 -30.86 16.14 12.90
C ALA B 132 -29.58 16.41 12.10
N PRO B 133 -29.71 16.96 10.90
CA PRO B 133 -28.51 17.26 10.11
C PRO B 133 -27.73 18.40 10.71
N SER B 134 -26.40 18.31 10.62
CA SER B 134 -25.50 19.25 11.28
C SER B 134 -25.62 20.66 10.71
N GLY B 140 -20.44 20.49 3.35
CA GLY B 140 -20.14 20.93 2.00
C GLY B 140 -21.29 20.72 1.03
N GLY B 141 -21.30 19.58 0.36
CA GLY B 141 -22.34 19.26 -0.60
C GLY B 141 -23.22 18.10 -0.19
N THR B 142 -22.77 17.33 0.81
CA THR B 142 -23.46 16.14 1.30
C THR B 142 -23.73 16.28 2.79
N ALA B 143 -24.97 16.00 3.19
CA ALA B 143 -25.37 16.01 4.59
C ALA B 143 -25.95 14.65 4.97
N ALA B 144 -25.70 14.25 6.21
CA ALA B 144 -26.25 13.02 6.77
C ALA B 144 -27.26 13.35 7.85
N LEU B 145 -28.39 12.64 7.81
CA LEU B 145 -29.43 12.74 8.82
C LEU B 145 -29.93 11.35 9.11
N GLY B 146 -30.74 11.22 10.15
CA GLY B 146 -31.24 9.89 10.46
C GLY B 146 -32.24 9.88 11.57
N CYS B 147 -32.51 8.65 12.03
CA CYS B 147 -33.42 8.39 13.12
C CYS B 147 -32.79 7.39 14.06
N LEU B 148 -32.95 7.64 15.36
CA LEU B 148 -32.53 6.68 16.37
C LEU B 148 -33.75 5.90 16.83
N VAL B 149 -33.66 4.59 16.77
CA VAL B 149 -34.78 3.68 17.04
C VAL B 149 -34.39 2.87 18.26
N LYS B 150 -34.90 3.26 19.44
CA LYS B 150 -34.29 2.81 20.69
C LYS B 150 -35.27 2.05 21.55
N ASP B 151 -34.77 1.00 22.22
CA ASP B 151 -35.46 0.29 23.28
C ASP B 151 -36.71 -0.45 22.82
N TYR B 152 -36.54 -1.36 21.88
CA TYR B 152 -37.65 -2.20 21.45
C TYR B 152 -37.25 -3.65 21.63
N PHE B 153 -38.24 -4.54 21.62
CA PHE B 153 -37.94 -5.96 21.78
C PHE B 153 -39.19 -6.74 21.37
N PRO B 154 -39.05 -7.90 20.73
CA PRO B 154 -37.82 -8.47 20.15
C PRO B 154 -37.54 -7.86 18.79
N GLU B 155 -36.57 -8.42 18.06
CA GLU B 155 -36.44 -8.07 16.66
C GLU B 155 -37.64 -8.60 15.88
N PRO B 156 -37.96 -8.02 14.71
CA PRO B 156 -37.29 -6.91 14.05
C PRO B 156 -38.10 -5.63 14.00
N VAL B 157 -37.43 -4.53 13.66
CA VAL B 157 -38.11 -3.34 13.18
C VAL B 157 -37.79 -3.22 11.71
N THR B 158 -38.68 -2.55 10.99
CA THR B 158 -38.41 -2.12 9.63
C THR B 158 -38.40 -0.62 9.64
N VAL B 159 -37.48 -0.04 8.88
CA VAL B 159 -37.34 1.41 8.78
C VAL B 159 -37.34 1.76 7.30
N SER B 160 -38.17 2.72 6.93
CA SER B 160 -38.16 3.24 5.59
C SER B 160 -38.09 4.75 5.71
N TRP B 161 -37.76 5.38 4.60
CA TRP B 161 -37.59 6.83 4.54
C TRP B 161 -38.56 7.40 3.53
N ASN B 162 -39.47 8.26 4.02
CA ASN B 162 -40.56 8.82 3.23
C ASN B 162 -41.41 7.72 2.59
N SER B 163 -41.86 6.78 3.43
CA SER B 163 -42.75 5.69 3.06
C SER B 163 -42.23 4.83 1.92
N GLY B 164 -40.92 4.87 1.67
CA GLY B 164 -40.30 4.06 0.64
C GLY B 164 -39.87 4.83 -0.58
N ALA B 165 -40.13 6.14 -0.62
CA ALA B 165 -39.70 6.96 -1.75
C ALA B 165 -38.19 7.14 -1.77
N LEU B 166 -37.56 7.22 -0.59
CA LEU B 166 -36.14 7.49 -0.48
C LEU B 166 -35.39 6.21 -0.11
N THR B 167 -34.64 5.68 -1.07
CA THR B 167 -33.83 4.49 -0.85
C THR B 167 -32.33 4.72 -1.02
N SER B 168 -31.93 5.72 -1.80
CA SER B 168 -30.54 5.88 -2.16
C SER B 168 -29.76 6.45 -0.99
N GLY B 169 -28.69 5.77 -0.60
CA GLY B 169 -27.84 6.28 0.46
C GLY B 169 -28.33 6.01 1.86
N VAL B 170 -29.34 5.15 2.02
CA VAL B 170 -29.84 4.78 3.33
C VAL B 170 -28.98 3.65 3.88
N HIS B 171 -28.60 3.77 5.15
CA HIS B 171 -27.97 2.68 5.88
C HIS B 171 -28.77 2.46 7.16
N THR B 172 -29.41 1.32 7.27
CA THR B 172 -30.09 0.93 8.49
C THR B 172 -29.20 -0.08 9.21
N PHE B 173 -28.65 0.32 10.35
CA PHE B 173 -27.66 -0.51 10.99
C PHE B 173 -28.29 -1.74 11.63
N PRO B 174 -27.56 -2.85 11.68
CA PRO B 174 -28.04 -4.01 12.42
C PRO B 174 -28.33 -3.63 13.86
N ALA B 175 -29.42 -4.18 14.39
CA ALA B 175 -29.77 -3.92 15.78
C ALA B 175 -28.70 -4.48 16.70
N VAL B 176 -28.45 -3.78 17.79
CA VAL B 176 -27.55 -4.22 18.83
C VAL B 176 -28.32 -4.30 20.14
N LEU B 177 -28.07 -5.36 20.89
CA LEU B 177 -28.72 -5.61 22.17
C LEU B 177 -28.04 -4.80 23.25
N GLN B 178 -28.80 -3.95 23.91
CA GLN B 178 -28.27 -3.16 25.01
C GLN B 178 -28.15 -4.03 26.27
N SER B 179 -27.46 -3.48 27.28
CA SER B 179 -27.38 -4.15 28.57
C SER B 179 -28.73 -4.30 29.24
N SER B 180 -29.73 -3.49 28.86
CA SER B 180 -31.08 -3.63 29.37
C SER B 180 -31.81 -4.84 28.81
N GLY B 181 -31.25 -5.51 27.81
CA GLY B 181 -31.94 -6.56 27.09
C GLY B 181 -32.84 -6.07 25.98
N LEU B 182 -32.90 -4.77 25.75
CA LEU B 182 -33.68 -4.19 24.67
C LEU B 182 -32.75 -3.83 23.51
N TYR B 183 -33.30 -3.84 22.30
CA TYR B 183 -32.52 -3.51 21.10
C TYR B 183 -32.53 -2.01 20.80
N SER B 184 -31.52 -1.59 20.05
CA SER B 184 -31.45 -0.23 19.53
C SER B 184 -30.73 -0.24 18.19
N LEU B 185 -31.13 0.65 17.29
CA LEU B 185 -30.40 0.85 16.05
C LEU B 185 -30.61 2.28 15.58
N SER B 186 -29.79 2.70 14.63
CA SER B 186 -30.00 3.92 13.88
C SER B 186 -30.17 3.57 12.41
N SER B 187 -30.91 4.43 11.72
CA SER B 187 -31.01 4.42 10.27
C SER B 187 -30.62 5.80 9.79
N VAL B 188 -29.68 5.87 8.86
CA VAL B 188 -29.19 7.16 8.40
C VAL B 188 -29.32 7.23 6.89
N VAL B 189 -29.28 8.45 6.37
CA VAL B 189 -29.25 8.64 4.92
C VAL B 189 -28.43 9.89 4.63
N THR B 190 -27.66 9.83 3.56
CA THR B 190 -26.95 11.00 3.08
C THR B 190 -27.75 11.63 1.95
N VAL B 191 -27.86 12.94 1.98
CA VAL B 191 -28.63 13.71 1.00
C VAL B 191 -27.86 14.97 0.64
N PRO B 192 -28.15 15.54 -0.53
CA PRO B 192 -27.58 16.85 -0.86
C PRO B 192 -28.02 17.91 0.15
N SER B 193 -27.05 18.72 0.59
CA SER B 193 -27.33 19.74 1.60
C SER B 193 -28.18 20.87 1.05
N SER B 194 -28.24 21.03 -0.26
CA SER B 194 -29.12 22.04 -0.86
C SER B 194 -30.60 21.67 -0.72
N SER B 195 -30.93 20.47 -0.27
CA SER B 195 -32.32 20.07 -0.10
C SER B 195 -32.74 20.02 1.36
N LEU B 196 -31.91 20.53 2.28
CA LEU B 196 -32.26 20.44 3.69
C LEU B 196 -33.41 21.35 4.08
N GLY B 197 -33.72 22.36 3.27
CA GLY B 197 -34.86 23.20 3.56
C GLY B 197 -36.07 22.78 2.76
N THR B 198 -35.85 22.49 1.48
CA THR B 198 -36.92 22.12 0.57
C THR B 198 -37.49 20.75 0.92
N GLN B 199 -36.70 19.70 0.70
CA GLN B 199 -37.19 18.34 0.88
C GLN B 199 -37.47 18.04 2.35
N THR B 200 -38.58 17.32 2.59
CA THR B 200 -38.93 16.83 3.91
C THR B 200 -38.48 15.37 4.04
N TYR B 201 -38.01 15.02 5.24
CA TYR B 201 -37.45 13.69 5.49
C TYR B 201 -38.11 13.10 6.73
N ILE B 202 -38.88 12.03 6.53
CA ILE B 202 -39.56 11.31 7.61
C ILE B 202 -39.11 9.86 7.58
N CYS B 203 -38.75 9.33 8.74
CA CYS B 203 -38.46 7.90 8.86
C CYS B 203 -39.67 7.17 9.42
N ASN B 204 -40.07 6.11 8.73
CA ASN B 204 -41.25 5.32 9.10
C ASN B 204 -40.75 4.04 9.76
N VAL B 205 -41.05 3.89 11.04
CA VAL B 205 -40.60 2.77 11.84
C VAL B 205 -41.81 1.90 12.15
N ASN B 206 -41.69 0.60 11.85
CA ASN B 206 -42.76 -0.36 12.13
C ASN B 206 -42.17 -1.48 12.97
N HIS B 207 -42.81 -1.79 14.09
CA HIS B 207 -42.39 -2.88 14.98
C HIS B 207 -43.55 -3.88 15.10
N LYS B 208 -43.54 -4.89 14.24
CA LYS B 208 -44.72 -5.77 14.18
C LYS B 208 -44.95 -6.62 15.42
N PRO B 209 -43.93 -7.07 16.17
CA PRO B 209 -44.23 -7.84 17.39
C PRO B 209 -45.12 -7.11 18.38
N SER B 210 -45.08 -5.77 18.41
CA SER B 210 -45.99 -5.00 19.26
C SER B 210 -47.03 -4.23 18.47
N ASN B 211 -47.06 -4.37 17.14
CA ASN B 211 -47.99 -3.62 16.30
C ASN B 211 -47.86 -2.12 16.57
N THR B 212 -46.60 -1.67 16.60
CA THR B 212 -46.24 -0.27 16.81
C THR B 212 -45.77 0.32 15.49
N LYS B 213 -46.31 1.49 15.13
CA LYS B 213 -45.86 2.25 13.98
C LYS B 213 -45.58 3.67 14.43
N VAL B 214 -44.41 4.18 14.09
CA VAL B 214 -44.02 5.55 14.44
C VAL B 214 -43.45 6.22 13.21
N ASP B 215 -43.81 7.47 12.99
CA ASP B 215 -43.19 8.30 11.97
C ASP B 215 -42.48 9.46 12.65
N LYS B 216 -41.26 9.75 12.22
CA LYS B 216 -40.49 10.84 12.81
C LYS B 216 -40.01 11.75 11.69
N LYS B 217 -40.46 12.99 11.73
CA LYS B 217 -39.91 14.03 10.86
C LYS B 217 -38.55 14.46 11.37
N VAL B 218 -37.58 14.56 10.46
CA VAL B 218 -36.20 14.92 10.81
C VAL B 218 -35.85 16.22 10.09
N GLU B 219 -35.56 17.25 10.86
CA GLU B 219 -35.35 18.61 10.38
C GLU B 219 -34.12 19.20 11.03
N PRO B 220 -33.52 20.23 10.42
CA PRO B 220 -32.37 20.89 11.04
C PRO B 220 -32.79 21.69 12.28
N LYS B 221 -31.80 21.99 13.12
CA LYS B 221 -32.05 22.75 14.36
C LYS B 221 -31.72 24.22 14.17
N SER B 222 -30.79 24.74 14.97
CA SER B 222 -30.37 26.14 14.90
C SER B 222 -29.19 26.33 13.96
N GLU C 1 -15.32 25.47 33.33
CA GLU C 1 -13.95 25.67 32.86
C GLU C 1 -13.89 25.61 31.35
N ILE C 2 -12.85 26.19 30.76
CA ILE C 2 -12.72 26.16 29.30
C ILE C 2 -12.01 24.87 28.92
N VAL C 3 -12.64 24.07 28.06
CA VAL C 3 -12.12 22.82 27.55
C VAL C 3 -11.40 23.08 26.24
N LEU C 4 -10.23 22.48 26.07
CA LEU C 4 -9.42 22.64 24.87
C LEU C 4 -9.33 21.28 24.17
N THR C 5 -9.79 21.23 22.91
CA THR C 5 -9.80 20.00 22.14
C THR C 5 -8.67 20.03 21.12
N GLN C 6 -7.69 19.14 21.27
CA GLN C 6 -6.61 19.04 20.30
C GLN C 6 -6.86 17.90 19.33
N SER C 7 -6.58 18.16 18.06
CA SER C 7 -6.69 17.15 17.02
C SER C 7 -5.51 17.34 16.06
N PRO C 8 -4.98 16.24 15.50
CA PRO C 8 -5.36 14.86 15.79
C PRO C 8 -4.70 14.37 17.06
N ALA C 9 -5.25 13.35 17.70
CA ALA C 9 -4.62 12.83 18.91
C ALA C 9 -3.22 12.31 18.63
N THR C 10 -3.03 11.71 17.44
CA THR C 10 -1.74 11.20 17.02
C THR C 10 -1.53 11.62 15.58
N LEU C 11 -0.38 12.22 15.30
CA LEU C 11 -0.08 12.71 13.97
C LEU C 11 1.18 11.99 13.49
N SER C 12 1.08 11.30 12.35
CA SER C 12 2.18 10.52 11.83
C SER C 12 2.73 11.22 10.61
N LEU C 13 3.99 11.67 10.70
CA LEU C 13 4.62 12.40 9.61
C LEU C 13 6.09 12.03 9.50
N SER C 14 6.64 12.20 8.26
CA SER C 14 8.06 11.95 8.03
C SER C 14 8.88 13.19 8.34
N PRO C 15 10.13 13.02 8.74
CA PRO C 15 11.01 14.18 8.92
C PRO C 15 11.09 14.96 7.61
N GLY C 16 11.12 16.29 7.72
CA GLY C 16 11.10 17.17 6.57
C GLY C 16 9.72 17.65 6.16
N GLU C 17 8.67 16.96 6.58
CA GLU C 17 7.31 17.33 6.23
C GLU C 17 6.80 18.45 7.14
N ARG C 18 5.69 19.05 6.72
CA ARG C 18 5.04 20.11 7.46
C ARG C 18 4.00 19.54 8.41
N ALA C 19 3.92 20.08 9.63
CA ALA C 19 2.96 19.61 10.62
C ALA C 19 2.00 20.74 10.98
N THR C 20 0.69 20.43 11.02
CA THR C 20 -0.35 21.37 11.43
C THR C 20 -1.15 20.78 12.58
N LEU C 21 -1.07 21.40 13.76
CA LEU C 21 -1.77 20.92 14.94
C LEU C 21 -2.87 21.91 15.32
N SER C 22 -4.06 21.38 15.61
CA SER C 22 -5.22 22.19 15.91
C SER C 22 -5.57 22.13 17.39
N CYS C 23 -6.13 23.23 17.88
CA CYS C 23 -6.59 23.39 19.26
C CYS C 23 -7.85 24.24 19.22
N ARG C 24 -8.95 23.70 19.73
CA ARG C 24 -10.23 24.38 19.73
C ARG C 24 -10.69 24.56 21.16
N ALA C 25 -11.17 25.75 21.49
CA ALA C 25 -11.62 26.07 22.84
C ALA C 25 -13.13 26.07 22.87
N SER C 26 -13.70 25.59 23.99
CA SER C 26 -15.14 25.50 24.14
C SER C 26 -15.80 26.87 24.18
N GLN C 27 -15.05 27.92 24.51
CA GLN C 27 -15.50 29.29 24.42
C GLN C 27 -14.29 30.16 24.19
N SER C 28 -14.53 31.41 23.81
CA SER C 28 -13.45 32.27 23.34
C SER C 28 -12.44 32.55 24.46
N VAL C 29 -11.16 32.52 24.09
CA VAL C 29 -10.03 32.91 24.93
C VAL C 29 -9.22 34.03 24.27
N SER C 30 -9.83 34.76 23.33
CA SER C 30 -9.14 35.79 22.57
C SER C 30 -7.83 35.27 22.02
N GLY C 31 -6.73 35.92 22.37
CA GLY C 31 -5.44 35.43 21.93
C GLY C 31 -4.61 34.87 23.08
N TYR C 32 -5.26 34.51 24.17
CA TYR C 32 -4.55 34.08 25.38
C TYR C 32 -4.34 32.57 25.37
N LEU C 33 -3.45 32.14 24.50
CA LEU C 33 -3.23 30.72 24.27
C LEU C 33 -1.76 30.45 24.08
N GLY C 34 -1.28 29.38 24.72
CA GLY C 34 0.09 28.99 24.54
C GLY C 34 0.27 27.57 24.04
N TRP C 35 1.45 27.25 23.55
CA TRP C 35 1.76 25.91 23.07
C TRP C 35 3.03 25.41 23.73
N TYR C 36 3.00 24.14 24.12
CA TYR C 36 4.14 23.47 24.73
C TYR C 36 4.53 22.23 23.94
N GLN C 37 5.78 21.85 24.07
CA GLN C 37 6.30 20.59 23.57
C GLN C 37 6.82 19.77 24.76
N GLN C 38 6.62 18.46 24.73
CA GLN C 38 7.11 17.65 25.84
C GLN C 38 7.71 16.35 25.31
N LYS C 39 8.92 16.08 25.71
CA LYS C 39 9.59 14.82 25.43
C LYS C 39 9.54 13.93 26.66
N PRO C 40 9.69 12.61 26.48
CA PRO C 40 9.55 11.69 27.62
C PRO C 40 10.48 12.04 28.77
N GLY C 41 9.92 11.99 29.98
CA GLY C 41 10.71 12.22 31.17
C GLY C 41 11.07 13.66 31.44
N GLN C 42 10.55 14.61 30.67
CA GLN C 42 10.90 16.01 30.82
C GLN C 42 9.64 16.85 31.05
N ALA C 43 9.84 18.03 31.63
CA ALA C 43 8.75 18.99 31.77
C ALA C 43 8.33 19.52 30.40
N PRO C 44 7.14 20.12 30.31
CA PRO C 44 6.78 20.83 29.07
C PRO C 44 7.68 22.04 28.85
N ARG C 45 7.88 22.36 27.57
CA ARG C 45 8.75 23.42 27.11
C ARG C 45 7.88 24.42 26.34
N LEU C 46 7.85 25.66 26.79
CA LEU C 46 7.01 26.65 26.14
C LEU C 46 7.51 26.94 24.74
N LEU C 47 6.60 26.93 23.77
CA LEU C 47 6.96 27.33 22.40
C LEU C 47 6.35 28.66 22.01
N ILE C 48 5.08 28.85 22.34
CA ILE C 48 4.27 29.98 21.89
C ILE C 48 3.52 30.51 23.08
N TYR C 49 3.39 31.83 23.15
CA TYR C 49 2.41 32.46 24.02
C TYR C 49 1.65 33.50 23.19
N GLY C 50 0.54 33.96 23.74
CA GLY C 50 -0.27 34.97 23.07
C GLY C 50 -0.74 34.55 21.69
N ALA C 51 -1.01 33.25 21.50
CA ALA C 51 -1.44 32.64 20.25
C ALA C 51 -0.36 32.63 19.17
N SER C 52 0.48 33.67 19.08
CA SER C 52 1.43 33.71 17.98
C SER C 52 2.84 34.18 18.32
N SER C 53 3.13 34.57 19.57
CA SER C 53 4.47 35.02 19.92
C SER C 53 5.33 33.83 20.29
N ARG C 54 6.42 33.63 19.58
CA ARG C 54 7.37 32.61 19.97
C ARG C 54 8.02 32.97 21.29
N ALA C 55 8.37 31.93 22.06
CA ALA C 55 9.19 32.14 23.24
C ALA C 55 10.67 32.21 22.84
N THR C 56 11.48 32.72 23.76
CA THR C 56 12.90 32.96 23.50
C THR C 56 13.61 31.67 23.15
N GLY C 57 14.46 31.71 22.12
CA GLY C 57 15.21 30.54 21.71
C GLY C 57 14.45 29.54 20.88
N ILE C 58 13.16 29.74 20.64
CA ILE C 58 12.35 28.77 19.90
C ILE C 58 12.63 28.95 18.41
N PRO C 59 13.07 27.90 17.70
CA PRO C 59 13.41 28.02 16.27
C PRO C 59 12.26 28.54 15.42
N ASP C 60 12.65 29.12 14.28
CA ASP C 60 11.73 29.75 13.34
C ASP C 60 10.71 28.79 12.75
N ARG C 61 11.03 27.49 12.65
CA ARG C 61 10.09 26.59 12.01
C ARG C 61 8.78 26.45 12.81
N PHE C 62 8.69 27.02 14.03
CA PHE C 62 7.48 26.92 14.86
C PHE C 62 6.68 28.21 14.78
N SER C 63 5.39 28.12 14.48
CA SER C 63 4.57 29.33 14.53
C SER C 63 3.15 28.94 14.91
N GLY C 64 2.43 29.92 15.49
CA GLY C 64 1.05 29.72 15.85
C GLY C 64 0.19 30.85 15.31
N SER C 65 -1.10 30.59 15.30
CA SER C 65 -2.07 31.55 14.78
C SER C 65 -3.45 31.22 15.35
N GLY C 66 -4.38 32.13 15.15
CA GLY C 66 -5.75 31.95 15.58
C GLY C 66 -6.19 32.98 16.60
N SER C 67 -7.49 33.01 16.83
CA SER C 67 -8.08 33.86 17.84
C SER C 67 -9.40 33.25 18.25
N GLY C 68 -9.88 33.65 19.41
CA GLY C 68 -11.18 33.20 19.87
C GLY C 68 -11.21 31.73 20.24
N THR C 69 -11.66 30.87 19.33
CA THR C 69 -11.85 29.47 19.66
C THR C 69 -11.03 28.50 18.81
N ASP C 70 -10.37 28.96 17.75
CA ASP C 70 -9.68 28.05 16.84
C ASP C 70 -8.24 28.48 16.69
N PHE C 71 -7.31 27.58 17.00
CA PHE C 71 -5.90 27.88 16.98
C PHE C 71 -5.13 26.76 16.31
N THR C 72 -3.96 27.11 15.78
CA THR C 72 -3.13 26.20 15.01
C THR C 72 -1.67 26.42 15.37
N LEU C 73 -0.95 25.32 15.54
CA LEU C 73 0.51 25.34 15.63
C LEU C 73 1.06 24.67 14.39
N THR C 74 1.89 25.40 13.65
CA THR C 74 2.49 24.90 12.41
C THR C 74 3.97 24.72 12.62
N ILE C 75 4.47 23.53 12.29
CA ILE C 75 5.90 23.28 12.19
C ILE C 75 6.20 23.17 10.70
N SER C 76 6.91 24.18 10.16
CA SER C 76 7.04 24.28 8.71
C SER C 76 7.80 23.08 8.14
N ARG C 77 8.85 22.63 8.81
CA ARG C 77 9.70 21.58 8.25
C ARG C 77 10.20 20.72 9.42
N LEU C 78 9.64 19.52 9.56
CA LEU C 78 9.92 18.69 10.72
C LEU C 78 11.38 18.28 10.77
N GLU C 79 12.04 18.59 11.88
CA GLU C 79 13.34 18.03 12.22
C GLU C 79 13.16 16.80 13.08
N PRO C 80 14.15 15.90 13.11
CA PRO C 80 13.98 14.70 13.95
C PRO C 80 13.74 15.01 15.41
N GLU C 81 14.23 16.15 15.90
CA GLU C 81 14.01 16.48 17.31
C GLU C 81 12.61 17.01 17.59
N ASP C 82 11.73 17.09 16.59
CA ASP C 82 10.41 17.66 16.79
C ASP C 82 9.35 16.62 17.09
N PHE C 83 9.69 15.34 17.03
CA PHE C 83 8.71 14.30 17.32
C PHE C 83 8.60 14.17 18.84
N ALA C 84 7.38 14.39 19.34
CA ALA C 84 7.15 14.70 20.75
C ALA C 84 5.66 14.89 20.94
N VAL C 85 5.24 15.19 22.18
CA VAL C 85 3.86 15.50 22.46
C VAL C 85 3.72 17.02 22.55
N TYR C 86 2.63 17.54 22.04
CA TYR C 86 2.36 18.98 22.02
C TYR C 86 1.06 19.28 22.73
N TYR C 87 1.08 20.28 23.61
CA TYR C 87 -0.11 20.68 24.35
C TYR C 87 -0.39 22.15 24.09
N CYS C 88 -1.67 22.48 23.89
CA CYS C 88 -2.05 23.87 24.01
C CYS C 88 -2.53 24.14 25.43
N GLN C 89 -2.57 25.43 25.77
CA GLN C 89 -2.94 25.85 27.12
C GLN C 89 -3.52 27.24 27.04
N GLN C 90 -4.65 27.47 27.70
CA GLN C 90 -5.31 28.76 27.63
C GLN C 90 -5.20 29.50 28.96
N TYR C 91 -5.17 30.83 28.88
CA TYR C 91 -5.18 31.65 30.09
C TYR C 91 -6.07 32.87 29.91
N GLY C 92 -7.15 32.72 29.11
CA GLY C 92 -8.16 33.76 29.06
C GLY C 92 -9.08 33.76 30.26
N SER C 93 -9.24 32.61 30.92
CA SER C 93 -10.17 32.48 32.04
C SER C 93 -9.67 31.40 32.99
N SER C 94 -9.88 31.62 34.27
CA SER C 94 -9.54 30.61 35.25
C SER C 94 -10.68 29.62 35.42
N PRO C 95 -10.39 28.34 35.73
CA PRO C 95 -9.04 27.80 35.90
C PRO C 95 -8.26 27.70 34.59
N LEU C 96 -6.96 27.96 34.67
CA LEU C 96 -6.05 27.68 33.54
C LEU C 96 -6.15 26.21 33.17
N THR C 97 -6.27 25.93 31.85
CA THR C 97 -6.49 24.56 31.40
C THR C 97 -5.57 24.25 30.22
N PHE C 98 -5.22 22.96 30.11
CA PHE C 98 -4.43 22.40 29.03
C PHE C 98 -5.31 21.53 28.14
N GLY C 99 -4.88 21.38 26.89
CA GLY C 99 -5.51 20.41 26.02
C GLY C 99 -5.02 18.99 26.32
N GLY C 100 -5.64 18.02 25.64
CA GLY C 100 -5.28 16.61 25.80
C GLY C 100 -4.02 16.13 25.09
N GLY C 101 -3.41 16.96 24.29
CA GLY C 101 -2.16 16.52 23.67
C GLY C 101 -2.36 15.98 22.26
N THR C 102 -1.37 16.28 21.42
CA THR C 102 -1.18 15.67 20.10
C THR C 102 0.19 15.03 20.11
N LYS C 103 0.24 13.71 19.92
CA LYS C 103 1.51 13.01 19.83
C LYS C 103 1.97 13.01 18.38
N LEU C 104 3.20 13.48 18.15
CA LEU C 104 3.79 13.53 16.82
C LEU C 104 4.73 12.34 16.69
N GLU C 105 4.32 11.32 15.93
CA GLU C 105 5.11 10.11 15.78
C GLU C 105 5.75 10.08 14.39
N ILE C 106 6.72 9.19 14.23
CA ILE C 106 7.46 9.04 12.98
C ILE C 106 6.67 8.13 12.05
N LYS C 107 6.34 8.63 10.86
CA LYS C 107 5.80 7.76 9.83
C LYS C 107 6.93 6.96 9.17
N ARG C 108 6.70 5.69 8.95
CA ARG C 108 7.61 4.82 8.20
C ARG C 108 6.74 3.88 7.38
N THR C 109 7.38 2.98 6.64
CA THR C 109 6.62 2.01 5.86
C THR C 109 5.91 1.01 6.75
N VAL C 110 4.86 0.39 6.19
CA VAL C 110 4.13 -0.65 6.89
C VAL C 110 5.05 -1.82 7.15
N ALA C 111 4.98 -2.36 8.37
CA ALA C 111 5.73 -3.56 8.76
C ALA C 111 4.78 -4.48 9.49
N ALA C 112 4.58 -5.67 8.95
CA ALA C 112 3.71 -6.64 9.60
C ALA C 112 4.38 -7.14 10.88
N PRO C 113 3.60 -7.43 11.91
CA PRO C 113 4.19 -8.01 13.13
C PRO C 113 4.53 -9.48 12.91
N SER C 114 5.58 -9.92 13.59
CA SER C 114 5.80 -11.36 13.75
C SER C 114 5.14 -11.75 15.06
N VAL C 115 4.39 -12.86 15.04
CA VAL C 115 3.44 -13.19 16.11
C VAL C 115 3.90 -14.47 16.78
N PHE C 116 3.85 -14.48 18.11
CA PHE C 116 4.21 -15.65 18.90
C PHE C 116 3.22 -15.80 20.04
N ILE C 117 2.94 -17.05 20.42
CA ILE C 117 2.05 -17.34 21.53
C ILE C 117 2.81 -18.19 22.54
N PHE C 118 2.65 -17.86 23.81
CA PHE C 118 3.35 -18.57 24.89
C PHE C 118 2.34 -19.15 25.85
N PRO C 119 2.29 -20.47 26.03
CA PRO C 119 1.41 -21.05 27.03
C PRO C 119 1.93 -20.74 28.42
N PRO C 120 1.08 -20.85 29.44
CA PRO C 120 1.57 -20.62 30.81
C PRO C 120 2.52 -21.72 31.22
N SER C 121 3.59 -21.32 31.91
CA SER C 121 4.59 -22.26 32.40
C SER C 121 3.99 -23.16 33.48
N ASP C 122 4.66 -24.29 33.70
CA ASP C 122 4.20 -25.23 34.74
C ASP C 122 4.23 -24.59 36.13
N GLU C 123 5.27 -23.80 36.41
CA GLU C 123 5.42 -23.25 37.76
C GLU C 123 4.33 -22.24 38.09
N GLN C 124 3.90 -21.45 37.11
CA GLN C 124 2.80 -20.53 37.38
C GLN C 124 1.51 -21.29 37.67
N LEU C 125 1.28 -22.37 36.92
CA LEU C 125 0.06 -23.16 37.12
C LEU C 125 0.03 -23.81 38.49
N LYS C 126 1.18 -23.93 39.16
CA LYS C 126 1.20 -24.48 40.52
C LYS C 126 0.43 -23.59 41.50
N SER C 127 0.56 -22.27 41.36
CA SER C 127 -0.05 -21.36 42.32
C SER C 127 -1.48 -20.98 41.96
N GLY C 128 -2.03 -21.52 40.88
CA GLY C 128 -3.44 -21.35 40.58
C GLY C 128 -3.80 -20.24 39.62
N THR C 129 -2.88 -19.81 38.76
CA THR C 129 -3.17 -18.82 37.75
C THR C 129 -2.41 -19.19 36.48
N ALA C 130 -3.01 -18.87 35.33
CA ALA C 130 -2.40 -19.13 34.03
C ALA C 130 -2.40 -17.83 33.25
N SER C 131 -1.22 -17.37 32.86
CA SER C 131 -1.11 -16.23 31.96
C SER C 131 -0.75 -16.79 30.60
N VAL C 132 -1.54 -16.47 29.59
CA VAL C 132 -1.21 -16.78 28.20
C VAL C 132 -0.80 -15.48 27.53
N VAL C 133 0.33 -15.50 26.83
CA VAL C 133 0.92 -14.29 26.28
C VAL C 133 0.97 -14.38 24.77
N CYS C 134 0.48 -13.32 24.11
CA CYS C 134 0.60 -13.16 22.68
C CYS C 134 1.51 -11.96 22.41
N LEU C 135 2.54 -12.18 21.60
CA LEU C 135 3.56 -11.17 21.32
C LEU C 135 3.50 -10.77 19.86
N LEU C 136 3.40 -9.45 19.61
CA LEU C 136 3.49 -8.87 18.27
C LEU C 136 4.79 -8.07 18.19
N ASN C 137 5.72 -8.49 17.32
CA ASN C 137 7.08 -7.97 17.33
C ASN C 137 7.32 -7.07 16.11
N ASN C 138 7.75 -5.83 16.36
CA ASN C 138 8.31 -4.89 15.39
C ASN C 138 7.35 -4.63 14.21
N PHE C 139 6.27 -3.90 14.51
CA PHE C 139 5.27 -3.60 13.50
C PHE C 139 5.02 -2.10 13.38
N TYR C 140 4.36 -1.73 12.27
CA TYR C 140 3.97 -0.36 11.97
C TYR C 140 2.85 -0.43 10.93
N PRO C 141 1.78 0.37 11.06
CA PRO C 141 1.56 1.35 12.11
C PRO C 141 1.09 0.73 13.42
N ARG C 142 0.78 1.59 14.37
CA ARG C 142 0.51 1.18 15.75
C ARG C 142 -0.79 0.39 15.85
N GLU C 143 -1.78 0.71 15.02
CA GLU C 143 -3.08 0.07 15.14
C GLU C 143 -3.00 -1.42 14.83
N ALA C 144 -3.51 -2.23 15.74
CA ALA C 144 -3.52 -3.68 15.59
C ALA C 144 -4.68 -4.22 16.42
N LYS C 145 -5.43 -5.16 15.86
CA LYS C 145 -6.49 -5.83 16.60
C LYS C 145 -5.99 -7.20 17.05
N VAL C 146 -6.04 -7.45 18.34
CA VAL C 146 -5.62 -8.71 18.94
C VAL C 146 -6.79 -9.30 19.72
N GLN C 147 -7.27 -10.46 19.28
CA GLN C 147 -8.40 -11.14 19.91
C GLN C 147 -8.00 -12.51 20.39
N TRP C 148 -8.42 -12.85 21.59
CA TRP C 148 -8.19 -14.14 22.21
C TRP C 148 -9.41 -15.01 22.01
N LYS C 149 -9.19 -16.26 21.57
CA LYS C 149 -10.27 -17.22 21.39
C LYS C 149 -9.93 -18.50 22.13
N VAL C 150 -10.83 -18.94 23.01
CA VAL C 150 -10.62 -20.15 23.80
C VAL C 150 -11.73 -21.13 23.42
N ASP C 151 -11.34 -22.27 22.84
CA ASP C 151 -12.28 -23.20 22.21
C ASP C 151 -13.32 -22.43 21.41
N ASN C 152 -12.82 -21.53 20.56
CA ASN C 152 -13.56 -20.70 19.62
C ASN C 152 -14.42 -19.63 20.28
N ALA C 153 -14.44 -19.51 21.61
CA ALA C 153 -15.20 -18.47 22.28
C ALA C 153 -14.33 -17.21 22.40
N LEU C 154 -14.85 -16.10 21.88
CA LEU C 154 -14.14 -14.83 21.96
C LEU C 154 -14.11 -14.33 23.40
N GLN C 155 -12.93 -13.93 23.85
CA GLN C 155 -12.71 -13.51 25.22
C GLN C 155 -12.88 -12.00 25.37
N SER C 156 -13.39 -11.57 26.52
CA SER C 156 -13.52 -10.15 26.79
C SER C 156 -13.30 -9.89 28.27
N GLY C 157 -12.64 -8.77 28.57
CA GLY C 157 -12.44 -8.35 29.92
C GLY C 157 -11.31 -9.02 30.67
N ASN C 158 -10.71 -10.09 30.13
CA ASN C 158 -9.69 -10.84 30.85
C ASN C 158 -8.32 -10.76 30.18
N SER C 159 -8.01 -9.65 29.51
CA SER C 159 -6.68 -9.48 28.94
C SER C 159 -6.29 -8.01 28.95
N GLN C 160 -4.99 -7.76 28.95
CA GLN C 160 -4.45 -6.42 28.97
C GLN C 160 -3.35 -6.34 27.91
N GLU C 161 -3.23 -5.17 27.28
CA GLU C 161 -2.16 -4.94 26.30
C GLU C 161 -1.10 -4.01 26.86
N SER C 162 0.10 -4.12 26.31
CA SER C 162 1.17 -3.19 26.65
C SER C 162 1.98 -3.00 25.38
N VAL C 163 2.35 -1.76 25.08
CA VAL C 163 3.03 -1.43 23.83
C VAL C 163 4.31 -0.70 24.17
N THR C 164 5.38 -1.02 23.44
CA THR C 164 6.60 -0.27 23.60
C THR C 164 6.46 1.11 22.98
N GLU C 165 7.40 2.00 23.32
CA GLU C 165 7.53 3.23 22.57
C GLU C 165 8.15 2.93 21.20
N GLN C 166 7.99 3.87 20.28
CA GLN C 166 8.52 3.71 18.95
C GLN C 166 10.03 3.47 19.01
N ASP C 167 10.49 2.45 18.30
CA ASP C 167 11.87 2.02 18.41
C ASP C 167 12.82 3.07 17.81
N SER C 168 13.95 3.30 18.50
CA SER C 168 14.89 4.35 18.09
C SER C 168 15.57 4.04 16.77
N LYS C 169 15.75 2.76 16.45
CA LYS C 169 16.44 2.38 15.22
C LYS C 169 15.49 2.17 14.04
N ASP C 170 14.38 1.43 14.22
CA ASP C 170 13.52 1.10 13.10
C ASP C 170 12.12 1.70 13.17
N SER C 171 11.80 2.46 14.22
CA SER C 171 10.54 3.21 14.31
C SER C 171 9.31 2.31 14.40
N THR C 172 9.48 1.05 14.79
CA THR C 172 8.35 0.13 14.93
C THR C 172 7.90 0.05 16.39
N TYR C 173 6.74 -0.57 16.58
CA TYR C 173 6.16 -0.88 17.88
C TYR C 173 6.20 -2.38 18.10
N SER C 174 6.23 -2.78 19.38
CA SER C 174 5.95 -4.16 19.74
C SER C 174 4.88 -4.14 20.83
N LEU C 175 4.16 -5.26 20.97
CA LEU C 175 2.95 -5.30 21.77
C LEU C 175 2.81 -6.69 22.36
N SER C 176 2.41 -6.74 23.62
CA SER C 176 2.11 -7.98 24.30
C SER C 176 0.64 -7.93 24.70
N SER C 177 -0.05 -9.04 24.51
CA SER C 177 -1.40 -9.20 25.03
C SER C 177 -1.36 -10.39 25.95
N THR C 178 -1.89 -10.23 27.16
CA THR C 178 -1.78 -11.25 28.18
C THR C 178 -3.17 -11.61 28.67
N LEU C 179 -3.56 -12.86 28.46
CA LEU C 179 -4.82 -13.39 28.90
C LEU C 179 -4.62 -14.06 30.25
N THR C 180 -5.39 -13.65 31.27
CA THR C 180 -5.22 -14.18 32.61
C THR C 180 -6.47 -14.95 33.02
N LEU C 181 -6.26 -16.19 33.46
CA LEU C 181 -7.33 -17.09 33.88
C LEU C 181 -6.85 -17.84 35.11
N SER C 182 -7.82 -18.23 35.96
CA SER C 182 -7.50 -19.16 37.03
C SER C 182 -7.03 -20.48 36.43
N LYS C 183 -6.30 -21.25 37.25
CA LYS C 183 -5.92 -22.60 36.84
C LYS C 183 -7.15 -23.41 36.45
N ALA C 184 -8.22 -23.29 37.23
CA ALA C 184 -9.43 -24.08 36.99
C ALA C 184 -10.05 -23.74 35.64
N ASP C 185 -10.23 -22.44 35.37
CA ASP C 185 -10.83 -22.05 34.10
C ASP C 185 -9.92 -22.38 32.93
N TYR C 186 -8.61 -22.28 33.13
CA TYR C 186 -7.67 -22.65 32.08
C TYR C 186 -7.83 -24.12 31.70
N GLU C 187 -7.89 -25.00 32.69
CA GLU C 187 -7.97 -26.43 32.42
C GLU C 187 -9.35 -26.88 31.94
N LYS C 188 -10.34 -25.99 31.97
CA LYS C 188 -11.67 -26.30 31.46
C LYS C 188 -11.77 -26.16 29.94
N HIS C 189 -10.67 -25.81 29.26
CA HIS C 189 -10.69 -25.64 27.81
C HIS C 189 -9.40 -26.19 27.22
N LYS C 190 -9.40 -26.36 25.90
CA LYS C 190 -8.31 -27.06 25.22
C LYS C 190 -7.50 -26.18 24.30
N VAL C 191 -8.14 -25.39 23.44
CA VAL C 191 -7.46 -24.66 22.39
C VAL C 191 -7.43 -23.19 22.74
N TYR C 192 -6.23 -22.64 22.87
CA TYR C 192 -6.00 -21.23 23.16
C TYR C 192 -5.40 -20.59 21.94
N ALA C 193 -6.06 -19.56 21.40
CA ALA C 193 -5.67 -18.96 20.14
C ALA C 193 -5.59 -17.45 20.29
N CYS C 194 -4.59 -16.87 19.62
CA CYS C 194 -4.42 -15.44 19.50
C CYS C 194 -4.59 -15.10 18.04
N GLU C 195 -5.50 -14.18 17.72
CA GLU C 195 -5.75 -13.78 16.33
C GLU C 195 -5.38 -12.31 16.15
N VAL C 196 -4.48 -12.04 15.19
CA VAL C 196 -3.90 -10.72 15.03
C VAL C 196 -4.30 -10.19 13.66
N THR C 197 -4.93 -9.01 13.65
CA THR C 197 -5.27 -8.32 12.40
C THR C 197 -4.42 -7.05 12.29
N HIS C 198 -3.80 -6.86 11.14
CA HIS C 198 -2.93 -5.70 10.99
C HIS C 198 -2.75 -5.37 9.52
N GLN C 199 -2.63 -4.08 9.24
CA GLN C 199 -2.55 -3.59 7.87
C GLN C 199 -1.45 -4.30 7.07
N GLY C 200 -0.35 -4.66 7.71
CA GLY C 200 0.72 -5.35 7.03
C GLY C 200 0.52 -6.83 6.79
N LEU C 201 -0.58 -7.40 7.27
CA LEU C 201 -0.90 -8.81 7.06
C LEU C 201 -2.06 -8.89 6.07
N SER C 202 -1.84 -9.56 4.94
CA SER C 202 -2.90 -9.73 3.95
C SER C 202 -4.14 -10.39 4.56
N SER C 203 -3.94 -11.34 5.45
CA SER C 203 -5.04 -11.94 6.19
C SER C 203 -4.61 -12.12 7.64
N PRO C 204 -5.55 -12.04 8.59
CA PRO C 204 -5.19 -12.17 10.01
C PRO C 204 -4.40 -13.44 10.27
N VAL C 205 -3.50 -13.36 11.26
CA VAL C 205 -2.62 -14.45 11.65
C VAL C 205 -3.12 -15.02 12.96
N THR C 206 -3.22 -16.34 13.03
CA THR C 206 -3.64 -17.04 14.23
C THR C 206 -2.47 -17.85 14.73
N LYS C 207 -2.20 -17.76 16.03
CA LYS C 207 -1.27 -18.65 16.68
C LYS C 207 -2.00 -19.33 17.83
N SER C 208 -1.80 -20.63 17.96
CA SER C 208 -2.61 -21.37 18.91
C SER C 208 -1.80 -22.54 19.46
N PHE C 209 -2.28 -23.10 20.56
CA PHE C 209 -1.72 -24.31 21.10
C PHE C 209 -2.85 -25.10 21.75
N ASN C 210 -2.63 -26.42 21.86
CA ASN C 210 -3.49 -27.30 22.64
C ASN C 210 -2.94 -27.38 24.06
N ARG C 211 -3.77 -27.07 25.04
CA ARG C 211 -3.35 -27.19 26.43
C ARG C 211 -2.79 -28.57 26.71
N GLY C 212 -1.50 -28.63 27.03
CA GLY C 212 -0.83 -29.87 27.33
C GLY C 212 0.05 -30.41 26.23
N GLU C 213 0.67 -29.57 25.42
CA GLU C 213 1.56 -30.05 24.36
C GLU C 213 2.87 -29.28 24.32
N GLU D 1 19.43 32.78 34.48
CA GLU D 1 19.18 31.35 34.32
C GLU D 1 18.36 30.82 35.50
N VAL D 2 17.02 30.85 35.37
CA VAL D 2 16.18 30.32 36.44
C VAL D 2 16.45 28.82 36.62
N GLN D 3 16.63 28.41 37.88
CA GLN D 3 16.83 27.00 38.21
C GLN D 3 15.80 26.58 39.25
N LEU D 4 15.12 25.46 39.00
CA LEU D 4 14.08 24.95 39.91
C LEU D 4 14.27 23.44 40.06
N VAL D 5 14.13 22.95 41.29
CA VAL D 5 14.31 21.52 41.56
C VAL D 5 13.28 21.09 42.60
N GLU D 6 12.36 20.20 42.21
CA GLU D 6 11.38 19.62 43.13
C GLU D 6 11.96 18.41 43.85
N THR D 7 11.58 18.27 45.12
CA THR D 7 11.92 17.07 45.88
C THR D 7 10.74 16.74 46.77
N GLY D 8 10.76 15.54 47.34
CA GLY D 8 9.74 15.13 48.29
C GLY D 8 8.81 14.05 47.79
N GLY D 9 8.82 13.75 46.50
CA GLY D 9 7.93 12.73 45.98
C GLY D 9 8.25 11.36 46.54
N GLY D 10 7.27 10.48 46.46
CA GLY D 10 7.42 9.13 46.95
C GLY D 10 6.07 8.43 46.95
N LEU D 11 6.03 7.31 47.63
CA LEU D 11 4.83 6.48 47.72
C LEU D 11 4.10 6.79 49.03
N VAL D 12 2.77 6.94 48.95
CA VAL D 12 1.95 7.25 50.12
C VAL D 12 0.66 6.43 50.05
N LYS D 13 0.14 6.01 51.23
CA LYS D 13 -1.13 5.32 51.25
C LYS D 13 -2.29 6.33 51.10
N PRO D 14 -3.40 5.89 50.52
CA PRO D 14 -4.59 6.76 50.48
C PRO D 14 -4.90 7.36 51.84
N GLY D 15 -5.31 8.63 51.85
CA GLY D 15 -5.56 9.33 53.08
C GLY D 15 -4.33 9.90 53.76
N GLY D 16 -3.12 9.50 53.35
CA GLY D 16 -1.91 9.99 53.96
C GLY D 16 -1.54 11.39 53.50
N SER D 17 -0.39 11.85 53.95
CA SER D 17 0.09 13.20 53.70
C SER D 17 1.50 13.14 53.13
N LEU D 18 1.89 14.22 52.43
CA LEU D 18 3.23 14.34 51.84
C LEU D 18 3.53 15.81 51.60
N ARG D 19 4.79 16.21 51.80
CA ARG D 19 5.21 17.58 51.55
C ARG D 19 6.26 17.62 50.43
N LEU D 20 5.94 18.34 49.37
CA LEU D 20 6.88 18.57 48.28
C LEU D 20 7.59 19.90 48.50
N SER D 21 8.85 19.96 48.08
CA SER D 21 9.63 21.18 48.16
C SER D 21 10.18 21.51 46.78
N CYS D 22 10.23 22.81 46.49
CA CYS D 22 10.82 23.32 45.26
C CYS D 22 11.88 24.34 45.64
N SER D 23 13.14 24.06 45.32
CA SER D 23 14.27 24.93 45.66
C SER D 23 14.63 25.77 44.43
N ALA D 24 14.51 27.09 44.56
CA ALA D 24 14.73 28.01 43.46
C ALA D 24 16.10 28.68 43.58
N SER D 25 16.71 29.01 42.44
CA SER D 25 17.98 29.73 42.52
C SER D 25 18.24 30.48 41.21
N ARG D 26 19.20 31.40 41.29
CA ARG D 26 19.66 32.21 40.17
C ARG D 26 18.61 33.19 39.70
N PHE D 27 17.62 33.51 40.54
CA PHE D 27 16.74 34.63 40.26
C PHE D 27 16.22 35.16 41.58
N SER D 28 15.50 36.29 41.50
CA SER D 28 14.96 36.91 42.70
C SER D 28 13.62 36.26 43.03
N PHE D 29 13.71 35.10 43.67
CA PHE D 29 12.54 34.27 44.00
C PHE D 29 11.37 35.07 44.57
N ARG D 30 11.64 35.93 45.55
CA ARG D 30 10.58 36.67 46.24
C ARG D 30 9.78 37.59 45.31
N ASP D 31 10.27 37.88 44.12
CA ASP D 31 9.58 38.84 43.25
C ASP D 31 8.54 38.21 42.33
N TYR D 32 8.34 36.89 42.38
CA TYR D 32 7.57 36.20 41.34
C TYR D 32 6.49 35.30 41.92
N TYR D 33 5.37 35.25 41.21
CA TYR D 33 4.44 34.15 41.40
C TYR D 33 5.16 32.82 41.20
N MET D 34 4.73 31.83 41.98
CA MET D 34 5.19 30.45 41.82
C MET D 34 3.96 29.56 41.72
N THR D 35 4.10 28.49 40.94
CA THR D 35 2.95 27.69 40.53
C THR D 35 3.31 26.21 40.62
N TRP D 36 2.33 25.40 41.02
CA TRP D 36 2.42 23.95 41.00
C TRP D 36 1.53 23.42 39.88
N ILE D 37 2.10 22.56 39.04
CA ILE D 37 1.42 21.92 37.92
C ILE D 37 1.70 20.44 38.08
N ARG D 38 0.71 19.59 37.82
CA ARG D 38 0.95 18.16 37.89
C ARG D 38 0.47 17.47 36.63
N GLN D 39 0.96 16.26 36.41
CA GLN D 39 0.60 15.51 35.20
C GLN D 39 0.55 14.03 35.53
N ALA D 40 -0.65 13.44 35.40
CA ALA D 40 -0.84 12.01 35.57
C ALA D 40 -0.36 11.28 34.32
N PRO D 41 0.08 10.03 34.44
CA PRO D 41 0.62 9.33 33.26
C PRO D 41 -0.40 9.28 32.13
N GLY D 42 0.05 9.65 30.93
CA GLY D 42 -0.77 9.61 29.74
C GLY D 42 -1.67 10.81 29.53
N LYS D 43 -1.76 11.72 30.49
CA LYS D 43 -2.69 12.84 30.43
C LYS D 43 -1.93 14.15 30.25
N GLY D 44 -2.67 15.21 29.93
CA GLY D 44 -2.10 16.54 29.86
C GLY D 44 -1.80 17.07 31.25
N PRO D 45 -0.94 18.09 31.34
CA PRO D 45 -0.71 18.74 32.64
C PRO D 45 -1.99 19.38 33.16
N GLU D 46 -2.03 19.53 34.50
CA GLU D 46 -3.16 20.12 35.19
C GLU D 46 -2.62 21.17 36.15
N TRP D 47 -3.19 22.38 36.11
CA TRP D 47 -2.82 23.39 37.09
C TRP D 47 -3.29 22.99 38.47
N VAL D 48 -2.45 23.21 39.48
CA VAL D 48 -2.76 22.80 40.85
C VAL D 48 -2.97 24.02 41.77
N SER D 49 -2.01 24.96 41.76
CA SER D 49 -2.07 26.06 42.72
C SER D 49 -1.11 27.18 42.31
N HIS D 50 -1.43 28.41 42.76
CA HIS D 50 -0.61 29.61 42.61
C HIS D 50 -0.35 30.23 43.98
N ILE D 51 0.81 30.87 44.16
CA ILE D 51 1.05 31.73 45.32
C ILE D 51 1.89 32.95 44.89
N SER D 52 1.46 34.14 45.30
CA SER D 52 2.13 35.38 44.93
C SER D 52 3.49 35.47 45.59
N GLY D 53 4.29 36.44 45.12
CA GLY D 53 5.61 36.63 45.71
C GLY D 53 5.56 36.83 47.21
N SER D 54 4.62 37.62 47.69
CA SER D 54 4.51 37.91 49.11
C SER D 54 3.84 36.79 49.90
N GLY D 55 3.28 35.79 49.22
CA GLY D 55 2.54 34.74 49.88
C GLY D 55 1.12 35.11 50.25
N SER D 56 0.72 36.34 49.96
CA SER D 56 -0.56 36.84 50.40
C SER D 56 -1.72 36.45 49.50
N THR D 57 -1.46 36.09 48.24
CA THR D 57 -2.51 35.69 47.31
C THR D 57 -2.28 34.25 46.86
N ILE D 58 -3.30 33.41 47.02
CA ILE D 58 -3.19 31.98 46.85
C ILE D 58 -4.46 31.48 46.14
N TYR D 59 -4.28 30.59 45.17
CA TYR D 59 -5.39 29.98 44.44
C TYR D 59 -5.15 28.48 44.33
N TYR D 60 -6.25 27.72 44.30
CA TYR D 60 -6.24 26.27 44.21
C TYR D 60 -7.22 25.79 43.15
N ALA D 61 -6.85 24.74 42.42
CA ALA D 61 -7.82 24.05 41.58
C ALA D 61 -8.86 23.36 42.45
N ASP D 62 -10.09 23.27 41.94
CA ASP D 62 -11.15 22.61 42.71
C ASP D 62 -10.77 21.20 43.13
N SER D 63 -10.00 20.49 42.29
CA SER D 63 -9.67 19.10 42.59
C SER D 63 -8.84 18.96 43.86
N VAL D 64 -8.11 19.98 44.28
CA VAL D 64 -7.22 19.86 45.44
C VAL D 64 -7.62 20.77 46.59
N ARG D 65 -8.55 21.70 46.39
CA ARG D 65 -8.89 22.67 47.42
C ARG D 65 -9.38 21.97 48.67
N GLY D 66 -8.94 22.46 49.83
CA GLY D 66 -9.29 21.84 51.08
C GLY D 66 -8.42 20.66 51.44
N ARG D 67 -7.58 20.19 50.53
CA ARG D 67 -6.68 19.09 50.84
C ARG D 67 -5.22 19.48 50.73
N PHE D 68 -4.85 20.32 49.75
CA PHE D 68 -3.47 20.75 49.55
C PHE D 68 -3.29 22.17 50.10
N THR D 69 -2.06 22.49 50.51
CA THR D 69 -1.75 23.83 51.01
C THR D 69 -0.43 24.27 50.40
N ILE D 70 -0.47 25.38 49.68
CA ILE D 70 0.74 25.93 49.04
C ILE D 70 1.33 26.96 50.00
N SER D 71 2.65 27.02 50.04
CA SER D 71 3.33 28.00 50.89
C SER D 71 4.72 28.23 50.32
N ARG D 72 5.39 29.26 50.83
CA ARG D 72 6.73 29.55 50.37
C ARG D 72 7.52 30.18 51.52
N ASP D 73 8.84 30.06 51.44
CA ASP D 73 9.79 30.68 52.37
C ASP D 73 10.72 31.54 51.51
N ASN D 74 10.46 32.84 51.45
CA ASN D 74 11.26 33.69 50.57
C ASN D 74 12.72 33.78 51.01
N ALA D 75 12.98 33.67 52.32
CA ALA D 75 14.37 33.70 52.77
C ALA D 75 15.13 32.45 52.33
N LYS D 76 14.44 31.33 52.20
CA LYS D 76 15.08 30.09 51.76
C LYS D 76 14.92 29.85 50.27
N SER D 77 14.28 30.77 49.54
CA SER D 77 14.01 30.60 48.11
C SER D 77 13.37 29.25 47.83
N SER D 78 12.33 28.92 48.59
CA SER D 78 11.71 27.61 48.47
C SER D 78 10.20 27.76 48.40
N LEU D 79 9.60 26.87 47.61
CA LEU D 79 8.15 26.74 47.46
C LEU D 79 7.75 25.36 47.97
N TYR D 80 6.60 25.28 48.63
CA TYR D 80 6.16 24.02 49.22
C TYR D 80 4.74 23.68 48.77
N LEU D 81 4.45 22.38 48.78
CA LEU D 81 3.08 21.90 48.61
C LEU D 81 2.83 20.85 49.67
N GLN D 82 2.00 21.19 50.66
CA GLN D 82 1.58 20.24 51.68
C GLN D 82 0.35 19.53 51.14
N MET D 83 0.43 18.22 50.97
CA MET D 83 -0.66 17.43 50.42
C MET D 83 -1.20 16.53 51.53
N ASP D 84 -2.46 16.74 51.90
CA ASP D 84 -3.15 15.94 52.90
C ASP D 84 -4.29 15.19 52.22
N SER D 85 -4.84 14.19 52.92
CA SER D 85 -5.99 13.41 52.43
C SER D 85 -5.75 12.92 51.01
N LEU D 86 -4.57 12.36 50.79
CA LEU D 86 -4.15 12.01 49.44
C LEU D 86 -5.03 10.91 48.85
N GLN D 87 -5.19 10.97 47.53
CA GLN D 87 -6.10 10.09 46.80
C GLN D 87 -5.36 9.43 45.66
N ALA D 88 -5.85 8.25 45.24
CA ALA D 88 -5.25 7.56 44.09
C ALA D 88 -5.14 8.49 42.90
N ASP D 89 -6.15 9.33 42.67
CA ASP D 89 -6.07 10.16 41.46
C ASP D 89 -5.16 11.38 41.64
N ASP D 90 -4.47 11.52 42.77
CA ASP D 90 -3.41 12.49 42.92
C ASP D 90 -2.07 11.97 42.41
N THR D 91 -2.01 10.69 42.01
CA THR D 91 -0.78 10.12 41.48
C THR D 91 -0.40 10.87 40.19
N ALA D 92 0.81 11.42 40.18
CA ALA D 92 1.21 12.31 39.08
C ALA D 92 2.66 12.74 39.31
N VAL D 93 3.26 13.29 38.25
CA VAL D 93 4.49 14.04 38.42
C VAL D 93 4.10 15.47 38.78
N TYR D 94 4.71 16.00 39.83
CA TYR D 94 4.42 17.35 40.28
C TYR D 94 5.57 18.26 39.87
N TYR D 95 5.25 19.42 39.27
CA TYR D 95 6.23 20.38 38.80
C TYR D 95 6.02 21.73 39.47
N CYS D 96 7.10 22.41 39.86
CA CYS D 96 6.96 23.82 40.18
C CYS D 96 7.36 24.63 38.95
N ALA D 97 6.77 25.81 38.81
CA ALA D 97 7.05 26.65 37.66
C ALA D 97 7.02 28.10 38.11
N ARG D 98 7.90 28.91 37.54
CA ARG D 98 7.90 30.33 37.87
C ARG D 98 6.84 31.07 37.06
N GLY D 99 6.10 31.93 37.72
CA GLY D 99 5.12 32.78 37.09
C GLY D 99 5.71 34.12 36.68
N GLY D 100 4.85 35.14 36.65
CA GLY D 100 5.29 36.50 36.45
C GLY D 100 5.40 37.23 37.79
N ARG D 101 5.67 38.53 37.70
CA ARG D 101 5.70 39.34 38.91
C ARG D 101 4.32 39.49 39.53
N ALA D 102 3.29 39.68 38.70
CA ALA D 102 1.94 39.85 39.23
C ALA D 102 0.92 38.90 38.61
N THR D 103 1.33 37.98 37.74
CA THR D 103 0.44 36.99 37.16
C THR D 103 1.21 35.70 37.00
N SER D 104 0.46 34.61 36.79
CA SER D 104 1.12 33.34 36.44
C SER D 104 0.18 32.64 35.45
N TYR D 105 0.29 33.04 34.19
CA TYR D 105 -0.63 32.62 33.13
C TYR D 105 -0.13 31.43 32.32
N TYR D 106 1.19 31.30 32.17
CA TYR D 106 1.85 30.28 31.37
C TYR D 106 3.30 30.23 31.86
N TRP D 107 4.06 29.22 31.45
CA TRP D 107 5.27 28.91 32.20
C TRP D 107 6.45 28.58 31.30
N VAL D 108 7.49 29.43 31.38
CA VAL D 108 8.76 29.18 30.68
C VAL D 108 9.64 28.25 31.48
N HIS D 109 9.80 28.52 32.79
CA HIS D 109 10.76 27.84 33.64
C HIS D 109 10.04 26.81 34.52
N TRP D 110 10.45 25.54 34.41
CA TRP D 110 9.89 24.41 35.13
C TRP D 110 11.03 23.65 35.79
N GLY D 111 10.75 22.98 36.91
CA GLY D 111 11.67 22.01 37.42
C GLY D 111 11.55 20.70 36.68
N PRO D 112 12.42 19.74 37.03
CA PRO D 112 12.33 18.41 36.37
C PRO D 112 11.14 17.59 36.81
N GLY D 113 10.48 17.95 37.91
CA GLY D 113 9.34 17.19 38.39
C GLY D 113 9.74 16.17 39.45
N THR D 114 8.74 15.76 40.22
CA THR D 114 8.93 14.72 41.23
C THR D 114 7.64 13.88 41.28
N LEU D 115 7.83 12.57 41.34
CA LEU D 115 6.74 11.60 41.19
C LEU D 115 6.09 11.29 42.54
N VAL D 116 4.78 11.42 42.61
CA VAL D 116 4.02 11.06 43.79
C VAL D 116 3.10 9.93 43.39
N THR D 117 3.17 8.81 44.11
CA THR D 117 2.34 7.66 43.86
C THR D 117 1.49 7.38 45.10
N VAL D 118 0.19 7.26 44.92
CA VAL D 118 -0.74 7.05 46.03
C VAL D 118 -1.41 5.71 45.77
N SER D 119 -1.11 4.72 46.63
CA SER D 119 -1.65 3.38 46.46
C SER D 119 -1.70 2.67 47.80
N SER D 120 -2.74 1.84 47.99
CA SER D 120 -2.83 1.00 49.18
C SER D 120 -1.95 -0.23 49.12
N ALA D 121 -1.35 -0.55 47.96
CA ALA D 121 -0.66 -1.82 47.83
C ALA D 121 0.55 -1.87 48.75
N SER D 122 0.95 -3.09 49.12
CA SER D 122 2.14 -3.31 49.93
C SER D 122 3.29 -3.78 49.06
N THR D 123 4.53 -3.61 49.57
CA THR D 123 5.72 -4.06 48.87
C THR D 123 5.68 -5.57 48.65
N LYS D 124 5.99 -5.99 47.43
CA LYS D 124 5.94 -7.39 47.05
C LYS D 124 6.90 -7.60 45.88
N GLY D 125 7.76 -8.60 45.98
CA GLY D 125 8.67 -8.93 44.92
C GLY D 125 7.96 -9.76 43.88
N PRO D 126 8.47 -9.76 42.65
CA PRO D 126 7.78 -10.45 41.57
C PRO D 126 8.05 -11.94 41.54
N SER D 127 7.09 -12.67 41.00
CA SER D 127 7.32 -14.03 40.54
C SER D 127 7.72 -13.94 39.08
N VAL D 128 8.62 -14.81 38.66
CA VAL D 128 9.19 -14.76 37.31
C VAL D 128 8.98 -16.11 36.66
N PHE D 129 8.31 -16.11 35.51
CA PHE D 129 7.99 -17.34 34.81
C PHE D 129 8.55 -17.28 33.39
N PRO D 130 8.95 -18.42 32.84
CA PRO D 130 9.53 -18.42 31.50
C PRO D 130 8.47 -18.32 30.42
N LEU D 131 8.85 -17.63 29.34
CA LEU D 131 8.09 -17.61 28.10
C LEU D 131 8.90 -18.49 27.15
N ALA D 132 8.57 -19.80 27.13
CA ALA D 132 9.46 -20.79 26.53
C ALA D 132 9.35 -20.79 25.01
N PRO D 133 10.48 -20.85 24.30
CA PRO D 133 10.43 -20.88 22.84
C PRO D 133 9.84 -22.20 22.33
N SER D 134 9.14 -22.11 21.20
CA SER D 134 8.50 -23.29 20.61
C SER D 134 9.51 -24.33 20.15
N GLY D 141 13.59 -19.04 10.85
CA GLY D 141 14.91 -19.22 11.45
C GLY D 141 15.10 -18.44 12.73
N THR D 142 14.04 -17.74 13.17
CA THR D 142 14.10 -16.87 14.33
C THR D 142 13.02 -17.25 15.34
N ALA D 143 13.41 -17.31 16.61
CA ALA D 143 12.52 -17.72 17.70
C ALA D 143 12.41 -16.61 18.75
N ALA D 144 11.27 -16.59 19.44
CA ALA D 144 11.01 -15.66 20.52
C ALA D 144 10.97 -16.41 21.84
N LEU D 145 11.54 -15.80 22.87
CA LEU D 145 11.40 -16.27 24.24
C LEU D 145 11.42 -15.04 25.16
N GLY D 146 11.21 -15.29 26.44
CA GLY D 146 11.20 -14.20 27.40
C GLY D 146 10.85 -14.68 28.78
N CYS D 147 10.54 -13.70 29.64
CA CYS D 147 10.11 -13.97 31.01
C CYS D 147 8.93 -13.07 31.36
N LEU D 148 7.94 -13.62 32.05
CA LEU D 148 6.84 -12.85 32.62
C LEU D 148 7.19 -12.47 34.05
N VAL D 149 7.19 -11.17 34.35
CA VAL D 149 7.54 -10.66 35.67
C VAL D 149 6.24 -10.18 36.31
N LYS D 150 5.68 -10.98 37.21
CA LYS D 150 4.28 -10.82 37.58
C LYS D 150 4.08 -10.47 39.05
N ASP D 151 3.17 -9.53 39.30
CA ASP D 151 2.64 -9.22 40.63
C ASP D 151 3.68 -8.64 41.57
N TYR D 152 4.28 -7.52 41.22
CA TYR D 152 5.23 -6.87 42.10
C TYR D 152 4.74 -5.48 42.45
N PHE D 153 5.33 -4.91 43.50
CA PHE D 153 5.00 -3.55 43.90
C PHE D 153 6.07 -3.04 44.83
N PRO D 154 6.47 -1.77 44.73
CA PRO D 154 6.07 -0.83 43.70
C PRO D 154 6.99 -0.98 42.50
N GLU D 155 6.81 -0.11 41.50
CA GLU D 155 7.79 0.04 40.43
C GLU D 155 9.11 0.58 41.01
N PRO D 156 10.24 0.35 40.30
CA PRO D 156 10.37 -0.37 39.03
C PRO D 156 11.01 -1.73 39.26
N VAL D 157 11.01 -2.57 38.24
CA VAL D 157 11.91 -3.70 38.19
C VAL D 157 12.88 -3.42 37.06
N THR D 158 14.02 -4.09 37.11
CA THR D 158 14.95 -4.09 35.98
C THR D 158 15.08 -5.50 35.45
N VAL D 159 15.22 -5.61 34.14
CA VAL D 159 15.34 -6.91 33.51
C VAL D 159 16.53 -6.87 32.55
N SER D 160 17.45 -7.80 32.74
CA SER D 160 18.53 -7.98 31.79
C SER D 160 18.50 -9.42 31.30
N TRP D 161 19.27 -9.70 30.26
CA TRP D 161 19.36 -11.03 29.69
C TRP D 161 20.81 -11.47 29.68
N ASN D 162 21.06 -12.67 30.22
CA ASN D 162 22.41 -13.23 30.29
C ASN D 162 23.36 -12.22 30.93
N SER D 163 22.94 -11.69 32.08
CA SER D 163 23.73 -10.74 32.87
C SER D 163 24.20 -9.56 32.04
N GLY D 164 23.38 -9.15 31.06
CA GLY D 164 23.68 -8.00 30.25
C GLY D 164 24.39 -8.31 28.95
N ALA D 165 24.86 -9.55 28.77
CA ALA D 165 25.52 -9.93 27.53
C ALA D 165 24.58 -9.89 26.33
N LEU D 166 23.28 -10.13 26.54
CA LEU D 166 22.29 -10.17 25.47
C LEU D 166 21.43 -8.92 25.53
N THR D 167 21.54 -8.06 24.51
CA THR D 167 20.74 -6.84 24.47
C THR D 167 20.00 -6.72 23.14
N SER D 168 20.53 -7.31 22.07
CA SER D 168 19.95 -7.14 20.74
C SER D 168 18.66 -7.95 20.63
N GLY D 169 17.62 -7.32 20.10
CA GLY D 169 16.34 -7.98 19.95
C GLY D 169 15.49 -8.01 21.21
N VAL D 170 15.93 -7.39 22.29
CA VAL D 170 15.19 -7.43 23.56
C VAL D 170 14.07 -6.40 23.51
N HIS D 171 12.91 -6.76 24.05
CA HIS D 171 11.81 -5.82 24.25
C HIS D 171 11.30 -6.03 25.67
N THR D 172 11.54 -5.08 26.55
CA THR D 172 10.96 -5.11 27.88
C THR D 172 9.80 -4.14 27.89
N PHE D 173 8.59 -4.66 28.04
CA PHE D 173 7.38 -3.88 27.87
C PHE D 173 7.15 -2.98 29.09
N PRO D 174 6.45 -1.87 28.90
CA PRO D 174 6.08 -1.05 30.05
C PRO D 174 5.24 -1.87 31.02
N ALA D 175 5.48 -1.69 32.30
CA ALA D 175 4.67 -2.34 33.32
C ALA D 175 3.22 -1.89 33.19
N VAL D 176 2.31 -2.79 33.55
CA VAL D 176 0.88 -2.54 33.52
C VAL D 176 0.36 -2.73 34.93
N LEU D 177 -0.42 -1.77 35.42
CA LEU D 177 -1.02 -1.88 36.74
C LEU D 177 -2.27 -2.73 36.63
N GLN D 178 -2.28 -3.87 37.32
CA GLN D 178 -3.41 -4.78 37.30
C GLN D 178 -4.47 -4.33 38.32
N SER D 179 -5.66 -4.93 38.22
CA SER D 179 -6.73 -4.61 39.16
C SER D 179 -6.35 -4.96 40.60
N SER D 180 -5.40 -5.87 40.79
CA SER D 180 -4.96 -6.21 42.12
C SER D 180 -4.14 -5.11 42.76
N GLY D 181 -3.84 -4.04 42.03
CA GLY D 181 -2.94 -3.01 42.48
C GLY D 181 -1.47 -3.37 42.36
N LEU D 182 -1.15 -4.53 41.80
CA LEU D 182 0.22 -4.96 41.57
C LEU D 182 0.56 -4.82 40.10
N TYR D 183 1.85 -4.70 39.80
CA TYR D 183 2.31 -4.52 38.44
C TYR D 183 2.72 -5.85 37.82
N SER D 184 2.70 -5.86 36.49
CA SER D 184 3.10 -7.00 35.69
C SER D 184 3.74 -6.49 34.42
N LEU D 185 4.76 -7.19 33.94
CA LEU D 185 5.30 -6.94 32.61
C LEU D 185 5.94 -8.22 32.09
N SER D 186 6.25 -8.23 30.79
CA SER D 186 7.04 -9.26 30.17
C SER D 186 8.26 -8.61 29.50
N SER D 187 9.35 -9.35 29.50
CA SER D 187 10.50 -9.02 28.68
C SER D 187 10.70 -10.16 27.69
N VAL D 188 10.87 -9.82 26.41
CA VAL D 188 11.00 -10.83 25.38
C VAL D 188 12.25 -10.52 24.56
N VAL D 189 12.77 -11.54 23.89
CA VAL D 189 13.90 -11.38 22.99
C VAL D 189 13.74 -12.38 21.86
N THR D 190 14.12 -11.96 20.65
CA THR D 190 14.15 -12.83 19.49
C THR D 190 15.60 -13.19 19.18
N VAL D 191 15.86 -14.47 19.00
CA VAL D 191 17.20 -15.01 18.77
C VAL D 191 17.14 -15.97 17.59
N PRO D 192 18.29 -16.33 16.97
CA PRO D 192 18.25 -17.35 15.92
C PRO D 192 17.85 -18.71 16.49
N SER D 193 16.90 -19.38 15.83
CA SER D 193 16.39 -20.64 16.34
C SER D 193 17.43 -21.75 16.32
N SER D 194 18.47 -21.63 15.49
CA SER D 194 19.56 -22.61 15.46
C SER D 194 20.56 -22.42 16.60
N SER D 195 20.30 -21.49 17.52
CA SER D 195 21.13 -21.35 18.71
C SER D 195 20.49 -21.97 19.95
N LEU D 196 19.25 -22.43 19.86
CA LEU D 196 18.51 -22.89 21.04
C LEU D 196 19.11 -24.13 21.68
N GLY D 197 20.10 -24.77 21.05
CA GLY D 197 20.75 -25.92 21.66
C GLY D 197 22.17 -25.62 22.09
N THR D 198 22.71 -24.49 21.59
CA THR D 198 24.07 -24.05 21.89
C THR D 198 24.11 -22.94 22.93
N GLN D 199 23.16 -22.00 22.85
CA GLN D 199 23.16 -20.82 23.71
C GLN D 199 22.16 -21.02 24.85
N THR D 200 22.57 -20.60 26.04
CA THR D 200 21.68 -20.61 27.18
C THR D 200 21.14 -19.19 27.40
N TYR D 201 19.90 -19.11 27.87
CA TYR D 201 19.17 -17.84 27.98
C TYR D 201 18.62 -17.72 29.39
N ILE D 202 19.16 -16.76 30.16
CA ILE D 202 18.75 -16.53 31.54
C ILE D 202 18.30 -15.08 31.67
N CYS D 203 17.09 -14.87 32.18
CA CYS D 203 16.62 -13.51 32.43
C CYS D 203 16.91 -13.15 33.87
N ASN D 204 17.50 -11.96 34.08
CA ASN D 204 17.92 -11.48 35.40
C ASN D 204 16.98 -10.37 35.82
N VAL D 205 16.17 -10.64 36.83
CA VAL D 205 15.16 -9.70 37.30
C VAL D 205 15.58 -9.18 38.66
N ASN D 206 15.56 -7.86 38.81
CA ASN D 206 15.89 -7.19 40.05
C ASN D 206 14.70 -6.32 40.44
N HIS D 207 14.27 -6.43 41.70
CA HIS D 207 13.27 -5.55 42.29
C HIS D 207 13.88 -5.02 43.57
N LYS D 208 14.41 -3.80 43.51
CA LYS D 208 15.10 -3.25 44.66
C LYS D 208 14.17 -2.99 45.86
N PRO D 209 12.95 -2.46 45.66
CA PRO D 209 12.09 -2.21 46.83
C PRO D 209 11.84 -3.42 47.70
N SER D 210 11.95 -4.63 47.17
CA SER D 210 11.78 -5.84 47.96
C SER D 210 13.08 -6.61 48.12
N ASN D 211 14.20 -6.03 47.68
CA ASN D 211 15.49 -6.72 47.68
C ASN D 211 15.34 -8.13 47.10
N THR D 212 14.61 -8.22 45.99
CA THR D 212 14.42 -9.46 45.26
C THR D 212 15.34 -9.47 44.05
N LYS D 213 16.10 -10.55 43.91
CA LYS D 213 16.84 -10.82 42.70
C LYS D 213 16.50 -12.25 42.28
N VAL D 214 16.05 -12.41 41.05
CA VAL D 214 15.69 -13.71 40.49
C VAL D 214 16.42 -13.87 39.16
N ASP D 215 16.99 -15.05 38.95
CA ASP D 215 17.51 -15.46 37.65
C ASP D 215 16.72 -16.69 37.20
N LYS D 216 16.30 -16.70 35.94
CA LYS D 216 15.43 -17.77 35.45
C LYS D 216 15.93 -18.21 34.09
N LYS D 217 16.44 -19.44 34.02
CA LYS D 217 16.77 -20.01 32.72
C LYS D 217 15.48 -20.32 31.99
N VAL D 218 15.40 -19.90 30.72
CA VAL D 218 14.26 -20.22 29.87
C VAL D 218 14.77 -21.11 28.74
N GLU D 219 14.03 -22.18 28.46
CA GLU D 219 14.46 -23.19 27.52
C GLU D 219 13.22 -23.92 27.01
N PRO D 220 13.27 -24.51 25.82
CA PRO D 220 12.09 -25.21 25.28
C PRO D 220 11.64 -26.34 26.19
N LYS D 221 10.32 -26.54 26.28
CA LYS D 221 9.75 -27.56 27.16
C LYS D 221 9.66 -28.90 26.45
N SER D 222 8.69 -29.74 26.83
CA SER D 222 8.42 -31.01 26.18
C SER D 222 7.27 -30.90 25.18
N GLU E 1 -1.25 25.22 -36.61
CA GLU E 1 -2.55 24.76 -36.14
C GLU E 1 -2.63 24.90 -34.63
N ILE E 2 -3.83 24.77 -34.08
CA ILE E 2 -4.02 24.82 -32.64
C ILE E 2 -3.82 23.43 -32.07
N VAL E 3 -2.86 23.30 -31.13
CA VAL E 3 -2.59 22.04 -30.45
C VAL E 3 -3.38 21.97 -29.16
N LEU E 4 -4.05 20.84 -28.93
CA LEU E 4 -4.80 20.61 -27.71
C LEU E 4 -4.04 19.58 -26.89
N THR E 5 -3.70 19.95 -25.65
CA THR E 5 -2.98 19.07 -24.72
C THR E 5 -3.97 18.53 -23.69
N GLN E 6 -4.21 17.23 -23.71
CA GLN E 6 -5.06 16.59 -22.71
C GLN E 6 -4.21 15.96 -21.62
N SER E 7 -4.66 16.11 -20.38
CA SER E 7 -4.00 15.50 -19.25
C SER E 7 -5.05 15.02 -18.27
N PRO E 8 -4.81 13.90 -17.59
CA PRO E 8 -3.63 13.04 -17.76
C PRO E 8 -3.82 12.10 -18.96
N ALA E 9 -2.74 11.52 -19.48
CA ALA E 9 -2.90 10.56 -20.58
C ALA E 9 -3.77 9.39 -20.15
N THR E 10 -3.56 8.90 -18.92
CA THR E 10 -4.40 7.86 -18.33
C THR E 10 -4.90 8.32 -16.97
N LEU E 11 -6.19 8.11 -16.72
CA LEU E 11 -6.81 8.45 -15.45
C LEU E 11 -7.43 7.18 -14.88
N SER E 12 -7.05 6.85 -13.65
CA SER E 12 -7.43 5.59 -13.02
C SER E 12 -8.34 5.91 -11.84
N LEU E 13 -9.59 5.49 -11.92
CA LEU E 13 -10.57 5.83 -10.89
C LEU E 13 -11.53 4.69 -10.67
N SER E 14 -12.08 4.64 -9.46
CA SER E 14 -13.07 3.62 -9.12
C SER E 14 -14.46 4.06 -9.55
N PRO E 15 -15.31 3.11 -9.92
CA PRO E 15 -16.71 3.44 -10.15
C PRO E 15 -17.27 4.19 -8.95
N GLY E 16 -18.11 5.20 -9.23
CA GLY E 16 -18.64 6.06 -8.20
C GLY E 16 -17.83 7.30 -7.88
N GLU E 17 -16.55 7.36 -8.28
CA GLU E 17 -15.73 8.53 -8.02
C GLU E 17 -16.01 9.64 -9.04
N ARG E 18 -15.47 10.81 -8.74
CA ARG E 18 -15.57 11.99 -9.59
C ARG E 18 -14.36 12.04 -10.51
N ALA E 19 -14.57 12.27 -11.80
CA ALA E 19 -13.47 12.40 -12.75
C ALA E 19 -13.40 13.82 -13.29
N THR E 20 -12.17 14.33 -13.41
CA THR E 20 -11.90 15.65 -13.96
C THR E 20 -10.83 15.52 -15.05
N LEU E 21 -11.18 15.87 -16.28
CA LEU E 21 -10.28 15.76 -17.42
C LEU E 21 -9.96 17.15 -17.95
N SER E 22 -8.69 17.40 -18.24
CA SER E 22 -8.24 18.72 -18.65
C SER E 22 -7.82 18.73 -20.11
N CYS E 23 -8.09 19.85 -20.79
CA CYS E 23 -7.73 20.08 -22.18
C CYS E 23 -7.22 21.50 -22.29
N ARG E 24 -5.99 21.67 -22.74
CA ARG E 24 -5.41 23.00 -22.83
C ARG E 24 -5.02 23.29 -24.28
N ALA E 25 -5.39 24.47 -24.76
CA ALA E 25 -5.15 24.85 -26.15
C ALA E 25 -3.94 25.76 -26.25
N SER E 26 -3.19 25.62 -27.34
CA SER E 26 -1.97 26.39 -27.53
C SER E 26 -2.25 27.86 -27.85
N GLN E 27 -3.49 28.19 -28.20
CA GLN E 27 -3.95 29.57 -28.31
C GLN E 27 -5.45 29.55 -28.08
N SER E 28 -6.02 30.72 -27.83
CA SER E 28 -7.42 30.80 -27.45
C SER E 28 -8.31 30.26 -28.56
N VAL E 29 -9.30 29.45 -28.16
CA VAL E 29 -10.39 29.02 -29.00
C VAL E 29 -11.72 29.52 -28.46
N SER E 30 -11.66 30.55 -27.61
CA SER E 30 -12.83 31.14 -26.98
C SER E 30 -13.61 29.98 -26.36
N GLY E 31 -14.90 29.80 -26.67
CA GLY E 31 -15.65 28.67 -26.13
C GLY E 31 -16.00 27.63 -27.17
N TYR E 32 -15.29 27.60 -28.30
CA TYR E 32 -15.58 26.66 -29.38
C TYR E 32 -14.80 25.37 -29.15
N LEU E 33 -15.30 24.57 -28.23
CA LEU E 33 -14.60 23.37 -27.84
C LEU E 33 -15.60 22.27 -27.57
N GLY E 34 -15.29 21.06 -28.06
CA GLY E 34 -16.19 19.95 -27.87
C GLY E 34 -15.49 18.80 -27.17
N TRP E 35 -16.25 17.88 -26.60
CA TRP E 35 -15.72 16.69 -25.97
C TRP E 35 -16.43 15.47 -26.52
N TYR E 36 -15.66 14.41 -26.76
CA TYR E 36 -16.17 13.14 -27.25
C TYR E 36 -15.76 12.01 -26.31
N GLN E 37 -16.58 10.97 -26.27
CA GLN E 37 -16.27 9.70 -25.64
C GLN E 37 -16.12 8.64 -26.71
N GLN E 38 -15.17 7.72 -26.54
CA GLN E 38 -15.00 6.65 -27.52
C GLN E 38 -14.70 5.33 -26.83
N LYS E 39 -15.48 4.32 -27.14
CA LYS E 39 -15.23 2.96 -26.71
C LYS E 39 -14.60 2.15 -27.85
N PRO E 40 -13.94 1.04 -27.52
CA PRO E 40 -13.28 0.23 -28.56
C PRO E 40 -14.22 -0.18 -29.68
N GLY E 41 -13.73 -0.03 -30.91
CA GLY E 41 -14.48 -0.50 -32.07
C GLY E 41 -15.62 0.39 -32.49
N GLN E 42 -15.75 1.58 -31.91
CA GLN E 42 -16.88 2.46 -32.19
C GLN E 42 -16.37 3.85 -32.57
N ALA E 43 -17.24 4.62 -33.22
CA ALA E 43 -16.91 6.02 -33.51
C ALA E 43 -16.95 6.84 -32.23
N PRO E 44 -16.31 8.01 -32.23
CA PRO E 44 -16.48 8.93 -31.11
C PRO E 44 -17.93 9.37 -31.00
N ARG E 45 -18.33 9.71 -29.78
CA ARG E 45 -19.70 10.07 -29.43
C ARG E 45 -19.64 11.44 -28.78
N LEU E 46 -20.33 12.42 -29.36
CA LEU E 46 -20.26 13.79 -28.85
C LEU E 46 -20.90 13.88 -27.48
N LEU E 47 -20.21 14.48 -26.53
CA LEU E 47 -20.73 14.71 -25.17
C LEU E 47 -21.06 16.17 -24.94
N ILE E 48 -20.15 17.05 -25.32
CA ILE E 48 -20.21 18.47 -25.04
C ILE E 48 -19.89 19.21 -26.33
N TYR E 49 -20.59 20.31 -26.58
CA TYR E 49 -20.16 21.28 -27.56
C TYR E 49 -20.25 22.67 -26.93
N GLY E 50 -19.60 23.64 -27.55
CA GLY E 50 -19.62 24.98 -27.01
C GLY E 50 -19.06 25.08 -25.60
N ALA E 51 -18.08 24.23 -25.28
CA ALA E 51 -17.38 24.16 -23.99
C ALA E 51 -18.28 23.64 -22.88
N SER E 52 -19.57 23.98 -22.88
CA SER E 52 -20.40 23.65 -21.74
C SER E 52 -21.79 23.12 -22.07
N SER E 53 -22.21 23.06 -23.32
CA SER E 53 -23.54 22.53 -23.65
C SER E 53 -23.49 21.02 -23.83
N ARG E 54 -24.35 20.31 -23.13
CA ARG E 54 -24.49 18.87 -23.33
C ARG E 54 -25.22 18.57 -24.63
N ALA E 55 -24.72 17.58 -25.37
CA ALA E 55 -25.45 17.14 -26.54
C ALA E 55 -26.73 16.40 -26.11
N THR E 56 -27.59 16.14 -27.08
CA THR E 56 -28.88 15.52 -26.81
C THR E 56 -28.69 14.12 -26.24
N GLY E 57 -29.40 13.83 -25.16
CA GLY E 57 -29.36 12.51 -24.58
C GLY E 57 -28.22 12.25 -23.63
N ILE E 58 -27.26 13.16 -23.55
CA ILE E 58 -26.09 12.96 -22.69
C ILE E 58 -26.50 13.13 -21.22
N PRO E 59 -26.21 12.17 -20.35
CA PRO E 59 -26.64 12.28 -18.94
C PRO E 59 -26.02 13.47 -18.20
N ASP E 60 -26.73 13.89 -17.15
CA ASP E 60 -26.38 15.10 -16.41
C ASP E 60 -25.02 15.02 -15.74
N ARG E 61 -24.53 13.82 -15.43
CA ARG E 61 -23.27 13.74 -14.71
C ARG E 61 -22.08 14.30 -15.49
N PHE E 62 -22.21 14.44 -16.83
CA PHE E 62 -21.18 15.05 -17.66
C PHE E 62 -21.39 16.56 -17.74
N SER E 63 -20.34 17.32 -17.47
CA SER E 63 -20.43 18.75 -17.64
C SER E 63 -19.07 19.27 -18.08
N GLY E 64 -19.08 20.31 -18.90
CA GLY E 64 -17.86 20.92 -19.37
C GLY E 64 -17.80 22.37 -18.93
N SER E 65 -16.58 22.89 -18.81
CA SER E 65 -16.37 24.27 -18.42
C SER E 65 -15.06 24.76 -19.01
N GLY E 66 -14.84 26.06 -18.89
CA GLY E 66 -13.64 26.70 -19.38
C GLY E 66 -13.93 27.60 -20.57
N SER E 67 -12.90 28.38 -20.93
CA SER E 67 -12.97 29.25 -22.08
C SER E 67 -11.57 29.75 -22.34
N GLY E 68 -11.31 30.13 -23.58
CA GLY E 68 -9.97 30.54 -23.93
C GLY E 68 -9.04 29.38 -24.20
N THR E 69 -8.20 29.02 -23.22
CA THR E 69 -7.22 27.95 -23.40
C THR E 69 -7.35 26.80 -22.42
N ASP E 70 -8.11 26.93 -21.34
CA ASP E 70 -8.17 25.88 -20.33
C ASP E 70 -9.59 25.36 -20.22
N PHE E 71 -9.77 24.06 -20.44
CA PHE E 71 -11.10 23.47 -20.44
C PHE E 71 -11.09 22.21 -19.59
N THR E 72 -12.25 21.90 -19.03
CA THR E 72 -12.40 20.77 -18.15
C THR E 72 -13.69 20.03 -18.48
N LEU E 73 -13.60 18.71 -18.55
CA LEU E 73 -14.74 17.82 -18.58
C LEU E 73 -14.80 17.11 -17.23
N THR E 74 -15.92 17.22 -16.54
CA THR E 74 -16.11 16.61 -15.23
C THR E 74 -17.24 15.57 -15.32
N ILE E 75 -16.95 14.37 -14.83
CA ILE E 75 -17.98 13.36 -14.63
C ILE E 75 -18.18 13.26 -13.13
N SER E 76 -19.33 13.75 -12.64
CA SER E 76 -19.50 13.91 -11.19
C SER E 76 -19.41 12.58 -10.45
N ARG E 77 -20.01 11.52 -11.00
CA ARG E 77 -20.03 10.22 -10.33
C ARG E 77 -19.92 9.16 -11.42
N LEU E 78 -18.80 8.45 -11.45
CA LEU E 78 -18.51 7.55 -12.57
C LEU E 78 -19.38 6.30 -12.53
N GLU E 79 -20.03 6.00 -13.64
CA GLU E 79 -20.72 4.73 -13.80
C GLU E 79 -19.83 3.76 -14.56
N PRO E 80 -20.09 2.45 -14.47
CA PRO E 80 -19.22 1.50 -15.19
C PRO E 80 -19.13 1.77 -16.68
N GLU E 81 -20.21 2.26 -17.32
CA GLU E 81 -20.15 2.47 -18.76
C GLU E 81 -19.32 3.69 -19.16
N ASP E 82 -18.82 4.46 -18.20
CA ASP E 82 -18.07 5.67 -18.46
C ASP E 82 -16.58 5.43 -18.63
N PHE E 83 -16.11 4.21 -18.45
CA PHE E 83 -14.69 3.96 -18.66
C PHE E 83 -14.46 3.81 -20.15
N ALA E 84 -13.60 4.66 -20.71
CA ALA E 84 -13.56 4.91 -22.13
C ALA E 84 -12.44 5.90 -22.41
N VAL E 85 -12.17 6.19 -23.68
CA VAL E 85 -11.24 7.26 -24.05
C VAL E 85 -12.04 8.52 -24.30
N TYR E 86 -11.51 9.66 -23.88
CA TYR E 86 -12.14 10.97 -24.06
C TYR E 86 -11.22 11.88 -24.86
N TYR E 87 -11.79 12.59 -25.85
CA TYR E 87 -11.03 13.54 -26.65
C TYR E 87 -11.69 14.91 -26.56
N CYS E 88 -10.88 15.96 -26.50
CA CYS E 88 -11.43 17.28 -26.79
C CYS E 88 -11.13 17.62 -28.25
N GLN E 89 -11.86 18.61 -28.74
CA GLN E 89 -11.77 19.00 -30.14
C GLN E 89 -12.16 20.46 -30.25
N GLN E 90 -11.37 21.25 -30.96
CA GLN E 90 -11.59 22.69 -31.04
C GLN E 90 -12.10 23.07 -32.43
N TYR E 91 -12.92 24.12 -32.45
CA TYR E 91 -13.34 24.66 -33.73
C TYR E 91 -13.30 26.18 -33.72
N GLY E 92 -12.42 26.77 -32.91
CA GLY E 92 -12.18 28.20 -32.98
C GLY E 92 -11.45 28.64 -34.23
N SER E 93 -10.57 27.78 -34.75
CA SER E 93 -9.78 28.13 -35.93
C SER E 93 -9.53 26.88 -36.77
N SER E 94 -9.44 27.08 -38.08
CA SER E 94 -9.08 26.01 -39.00
C SER E 94 -7.57 25.84 -39.01
N PRO E 95 -7.05 24.61 -39.15
CA PRO E 95 -7.84 23.38 -39.28
C PRO E 95 -8.40 22.90 -37.96
N LEU E 96 -9.57 22.24 -38.02
CA LEU E 96 -10.13 21.61 -36.85
C LEU E 96 -9.15 20.57 -36.30
N THR E 97 -8.98 20.56 -34.98
CA THR E 97 -8.00 19.66 -34.38
C THR E 97 -8.57 19.00 -33.13
N PHE E 98 -8.06 17.80 -32.86
CA PHE E 98 -8.42 16.98 -31.72
C PHE E 98 -7.24 16.91 -30.75
N GLY E 99 -7.56 16.68 -29.48
CA GLY E 99 -6.56 16.37 -28.50
C GLY E 99 -6.08 14.94 -28.63
N GLY E 100 -5.02 14.63 -27.87
CA GLY E 100 -4.43 13.30 -27.90
C GLY E 100 -5.14 12.23 -27.10
N GLY E 101 -6.13 12.60 -26.30
CA GLY E 101 -6.89 11.61 -25.59
C GLY E 101 -6.50 11.40 -24.15
N THR E 102 -7.50 11.08 -23.33
CA THR E 102 -7.34 10.67 -21.95
C THR E 102 -8.06 9.34 -21.80
N LYS E 103 -7.33 8.28 -21.46
CA LYS E 103 -7.95 6.98 -21.23
C LYS E 103 -8.38 6.88 -19.76
N LEU E 104 -9.66 6.62 -19.55
CA LEU E 104 -10.26 6.53 -18.22
C LEU E 104 -10.39 5.05 -17.90
N GLU E 105 -9.54 4.54 -17.00
CA GLU E 105 -9.51 3.12 -16.70
C GLU E 105 -9.95 2.86 -15.26
N ILE E 106 -10.30 1.60 -14.99
CA ILE E 106 -10.83 1.19 -13.69
C ILE E 106 -9.67 0.96 -12.73
N LYS E 107 -9.69 1.67 -11.60
CA LYS E 107 -8.74 1.43 -10.53
C LYS E 107 -9.24 0.27 -9.66
N ARG E 108 -8.37 -0.70 -9.39
CA ARG E 108 -8.70 -1.80 -8.48
C ARG E 108 -7.52 -1.98 -7.53
N THR E 109 -7.52 -3.02 -6.70
CA THR E 109 -6.39 -3.15 -5.79
C THR E 109 -5.14 -3.60 -6.55
N VAL E 110 -3.97 -3.35 -5.94
CA VAL E 110 -2.72 -3.77 -6.53
C VAL E 110 -2.71 -5.29 -6.62
N ALA E 111 -2.29 -5.79 -7.77
CA ALA E 111 -2.22 -7.22 -8.04
C ALA E 111 -0.90 -7.51 -8.72
N ALA E 112 -0.06 -8.30 -8.08
CA ALA E 112 1.24 -8.61 -8.63
C ALA E 112 1.07 -9.57 -9.81
N PRO E 113 1.88 -9.43 -10.86
CA PRO E 113 1.83 -10.42 -11.94
C PRO E 113 2.45 -11.74 -11.50
N SER E 114 1.94 -12.82 -12.07
CA SER E 114 2.68 -14.07 -12.06
C SER E 114 3.48 -14.11 -13.37
N VAL E 115 4.76 -14.44 -13.25
CA VAL E 115 5.72 -14.32 -14.35
C VAL E 115 6.13 -15.70 -14.83
N PHE E 116 6.24 -15.84 -16.15
CA PHE E 116 6.66 -17.08 -16.81
C PHE E 116 7.60 -16.76 -17.96
N ILE E 117 8.59 -17.61 -18.19
CA ILE E 117 9.54 -17.42 -19.29
C ILE E 117 9.50 -18.64 -20.20
N PHE E 118 9.58 -18.40 -21.50
CA PHE E 118 9.40 -19.45 -22.50
C PHE E 118 10.58 -19.47 -23.46
N PRO E 119 11.45 -20.47 -23.40
CA PRO E 119 12.53 -20.57 -24.37
C PRO E 119 11.98 -20.77 -25.77
N PRO E 120 12.76 -20.51 -26.80
CA PRO E 120 12.31 -20.83 -28.15
C PRO E 120 12.40 -22.33 -28.37
N SER E 121 11.41 -22.87 -29.07
CA SER E 121 11.42 -24.28 -29.41
C SER E 121 12.24 -24.50 -30.68
N ASP E 122 12.94 -25.62 -30.74
CA ASP E 122 13.87 -25.87 -31.85
C ASP E 122 13.17 -25.84 -33.19
N GLU E 123 11.85 -26.05 -33.20
CA GLU E 123 11.03 -25.85 -34.39
C GLU E 123 11.30 -24.49 -35.02
N GLN E 124 11.22 -23.42 -34.22
CA GLN E 124 11.46 -22.08 -34.75
C GLN E 124 12.93 -21.86 -35.11
N LEU E 125 13.84 -22.49 -34.35
CA LEU E 125 15.26 -22.24 -34.59
C LEU E 125 15.66 -22.62 -36.00
N LYS E 126 15.06 -23.69 -36.54
CA LYS E 126 15.39 -24.18 -37.88
C LYS E 126 15.21 -23.12 -38.96
N SER E 127 14.45 -22.05 -38.69
CA SER E 127 14.24 -21.00 -39.68
C SER E 127 15.19 -19.82 -39.53
N GLY E 128 16.03 -19.81 -38.49
CA GLY E 128 17.04 -18.78 -38.33
C GLY E 128 16.71 -17.69 -37.33
N THR E 129 15.56 -17.76 -36.66
CA THR E 129 15.16 -16.76 -35.69
C THR E 129 14.80 -17.46 -34.39
N ALA E 130 14.99 -16.76 -33.28
CA ALA E 130 14.67 -17.26 -31.94
C ALA E 130 13.82 -16.21 -31.23
N SER E 131 12.68 -16.65 -30.68
CA SER E 131 11.79 -15.79 -29.92
C SER E 131 11.79 -16.25 -28.46
N VAL E 132 12.15 -15.37 -27.54
CA VAL E 132 12.06 -15.63 -26.11
C VAL E 132 10.90 -14.79 -25.57
N VAL E 133 10.00 -15.43 -24.83
CA VAL E 133 8.75 -14.79 -24.43
C VAL E 133 8.70 -14.76 -22.90
N CYS E 134 8.42 -13.58 -22.36
CA CYS E 134 8.16 -13.37 -20.94
C CYS E 134 6.71 -12.95 -20.75
N LEU E 135 6.01 -13.62 -19.84
CA LEU E 135 4.58 -13.43 -19.66
C LEU E 135 4.31 -12.89 -18.27
N LEU E 136 3.59 -11.78 -18.19
CA LEU E 136 3.13 -11.21 -16.91
C LEU E 136 1.62 -11.33 -16.89
N ASN E 137 1.09 -12.10 -15.96
CA ASN E 137 -0.31 -12.49 -16.00
C ASN E 137 -1.07 -11.81 -14.89
N ASN E 138 -2.15 -11.10 -15.25
CA ASN E 138 -3.18 -10.59 -14.34
C ASN E 138 -2.59 -9.71 -13.24
N PHE E 139 -2.20 -8.51 -13.63
CA PHE E 139 -1.58 -7.58 -12.71
C PHE E 139 -2.26 -6.21 -12.79
N TYR E 140 -2.05 -5.41 -11.75
CA TYR E 140 -2.59 -4.06 -11.68
C TYR E 140 -1.76 -3.31 -10.65
N PRO E 141 -1.36 -2.06 -10.91
CA PRO E 141 -1.67 -1.24 -12.08
C PRO E 141 -0.88 -1.62 -13.34
N ARG E 142 -1.07 -0.83 -14.39
CA ARG E 142 -0.53 -1.18 -15.69
CA ARG E 142 -0.53 -1.16 -15.70
C ARG E 142 1.00 -1.04 -15.75
N GLU E 143 1.57 -0.08 -15.03
CA GLU E 143 3.00 0.18 -15.13
C GLU E 143 3.79 -1.02 -14.61
N ALA E 144 4.66 -1.54 -15.46
CA ALA E 144 5.55 -2.63 -15.08
C ALA E 144 6.83 -2.48 -15.88
N LYS E 145 7.96 -2.77 -15.24
CA LYS E 145 9.26 -2.68 -15.91
C LYS E 145 9.75 -4.09 -16.16
N VAL E 146 9.98 -4.42 -17.43
CA VAL E 146 10.35 -5.76 -17.85
C VAL E 146 11.67 -5.65 -18.60
N GLN E 147 12.74 -6.18 -18.02
CA GLN E 147 14.08 -6.10 -18.60
C GLN E 147 14.60 -7.48 -18.95
N TRP E 148 15.09 -7.62 -20.18
CA TRP E 148 15.75 -8.82 -20.66
C TRP E 148 17.25 -8.73 -20.39
N LYS E 149 17.81 -9.79 -19.81
CA LYS E 149 19.24 -9.84 -19.51
C LYS E 149 19.77 -11.16 -20.04
N VAL E 150 20.78 -11.09 -20.91
CA VAL E 150 21.36 -12.26 -21.54
C VAL E 150 22.82 -12.32 -21.11
N ASP E 151 23.16 -13.36 -20.34
CA ASP E 151 24.45 -13.46 -19.67
C ASP E 151 24.80 -12.15 -18.97
N ASN E 152 23.82 -11.63 -18.22
CA ASN E 152 23.88 -10.38 -17.46
C ASN E 152 23.96 -9.13 -18.33
N ALA E 153 23.88 -9.23 -19.66
CA ALA E 153 23.88 -8.05 -20.51
C ALA E 153 22.46 -7.56 -20.72
N LEU E 154 22.19 -6.34 -20.29
CA LEU E 154 20.88 -5.72 -20.49
C LEU E 154 20.62 -5.53 -21.98
N GLN E 155 19.48 -6.04 -22.46
CA GLN E 155 19.13 -5.96 -23.87
C GLN E 155 18.32 -4.71 -24.16
N SER E 156 18.53 -4.14 -25.36
CA SER E 156 17.83 -2.93 -25.78
C SER E 156 17.51 -3.00 -27.27
N GLY E 157 16.33 -2.56 -27.63
CA GLY E 157 15.97 -2.45 -29.03
C GLY E 157 15.60 -3.74 -29.74
N ASN E 158 15.67 -4.89 -29.08
CA ASN E 158 15.31 -6.16 -29.69
C ASN E 158 14.14 -6.84 -28.99
N SER E 159 13.27 -6.08 -28.34
CA SER E 159 12.10 -6.69 -27.73
C SER E 159 10.87 -5.82 -27.94
N GLN E 160 9.70 -6.44 -27.93
CA GLN E 160 8.45 -5.73 -28.12
C GLN E 160 7.48 -6.20 -27.05
N GLU E 161 6.63 -5.29 -26.57
CA GLU E 161 5.62 -5.62 -25.56
C GLU E 161 4.23 -5.56 -26.15
N SER E 162 3.36 -6.41 -25.65
CA SER E 162 1.96 -6.37 -26.03
C SER E 162 1.14 -6.52 -24.75
N VAL E 163 0.07 -5.73 -24.61
CA VAL E 163 -0.71 -5.71 -23.38
C VAL E 163 -2.16 -5.93 -23.74
N THR E 164 -2.85 -6.78 -22.98
CA THR E 164 -4.27 -6.94 -23.19
C THR E 164 -5.02 -5.69 -22.71
N GLU E 165 -6.28 -5.59 -23.13
CA GLU E 165 -7.19 -4.63 -22.51
C GLU E 165 -7.53 -5.08 -21.09
N GLN E 166 -7.92 -4.11 -20.26
CA GLN E 166 -8.32 -4.41 -18.90
C GLN E 166 -9.40 -5.49 -18.89
N ASP E 167 -9.16 -6.53 -18.11
CA ASP E 167 -10.04 -7.69 -18.13
C ASP E 167 -11.45 -7.30 -17.67
N SER E 168 -12.46 -7.85 -18.34
CA SER E 168 -13.84 -7.43 -18.08
C SER E 168 -14.31 -7.85 -16.70
N LYS E 169 -13.74 -8.92 -16.14
CA LYS E 169 -14.16 -9.45 -14.85
C LYS E 169 -13.29 -9.01 -13.67
N ASP E 170 -11.96 -9.09 -13.77
CA ASP E 170 -11.10 -8.76 -12.63
C ASP E 170 -10.28 -7.48 -12.81
N SER E 171 -10.44 -6.77 -13.93
CA SER E 171 -9.83 -5.46 -14.17
C SER E 171 -8.30 -5.51 -14.17
N THR E 172 -7.70 -6.66 -14.41
CA THR E 172 -6.24 -6.72 -14.48
C THR E 172 -5.78 -6.62 -15.93
N TYR E 173 -4.46 -6.48 -16.07
CA TYR E 173 -3.76 -6.47 -17.33
C TYR E 173 -2.90 -7.72 -17.40
N SER E 174 -2.66 -8.20 -18.62
CA SER E 174 -1.62 -9.18 -18.87
C SER E 174 -0.69 -8.62 -19.94
N LEU E 175 0.57 -9.00 -19.89
CA LEU E 175 1.59 -8.42 -20.77
C LEU E 175 2.51 -9.52 -21.26
N SER E 176 2.88 -9.46 -22.54
CA SER E 176 3.94 -10.30 -23.09
C SER E 176 5.07 -9.40 -23.54
N SER E 177 6.29 -9.81 -23.25
CA SER E 177 7.48 -9.19 -23.83
C SER E 177 8.22 -10.27 -24.58
N THR E 178 8.50 -10.03 -25.86
CA THR E 178 9.09 -11.01 -26.73
C THR E 178 10.46 -10.52 -27.18
N LEU E 179 11.48 -11.32 -26.89
CA LEU E 179 12.87 -11.02 -27.25
C LEU E 179 13.20 -11.79 -28.53
N THR E 180 13.62 -11.08 -29.59
CA THR E 180 13.87 -11.69 -30.89
C THR E 180 15.34 -11.55 -31.24
N LEU E 181 16.03 -12.68 -31.39
CA LEU E 181 17.43 -12.75 -31.77
C LEU E 181 17.58 -13.70 -32.94
N SER E 182 18.61 -13.48 -33.76
CA SER E 182 18.94 -14.49 -34.76
C SER E 182 19.33 -15.78 -34.05
N LYS E 183 19.16 -16.91 -34.75
CA LYS E 183 19.63 -18.18 -34.19
C LYS E 183 21.11 -18.08 -33.82
N ALA E 184 21.90 -17.41 -34.66
CA ALA E 184 23.32 -17.23 -34.37
C ALA E 184 23.53 -16.53 -33.03
N ASP E 185 22.87 -15.39 -32.83
CA ASP E 185 23.07 -14.64 -31.59
C ASP E 185 22.55 -15.41 -30.39
N TYR E 186 21.45 -16.14 -30.57
CA TYR E 186 20.90 -16.91 -29.46
C TYR E 186 21.88 -17.95 -28.96
N GLU E 187 22.53 -18.67 -29.88
CA GLU E 187 23.44 -19.74 -29.46
C GLU E 187 24.76 -19.23 -28.91
N LYS E 188 25.10 -17.95 -29.15
CA LYS E 188 26.30 -17.37 -28.58
C LYS E 188 26.22 -17.16 -27.08
N HIS E 189 25.09 -17.43 -26.44
CA HIS E 189 24.92 -17.09 -25.04
C HIS E 189 24.21 -18.22 -24.30
N LYS E 190 24.25 -18.13 -22.99
CA LYS E 190 23.79 -19.20 -22.11
C LYS E 190 22.52 -18.81 -21.37
N VAL E 191 22.59 -17.81 -20.50
CA VAL E 191 21.53 -17.52 -19.53
C VAL E 191 20.65 -16.42 -20.09
N TYR E 192 19.37 -16.72 -20.25
CA TYR E 192 18.37 -15.76 -20.70
C TYR E 192 17.41 -15.51 -19.53
N ALA E 193 17.30 -14.24 -19.13
CA ALA E 193 16.52 -13.90 -17.94
C ALA E 193 15.59 -12.74 -18.23
N CYS E 194 14.41 -12.80 -17.65
CA CYS E 194 13.43 -11.73 -17.69
C CYS E 194 13.24 -11.20 -16.28
N GLU E 195 13.42 -9.91 -16.07
CA GLU E 195 13.33 -9.32 -14.74
C GLU E 195 12.16 -8.34 -14.71
N VAL E 196 11.24 -8.55 -13.75
CA VAL E 196 9.98 -7.82 -13.71
C VAL E 196 9.93 -7.01 -12.43
N THR E 197 9.81 -5.69 -12.57
CA THR E 197 9.64 -4.77 -11.46
C THR E 197 8.19 -4.28 -11.47
N HIS E 198 7.49 -4.44 -10.35
CA HIS E 198 6.09 -4.03 -10.30
C HIS E 198 5.73 -3.71 -8.86
N GLN E 199 4.89 -2.68 -8.71
CA GLN E 199 4.48 -2.23 -7.38
C GLN E 199 3.92 -3.37 -6.53
N GLY E 200 3.26 -4.35 -7.15
CA GLY E 200 2.73 -5.47 -6.40
C GLY E 200 3.75 -6.47 -5.92
N LEU E 201 5.03 -6.29 -6.28
CA LEU E 201 6.10 -7.23 -5.93
C LEU E 201 7.03 -6.57 -4.92
N SER E 202 7.22 -7.20 -3.76
CA SER E 202 8.14 -6.65 -2.76
C SER E 202 9.55 -6.53 -3.32
N SER E 203 9.97 -7.51 -4.11
CA SER E 203 11.22 -7.46 -4.85
C SER E 203 10.96 -7.85 -6.29
N PRO E 204 11.73 -7.30 -7.23
CA PRO E 204 11.63 -7.75 -8.62
C PRO E 204 11.78 -9.26 -8.73
N VAL E 205 11.06 -9.84 -9.68
CA VAL E 205 11.08 -11.28 -9.93
C VAL E 205 11.91 -11.53 -11.18
N THR E 206 12.77 -12.53 -11.11
CA THR E 206 13.54 -12.97 -12.27
C THR E 206 13.11 -14.38 -12.64
N LYS E 207 12.83 -14.60 -13.92
CA LYS E 207 12.67 -15.95 -14.46
C LYS E 207 13.73 -16.14 -15.53
N SER E 208 14.41 -17.27 -15.50
CA SER E 208 15.53 -17.51 -16.39
C SER E 208 15.57 -18.96 -16.85
N PHE E 209 16.42 -19.23 -17.82
CA PHE E 209 16.72 -20.59 -18.23
C PHE E 209 18.09 -20.61 -18.86
N ASN E 210 18.74 -21.78 -18.81
CA ASN E 210 19.98 -22.03 -19.52
C ASN E 210 19.67 -22.58 -20.91
N ARG E 211 20.15 -21.88 -21.94
CA ARG E 211 19.95 -22.32 -23.31
C ARG E 211 20.31 -23.79 -23.46
N GLY E 212 19.30 -24.63 -23.70
CA GLY E 212 19.52 -26.04 -23.96
C GLY E 212 19.31 -26.94 -22.77
N GLU E 213 18.21 -26.76 -22.04
CA GLU E 213 17.92 -27.59 -20.88
C GLU E 213 16.41 -27.84 -20.73
N GLU F 1 -32.27 10.41 -36.35
CA GLU F 1 -32.44 9.08 -36.93
C GLU F 1 -31.43 8.91 -38.07
N VAL F 2 -30.61 9.94 -38.28
CA VAL F 2 -29.53 9.94 -39.26
C VAL F 2 -28.84 8.58 -39.29
N GLN F 3 -28.65 8.02 -40.48
CA GLN F 3 -27.89 6.79 -40.65
C GLN F 3 -26.78 7.06 -41.65
N LEU F 4 -25.57 6.65 -41.30
CA LEU F 4 -24.39 6.78 -42.15
C LEU F 4 -23.65 5.46 -42.12
N VAL F 5 -23.20 4.99 -43.28
CA VAL F 5 -22.47 3.72 -43.38
C VAL F 5 -21.34 3.87 -44.40
N GLU F 6 -20.10 3.76 -43.95
CA GLU F 6 -18.94 3.82 -44.85
C GLU F 6 -18.64 2.43 -45.39
N THR F 7 -18.25 2.39 -46.66
CA THR F 7 -17.81 1.15 -47.27
C THR F 7 -16.63 1.47 -48.17
N GLY F 8 -15.91 0.41 -48.54
CA GLY F 8 -14.83 0.52 -49.49
C GLY F 8 -13.46 0.41 -48.90
N GLY F 9 -13.33 0.28 -47.58
CA GLY F 9 -12.02 0.11 -46.99
C GLY F 9 -11.43 -1.25 -47.30
N GLY F 10 -10.11 -1.34 -47.15
CA GLY F 10 -9.42 -2.58 -47.38
C GLY F 10 -7.93 -2.36 -47.42
N LEU F 11 -7.23 -3.31 -48.03
CA LEU F 11 -5.78 -3.31 -48.09
C LEU F 11 -5.33 -2.79 -49.45
N VAL F 12 -4.30 -1.94 -49.45
CA VAL F 12 -3.77 -1.31 -50.66
C VAL F 12 -2.26 -1.27 -50.53
N LYS F 13 -1.57 -1.41 -51.66
CA LYS F 13 -0.13 -1.23 -51.67
C LYS F 13 0.21 0.27 -51.66
N PRO F 14 1.37 0.63 -51.10
CA PRO F 14 1.82 2.02 -51.20
C PRO F 14 1.78 2.53 -52.64
N GLY F 15 1.35 3.78 -52.80
CA GLY F 15 1.19 4.38 -54.11
C GLY F 15 -0.13 4.07 -54.78
N GLY F 16 -0.92 3.15 -54.23
CA GLY F 16 -2.17 2.74 -54.83
C GLY F 16 -3.31 3.71 -54.57
N SER F 17 -4.49 3.32 -55.04
CA SER F 17 -5.68 4.15 -55.00
C SER F 17 -6.82 3.37 -54.37
N LEU F 18 -7.76 4.08 -53.76
CA LEU F 18 -8.92 3.45 -53.15
C LEU F 18 -10.05 4.49 -53.07
N ARG F 19 -11.29 4.04 -53.22
CA ARG F 19 -12.43 4.95 -53.13
C ARG F 19 -13.35 4.49 -52.01
N LEU F 20 -13.57 5.37 -51.04
CA LEU F 20 -14.54 5.14 -49.98
C LEU F 20 -15.86 5.78 -50.33
N SER F 21 -16.94 5.12 -49.91
CA SER F 21 -18.30 5.59 -50.07
C SER F 21 -18.99 5.66 -48.71
N CYS F 22 -19.80 6.69 -48.54
CA CYS F 22 -20.59 6.86 -47.34
C CYS F 22 -22.04 7.01 -47.78
N SER F 23 -22.87 6.02 -47.44
CA SER F 23 -24.29 6.04 -47.81
C SER F 23 -25.10 6.66 -46.67
N ALA F 24 -25.82 7.73 -46.99
CA ALA F 24 -26.62 8.44 -46.00
C ALA F 24 -28.09 8.10 -46.19
N SER F 25 -28.85 8.14 -45.11
CA SER F 25 -30.28 7.92 -45.22
C SER F 25 -30.98 8.48 -43.98
N ARG F 26 -32.29 8.66 -44.12
CA ARG F 26 -33.16 9.13 -43.05
C ARG F 26 -32.92 10.59 -42.70
N PHE F 27 -32.27 11.35 -43.59
CA PHE F 27 -32.24 12.80 -43.45
C PHE F 27 -32.05 13.43 -44.83
N SER F 28 -32.20 14.75 -44.89
CA SER F 28 -32.08 15.48 -46.15
C SER F 28 -30.60 15.74 -46.45
N PHE F 29 -29.95 14.74 -47.07
CA PHE F 29 -28.50 14.75 -47.29
C PHE F 29 -28.04 16.02 -48.00
N ARG F 30 -28.74 16.42 -49.05
CA ARG F 30 -28.37 17.60 -49.84
C ARG F 30 -28.27 18.88 -49.02
N ASP F 31 -28.93 18.95 -47.86
CA ASP F 31 -28.94 20.18 -47.09
C ASP F 31 -27.71 20.35 -46.18
N TYR F 32 -26.82 19.36 -46.08
CA TYR F 32 -25.82 19.36 -45.00
C TYR F 32 -24.40 19.27 -45.52
N TYR F 33 -23.50 19.98 -44.83
CA TYR F 33 -22.08 19.70 -45.00
C TYR F 33 -21.80 18.25 -44.59
N MET F 34 -20.88 17.61 -45.28
CA MET F 34 -20.43 16.27 -44.92
C MET F 34 -18.91 16.29 -44.77
N THR F 35 -18.41 15.47 -43.83
CA THR F 35 -17.00 15.52 -43.42
C THR F 35 -16.41 14.11 -43.33
N TRP F 36 -15.14 13.99 -43.66
CA TRP F 36 -14.38 12.77 -43.44
C TRP F 36 -13.39 13.01 -42.31
N ILE F 37 -13.36 12.08 -41.37
CA ILE F 37 -12.48 12.09 -40.20
C ILE F 37 -11.78 10.74 -40.21
N ARG F 38 -10.50 10.70 -39.85
CA ARG F 38 -9.83 9.41 -39.78
C ARG F 38 -9.09 9.27 -38.47
N GLN F 39 -8.81 8.02 -38.11
CA GLN F 39 -8.16 7.75 -36.82
C GLN F 39 -7.20 6.59 -36.98
N ALA F 40 -5.91 6.88 -36.89
CA ALA F 40 -4.89 5.84 -36.91
C ALA F 40 -4.90 5.09 -35.57
N PRO F 41 -4.51 3.82 -35.57
CA PRO F 41 -4.56 3.04 -34.32
C PRO F 41 -3.76 3.71 -33.21
N GLY F 42 -4.37 3.78 -32.02
CA GLY F 42 -3.76 4.37 -30.86
C GLY F 42 -3.66 5.89 -30.87
N LYS F 43 -4.24 6.57 -31.84
CA LYS F 43 -4.15 8.01 -31.91
C LYS F 43 -5.55 8.62 -31.85
N GLY F 44 -5.58 9.95 -31.69
CA GLY F 44 -6.81 10.70 -31.73
C GLY F 44 -7.31 10.86 -33.17
N PRO F 45 -8.58 11.21 -33.33
CA PRO F 45 -9.10 11.43 -34.68
C PRO F 45 -8.43 12.63 -35.32
N GLU F 46 -8.46 12.65 -36.66
CA GLU F 46 -7.81 13.67 -37.46
C GLU F 46 -8.80 14.09 -38.53
N TRP F 47 -9.12 15.39 -38.63
CA TRP F 47 -10.00 15.87 -39.69
C TRP F 47 -9.32 15.70 -41.05
N VAL F 48 -10.06 15.22 -42.05
CA VAL F 48 -9.48 14.94 -43.36
C VAL F 48 -9.96 15.94 -44.42
N SER F 49 -11.28 16.18 -44.49
CA SER F 49 -11.88 16.95 -45.59
C SER F 49 -13.35 17.28 -45.30
N HIS F 50 -13.81 18.43 -45.82
CA HIS F 50 -15.21 18.89 -45.77
C HIS F 50 -15.73 19.10 -47.18
N ILE F 51 -17.05 18.93 -47.37
CA ILE F 51 -17.71 19.34 -48.61
C ILE F 51 -19.12 19.85 -48.28
N SER F 52 -19.46 21.02 -48.83
CA SER F 52 -20.76 21.63 -48.56
C SER F 52 -21.87 20.82 -49.22
N GLY F 53 -23.11 21.13 -48.83
CA GLY F 53 -24.25 20.44 -49.41
C GLY F 53 -24.25 20.50 -50.93
N SER F 54 -23.95 21.66 -51.49
CA SER F 54 -23.95 21.82 -52.93
C SER F 54 -22.70 21.25 -53.59
N GLY F 55 -21.65 20.99 -52.82
CA GLY F 55 -20.40 20.56 -53.40
C GLY F 55 -19.48 21.68 -53.81
N SER F 56 -19.89 22.94 -53.64
CA SER F 56 -19.10 24.04 -54.16
C SER F 56 -18.01 24.52 -53.22
N THR F 57 -18.04 24.13 -51.94
CA THR F 57 -16.99 24.48 -50.99
C THR F 57 -16.35 23.20 -50.49
N ILE F 58 -15.03 23.11 -50.63
CA ILE F 58 -14.29 21.89 -50.32
C ILE F 58 -12.98 22.30 -49.66
N TYR F 59 -12.63 21.61 -48.58
CA TYR F 59 -11.34 21.83 -47.90
C TYR F 59 -10.70 20.50 -47.58
N TYR F 60 -9.37 20.49 -47.55
CA TYR F 60 -8.56 19.30 -47.25
C TYR F 60 -7.54 19.62 -46.17
N ALA F 61 -7.25 18.63 -45.33
CA ALA F 61 -6.09 18.73 -44.45
C ALA F 61 -4.81 18.79 -45.28
N ASP F 62 -3.81 19.52 -44.77
CA ASP F 62 -2.50 19.54 -45.43
C ASP F 62 -1.98 18.13 -45.69
N SER F 63 -2.22 17.20 -44.76
CA SER F 63 -1.65 15.87 -44.91
C SER F 63 -2.19 15.10 -46.12
N VAL F 64 -3.33 15.50 -46.68
CA VAL F 64 -3.93 14.76 -47.79
C VAL F 64 -4.12 15.61 -49.04
N ARG F 65 -3.93 16.93 -48.96
CA ARG F 65 -4.21 17.78 -50.11
C ARG F 65 -3.36 17.36 -51.29
N GLY F 66 -3.96 17.40 -52.48
CA GLY F 66 -3.27 16.97 -53.68
C GLY F 66 -3.24 15.47 -53.87
N ARG F 67 -3.67 14.70 -52.89
CA ARG F 67 -3.77 13.25 -53.03
C ARG F 67 -5.18 12.73 -52.90
N PHE F 68 -6.00 13.31 -52.02
CA PHE F 68 -7.36 12.86 -51.84
C PHE F 68 -8.33 13.82 -52.55
N THR F 69 -9.48 13.29 -53.00
CA THR F 69 -10.55 14.12 -53.56
C THR F 69 -11.88 13.73 -52.94
N ILE F 70 -12.57 14.69 -52.37
CA ILE F 70 -13.90 14.48 -51.78
C ILE F 70 -14.93 14.90 -52.81
N SER F 71 -16.05 14.18 -52.85
CA SER F 71 -17.16 14.50 -53.74
C SER F 71 -18.43 13.92 -53.14
N ARG F 72 -19.56 14.32 -53.69
CA ARG F 72 -20.83 13.78 -53.22
C ARG F 72 -21.79 13.65 -54.41
N ASP F 73 -22.80 12.83 -54.22
CA ASP F 73 -23.87 12.66 -55.22
C ASP F 73 -25.16 12.80 -54.43
N ASN F 74 -25.77 14.00 -54.46
CA ASN F 74 -26.92 14.23 -53.60
C ASN F 74 -28.11 13.38 -54.01
N ALA F 75 -28.28 13.13 -55.32
CA ALA F 75 -29.38 12.28 -55.76
C ALA F 75 -29.24 10.87 -55.20
N LYS F 76 -28.01 10.40 -55.02
CA LYS F 76 -27.78 9.09 -54.43
C LYS F 76 -27.59 9.14 -52.92
N SER F 77 -27.57 10.34 -52.32
CA SER F 77 -27.34 10.49 -50.88
C SER F 77 -26.02 9.81 -50.47
N SER F 78 -24.97 10.09 -51.22
CA SER F 78 -23.69 9.41 -51.03
C SER F 78 -22.56 10.42 -51.03
N LEU F 79 -21.61 10.19 -50.13
CA LEU F 79 -20.35 10.92 -50.00
C LEU F 79 -19.20 9.99 -50.38
N TYR F 80 -18.21 10.53 -51.10
CA TYR F 80 -17.09 9.72 -51.56
C TYR F 80 -15.78 10.35 -51.12
N LEU F 81 -14.76 9.50 -50.99
CA LEU F 81 -13.38 9.95 -50.83
C LEU F 81 -12.52 9.13 -51.77
N GLN F 82 -12.02 9.77 -52.84
CA GLN F 82 -11.04 9.15 -53.72
C GLN F 82 -9.67 9.40 -53.10
N MET F 83 -8.94 8.33 -52.84
CA MET F 83 -7.62 8.41 -52.24
C MET F 83 -6.61 7.90 -53.25
N ASP F 84 -5.71 8.76 -53.69
CA ASP F 84 -4.63 8.38 -54.59
C ASP F 84 -3.29 8.49 -53.85
N SER F 85 -2.23 7.94 -54.45
CA SER F 85 -0.87 8.06 -53.93
C SER F 85 -0.79 7.69 -52.44
N LEU F 86 -1.50 6.62 -52.09
CA LEU F 86 -1.67 6.27 -50.69
C LEU F 86 -0.34 5.96 -50.02
N GLN F 87 -0.27 6.25 -48.73
CA GLN F 87 0.95 6.13 -47.94
C GLN F 87 0.66 5.27 -46.74
N ALA F 88 1.72 4.65 -46.20
CA ALA F 88 1.58 3.85 -44.98
C ALA F 88 0.90 4.64 -43.87
N ASP F 89 1.24 5.94 -43.74
CA ASP F 89 0.61 6.70 -42.67
C ASP F 89 -0.82 7.14 -42.98
N ASP F 90 -1.39 6.72 -44.12
CA ASP F 90 -2.83 6.86 -44.33
C ASP F 90 -3.61 5.73 -43.69
N THR F 91 -2.94 4.72 -43.14
CA THR F 91 -3.62 3.60 -42.49
C THR F 91 -4.41 4.11 -41.30
N ALA F 92 -5.72 3.84 -41.31
CA ALA F 92 -6.62 4.45 -40.33
C ALA F 92 -8.02 3.92 -40.54
N VAL F 93 -8.86 4.05 -39.50
CA VAL F 93 -10.29 3.92 -39.71
C VAL F 93 -10.81 5.24 -40.23
N TYR F 94 -11.55 5.21 -41.33
CA TYR F 94 -12.13 6.41 -41.93
C TYR F 94 -13.61 6.48 -41.60
N TYR F 95 -14.05 7.64 -41.09
CA TYR F 95 -15.44 7.89 -40.73
C TYR F 95 -16.01 9.00 -41.58
N CYS F 96 -17.25 8.85 -42.05
CA CYS F 96 -17.95 10.04 -42.50
C CYS F 96 -18.83 10.56 -41.38
N ALA F 97 -19.13 11.85 -41.46
CA ALA F 97 -19.90 12.49 -40.40
C ALA F 97 -20.72 13.63 -40.99
N ARG F 98 -21.89 13.84 -40.44
CA ARG F 98 -22.74 14.94 -40.88
C ARG F 98 -22.33 16.22 -40.20
N GLY F 99 -22.20 17.29 -40.97
CA GLY F 99 -21.99 18.62 -40.43
C GLY F 99 -23.31 19.33 -40.21
N GLY F 100 -23.26 20.66 -40.24
CA GLY F 100 -24.45 21.48 -40.25
C GLY F 100 -24.84 21.88 -41.67
N ARG F 101 -25.82 22.78 -41.74
CA ARG F 101 -26.26 23.26 -43.05
C ARG F 101 -25.23 24.20 -43.67
N ALA F 102 -24.60 25.06 -42.86
CA ALA F 102 -23.64 26.02 -43.37
C ALA F 102 -22.24 25.86 -42.79
N THR F 103 -22.06 24.98 -41.82
CA THR F 103 -20.78 24.81 -41.16
C THR F 103 -20.60 23.34 -40.84
N SER F 104 -19.37 22.95 -40.47
CA SER F 104 -19.12 21.57 -40.01
C SER F 104 -17.99 21.64 -38.98
N TYR F 105 -18.34 22.04 -37.75
CA TYR F 105 -17.39 22.34 -36.68
C TYR F 105 -17.16 21.17 -35.73
N TYR F 106 -18.15 20.31 -35.57
CA TYR F 106 -18.10 19.16 -34.67
C TYR F 106 -19.22 18.24 -35.12
N TRP F 107 -19.27 17.02 -34.58
CA TRP F 107 -20.05 15.99 -35.25
C TRP F 107 -20.82 15.14 -34.24
N VAL F 108 -22.14 15.15 -34.39
CA VAL F 108 -23.01 14.26 -33.62
C VAL F 108 -23.14 12.90 -34.31
N HIS F 109 -23.35 12.90 -35.63
CA HIS F 109 -23.68 11.70 -36.38
C HIS F 109 -22.47 11.22 -37.15
N TRP F 110 -22.04 10.00 -36.86
CA TRP F 110 -20.89 9.36 -37.46
C TRP F 110 -21.33 8.01 -38.02
N GLY F 111 -20.65 7.56 -39.06
CA GLY F 111 -20.77 6.18 -39.46
C GLY F 111 -19.95 5.28 -38.55
N PRO F 112 -20.09 3.97 -38.75
CA PRO F 112 -19.30 3.03 -37.93
C PRO F 112 -17.83 2.96 -38.31
N GLY F 113 -17.42 3.54 -39.45
CA GLY F 113 -16.04 3.55 -39.87
C GLY F 113 -15.71 2.40 -40.82
N THR F 114 -14.69 2.61 -41.64
CA THR F 114 -14.19 1.57 -42.53
C THR F 114 -12.67 1.61 -42.49
N LEU F 115 -12.04 0.44 -42.39
CA LEU F 115 -10.60 0.35 -42.15
C LEU F 115 -9.84 0.35 -43.48
N VAL F 116 -8.84 1.23 -43.59
CA VAL F 116 -7.94 1.28 -44.74
C VAL F 116 -6.55 0.94 -44.23
N THR F 117 -5.94 -0.09 -44.82
CA THR F 117 -4.59 -0.49 -44.48
C THR F 117 -3.71 -0.37 -45.71
N VAL F 118 -2.60 0.34 -45.58
CA VAL F 118 -1.68 0.55 -46.69
C VAL F 118 -0.37 -0.12 -46.31
N SER F 119 0.00 -1.19 -47.02
CA SER F 119 1.23 -1.89 -46.72
C SER F 119 1.78 -2.59 -47.97
N SER F 120 3.11 -2.72 -48.05
CA SER F 120 3.73 -3.47 -49.12
C SER F 120 3.76 -4.97 -48.87
N ALA F 121 3.39 -5.43 -47.68
CA ALA F 121 3.57 -6.84 -47.34
C ALA F 121 2.62 -7.71 -48.16
N SER F 122 3.05 -8.95 -48.40
CA SER F 122 2.27 -9.91 -49.15
C SER F 122 1.60 -10.91 -48.20
N THR F 123 0.48 -11.47 -48.67
CA THR F 123 -0.24 -12.44 -47.87
C THR F 123 0.66 -13.59 -47.46
N LYS F 124 0.55 -14.00 -46.21
CA LYS F 124 1.42 -15.01 -45.64
C LYS F 124 0.73 -15.60 -44.42
N GLY F 125 0.56 -16.92 -44.40
CA GLY F 125 0.01 -17.59 -43.26
C GLY F 125 1.01 -17.60 -42.13
N PRO F 126 0.56 -17.81 -40.90
CA PRO F 126 1.48 -17.75 -39.77
C PRO F 126 2.20 -19.07 -39.55
N SER F 127 3.37 -18.98 -38.95
CA SER F 127 4.00 -20.12 -38.31
C SER F 127 3.54 -20.16 -36.86
N VAL F 128 3.32 -21.37 -36.34
CA VAL F 128 2.84 -21.55 -34.98
C VAL F 128 3.84 -22.41 -34.22
N PHE F 129 4.37 -21.86 -33.12
CA PHE F 129 5.36 -22.48 -32.27
C PHE F 129 4.82 -22.59 -30.87
N PRO F 130 5.17 -23.65 -30.14
CA PRO F 130 4.63 -23.81 -28.78
C PRO F 130 5.40 -23.00 -27.77
N LEU F 131 4.66 -22.39 -26.85
CA LEU F 131 5.22 -21.88 -25.60
C LEU F 131 5.03 -23.00 -24.58
N ALA F 132 5.99 -23.93 -24.56
CA ALA F 132 5.82 -25.14 -23.78
C ALA F 132 5.86 -24.83 -22.28
N PRO F 133 5.06 -25.51 -21.46
CA PRO F 133 5.03 -25.22 -20.02
C PRO F 133 6.31 -25.66 -19.35
N SER F 134 6.54 -25.08 -18.17
CA SER F 134 7.79 -25.29 -17.43
C SER F 134 7.83 -26.68 -16.80
N GLY F 141 0.89 -24.66 -8.21
CA GLY F 141 0.12 -25.67 -8.91
C GLY F 141 -0.37 -25.22 -10.27
N THR F 142 -0.09 -23.98 -10.63
CA THR F 142 -0.53 -23.38 -11.89
C THR F 142 0.64 -23.28 -12.85
N ALA F 143 0.42 -23.73 -14.08
CA ALA F 143 1.40 -23.61 -15.16
C ALA F 143 0.79 -22.78 -16.29
N ALA F 144 1.66 -22.04 -16.97
CA ALA F 144 1.28 -21.28 -18.15
C ALA F 144 1.85 -21.94 -19.38
N LEU F 145 1.06 -21.98 -20.45
CA LEU F 145 1.54 -22.44 -21.74
C LEU F 145 0.87 -21.62 -22.82
N GLY F 146 1.31 -21.78 -24.06
CA GLY F 146 0.65 -21.08 -25.12
C GLY F 146 1.23 -21.36 -26.48
N CYS F 147 0.90 -20.46 -27.40
CA CYS F 147 1.26 -20.56 -28.80
C CYS F 147 1.75 -19.21 -29.29
N LEU F 148 2.92 -19.21 -29.92
CA LEU F 148 3.42 -18.02 -30.59
C LEU F 148 2.97 -18.08 -32.05
N VAL F 149 2.17 -17.11 -32.46
CA VAL F 149 1.64 -17.05 -33.81
C VAL F 149 2.39 -15.93 -34.52
N LYS F 150 3.35 -16.29 -35.36
CA LYS F 150 4.37 -15.36 -35.83
C LYS F 150 4.37 -15.25 -37.36
N ASP F 151 4.66 -14.02 -37.83
CA ASP F 151 4.94 -13.72 -39.24
C ASP F 151 3.75 -14.02 -40.15
N TYR F 152 2.62 -13.39 -39.86
CA TYR F 152 1.49 -13.49 -40.76
C TYR F 152 1.07 -12.11 -41.25
N PHE F 153 0.31 -12.12 -42.36
CA PHE F 153 -0.22 -10.92 -42.96
C PHE F 153 -1.32 -11.30 -43.92
N PRO F 154 -2.41 -10.54 -44.01
CA PRO F 154 -2.72 -9.43 -43.11
C PRO F 154 -3.42 -9.94 -41.86
N GLU F 155 -3.84 -9.02 -40.99
CA GLU F 155 -4.73 -9.37 -39.90
C GLU F 155 -6.08 -9.80 -40.45
N PRO F 156 -6.89 -10.55 -39.66
CA PRO F 156 -6.62 -11.07 -38.33
C PRO F 156 -6.33 -12.56 -38.34
N VAL F 157 -5.83 -13.09 -37.25
CA VAL F 157 -5.90 -14.51 -37.01
C VAL F 157 -6.94 -14.71 -35.92
N THR F 158 -7.48 -15.92 -35.86
CA THR F 158 -8.28 -16.34 -34.71
C THR F 158 -7.54 -17.47 -34.02
N VAL F 159 -7.60 -17.48 -32.69
CA VAL F 159 -6.96 -18.53 -31.90
C VAL F 159 -7.96 -19.05 -30.88
N SER F 160 -8.15 -20.36 -30.88
CA SER F 160 -8.93 -21.01 -29.85
C SER F 160 -8.07 -22.08 -29.21
N TRP F 161 -8.56 -22.62 -28.11
CA TRP F 161 -7.87 -23.69 -27.38
C TRP F 161 -8.82 -24.88 -27.27
N ASN F 162 -8.33 -26.05 -27.66
CA ASN F 162 -9.12 -27.27 -27.65
C ASN F 162 -10.42 -27.09 -28.42
N SER F 163 -10.29 -26.53 -29.63
CA SER F 163 -11.41 -26.30 -30.53
C SER F 163 -12.53 -25.49 -29.85
N GLY F 164 -12.15 -24.67 -28.88
CA GLY F 164 -13.10 -23.81 -28.22
C GLY F 164 -13.61 -24.32 -26.89
N ALA F 165 -13.21 -25.54 -26.49
CA ALA F 165 -13.64 -26.08 -25.20
C ALA F 165 -12.91 -25.42 -24.05
N LEU F 166 -11.71 -24.88 -24.30
CA LEU F 166 -10.88 -24.27 -23.25
C LEU F 166 -10.87 -22.76 -23.45
N THR F 167 -11.52 -22.05 -22.53
CA THR F 167 -11.67 -20.60 -22.63
C THR F 167 -11.23 -19.91 -21.35
N SER F 168 -11.34 -20.60 -20.22
CA SER F 168 -10.96 -20.00 -18.94
C SER F 168 -9.46 -19.88 -18.81
N GLY F 169 -8.99 -18.74 -18.33
CA GLY F 169 -7.56 -18.47 -18.19
C GLY F 169 -6.82 -18.11 -19.47
N VAL F 170 -7.52 -17.91 -20.59
CA VAL F 170 -6.87 -17.66 -21.86
C VAL F 170 -6.65 -16.16 -22.03
N HIS F 171 -5.45 -15.79 -22.51
CA HIS F 171 -5.15 -14.42 -22.91
C HIS F 171 -4.54 -14.47 -24.31
N THR F 172 -5.23 -13.90 -25.28
CA THR F 172 -4.68 -13.73 -26.62
C THR F 172 -4.28 -12.27 -26.79
N PHE F 173 -3.01 -12.05 -26.98
CA PHE F 173 -2.52 -10.68 -26.98
C PHE F 173 -2.83 -10.00 -28.31
N PRO F 174 -2.95 -8.68 -28.28
CA PRO F 174 -3.13 -7.95 -29.53
C PRO F 174 -1.92 -8.22 -30.43
N ALA F 175 -2.18 -8.36 -31.73
CA ALA F 175 -1.08 -8.51 -32.67
C ALA F 175 -0.19 -7.26 -32.63
N VAL F 176 1.11 -7.47 -32.83
CA VAL F 176 2.05 -6.35 -33.00
C VAL F 176 2.65 -6.46 -34.39
N LEU F 177 2.74 -5.32 -35.07
CA LEU F 177 3.36 -5.24 -36.39
C LEU F 177 4.86 -5.20 -36.23
N GLN F 178 5.56 -6.21 -36.73
CA GLN F 178 7.00 -6.23 -36.61
C GLN F 178 7.63 -5.38 -37.73
N SER F 179 8.91 -5.10 -37.57
CA SER F 179 9.62 -4.29 -38.57
C SER F 179 9.66 -4.96 -39.93
N SER F 180 9.46 -6.27 -39.98
CA SER F 180 9.36 -7.00 -41.23
C SER F 180 8.08 -6.70 -41.98
N GLY F 181 7.14 -5.96 -41.37
CA GLY F 181 5.83 -5.73 -41.95
C GLY F 181 4.85 -6.87 -41.75
N LEU F 182 5.23 -7.92 -41.03
CA LEU F 182 4.37 -9.04 -40.70
C LEU F 182 3.93 -8.91 -39.25
N TYR F 183 2.75 -9.47 -38.95
CA TYR F 183 2.24 -9.45 -37.58
C TYR F 183 2.70 -10.69 -36.81
N SER F 184 2.74 -10.55 -35.48
CA SER F 184 2.86 -11.72 -34.62
C SER F 184 2.09 -11.48 -33.34
N LEU F 185 1.76 -12.57 -32.67
CA LEU F 185 1.12 -12.48 -31.37
C LEU F 185 1.35 -13.79 -30.64
N SER F 186 1.09 -13.77 -29.34
CA SER F 186 1.04 -14.97 -28.53
C SER F 186 -0.35 -15.12 -27.92
N SER F 187 -0.77 -16.37 -27.79
CA SER F 187 -1.94 -16.71 -26.97
C SER F 187 -1.48 -17.63 -25.86
N VAL F 188 -1.85 -17.31 -24.62
CA VAL F 188 -1.42 -18.09 -23.46
C VAL F 188 -2.65 -18.51 -22.68
N VAL F 189 -2.45 -19.48 -21.79
CA VAL F 189 -3.50 -19.95 -20.91
C VAL F 189 -2.81 -20.48 -19.66
N THR F 190 -3.43 -20.23 -18.51
CA THR F 190 -2.95 -20.77 -17.25
C THR F 190 -3.86 -21.91 -16.82
N VAL F 191 -3.26 -23.05 -16.50
CA VAL F 191 -3.99 -24.26 -16.15
C VAL F 191 -3.34 -24.88 -14.93
N PRO F 192 -4.09 -25.68 -14.16
CA PRO F 192 -3.47 -26.42 -13.05
C PRO F 192 -2.39 -27.35 -13.57
N SER F 193 -1.21 -27.29 -12.95
CA SER F 193 -0.08 -28.10 -13.37
C SER F 193 -0.31 -29.59 -13.14
N SER F 194 -1.25 -29.94 -12.27
CA SER F 194 -1.58 -31.34 -12.04
C SER F 194 -2.14 -32.01 -13.29
N SER F 195 -2.65 -31.22 -14.25
CA SER F 195 -3.23 -31.75 -15.48
C SER F 195 -2.24 -31.80 -16.62
N LEU F 196 -0.98 -31.46 -16.38
CA LEU F 196 0.02 -31.49 -17.46
C LEU F 196 0.26 -32.89 -18.00
N GLY F 197 -0.21 -33.93 -17.31
CA GLY F 197 -0.19 -35.27 -17.85
C GLY F 197 -1.57 -35.70 -18.26
N THR F 198 -2.58 -35.19 -17.56
CA THR F 198 -3.98 -35.52 -17.84
C THR F 198 -4.44 -34.93 -19.17
N GLN F 199 -4.51 -33.60 -19.24
CA GLN F 199 -5.20 -32.92 -20.32
C GLN F 199 -4.27 -32.61 -21.49
N THR F 200 -4.79 -32.78 -22.70
CA THR F 200 -4.08 -32.34 -23.89
C THR F 200 -4.47 -30.91 -24.23
N TYR F 201 -3.51 -30.17 -24.79
CA TYR F 201 -3.68 -28.74 -25.07
C TYR F 201 -3.27 -28.48 -26.51
N ILE F 202 -4.23 -28.01 -27.30
CA ILE F 202 -4.03 -27.71 -28.71
C ILE F 202 -4.56 -26.30 -28.96
N CYS F 203 -3.71 -25.43 -29.50
CA CYS F 203 -4.20 -24.13 -29.94
C CYS F 203 -4.54 -24.24 -31.41
N ASN F 204 -5.70 -23.70 -31.78
CA ASN F 204 -6.20 -23.78 -33.14
C ASN F 204 -6.11 -22.38 -33.75
N VAL F 205 -5.28 -22.25 -34.78
CA VAL F 205 -5.05 -20.96 -35.41
C VAL F 205 -5.69 -20.97 -36.78
N ASN F 206 -6.51 -19.97 -37.04
CA ASN F 206 -7.10 -19.78 -38.36
C ASN F 206 -6.62 -18.45 -38.92
N HIS F 207 -6.09 -18.46 -40.14
CA HIS F 207 -5.77 -17.23 -40.85
C HIS F 207 -6.56 -17.24 -42.15
N LYS F 208 -7.75 -16.62 -42.12
CA LYS F 208 -8.61 -16.60 -43.30
C LYS F 208 -7.94 -16.03 -44.55
N PRO F 209 -7.23 -14.89 -44.49
CA PRO F 209 -6.75 -14.29 -45.74
C PRO F 209 -5.85 -15.20 -46.54
N SER F 210 -5.08 -16.06 -45.88
CA SER F 210 -4.25 -17.03 -46.57
C SER F 210 -4.88 -18.40 -46.61
N ASN F 211 -6.13 -18.49 -46.16
CA ASN F 211 -6.78 -19.74 -45.81
C ASN F 211 -5.77 -20.66 -45.16
N THR F 212 -5.48 -20.43 -43.89
CA THR F 212 -4.47 -21.18 -43.16
C THR F 212 -5.10 -21.70 -41.88
N LYS F 213 -5.00 -23.01 -41.66
CA LYS F 213 -5.47 -23.62 -40.43
C LYS F 213 -4.33 -24.44 -39.88
N VAL F 214 -3.89 -24.11 -38.68
CA VAL F 214 -2.85 -24.84 -37.98
C VAL F 214 -3.37 -25.23 -36.61
N ASP F 215 -3.28 -26.52 -36.29
CA ASP F 215 -3.46 -27.01 -34.93
C ASP F 215 -2.09 -27.44 -34.41
N LYS F 216 -1.72 -26.96 -33.22
CA LYS F 216 -0.43 -27.27 -32.63
C LYS F 216 -0.63 -27.79 -31.22
N LYS F 217 -0.27 -29.05 -31.00
CA LYS F 217 -0.24 -29.60 -29.65
C LYS F 217 0.86 -28.93 -28.84
N VAL F 218 0.54 -28.57 -27.60
CA VAL F 218 1.48 -27.87 -26.72
C VAL F 218 1.76 -28.80 -25.54
N GLU F 219 2.95 -29.41 -25.54
CA GLU F 219 3.40 -30.34 -24.52
C GLU F 219 4.70 -29.88 -23.88
N PRO F 220 4.94 -30.22 -22.61
CA PRO F 220 6.27 -29.97 -22.03
C PRO F 220 7.31 -30.81 -22.73
N LYS F 221 8.57 -30.37 -22.62
CA LYS F 221 9.68 -31.09 -23.25
C LYS F 221 10.49 -31.85 -22.20
N GLU G 1 32.39 -20.21 -20.12
CA GLU G 1 32.56 -19.59 -18.82
C GLU G 1 31.32 -19.80 -17.95
N ILE G 2 31.50 -19.74 -16.63
CA ILE G 2 30.39 -19.89 -15.70
C ILE G 2 29.70 -18.54 -15.55
N VAL G 3 28.42 -18.47 -15.89
CA VAL G 3 27.65 -17.25 -15.73
C VAL G 3 27.06 -17.24 -14.34
N LEU G 4 27.21 -16.13 -13.63
CA LEU G 4 26.60 -15.95 -12.32
C LEU G 4 25.39 -15.01 -12.45
N THR G 5 24.20 -15.51 -12.11
CA THR G 5 22.96 -14.74 -12.16
C THR G 5 22.57 -14.29 -10.77
N GLN G 6 22.52 -12.98 -10.55
CA GLN G 6 22.15 -12.43 -9.26
C GLN G 6 20.73 -11.86 -9.32
N SER G 7 19.98 -12.10 -8.25
CA SER G 7 18.64 -11.55 -8.16
C SER G 7 18.36 -11.25 -6.70
N PRO G 8 17.51 -10.26 -6.40
CA PRO G 8 16.96 -9.36 -7.42
C PRO G 8 17.97 -8.31 -7.83
N ALA G 9 17.78 -7.68 -8.98
CA ALA G 9 18.70 -6.63 -9.41
C ALA G 9 18.81 -5.53 -8.36
N THR G 10 17.68 -5.10 -7.81
CA THR G 10 17.65 -4.14 -6.71
C THR G 10 16.77 -4.70 -5.61
N LEU G 11 17.17 -4.48 -4.37
CA LEU G 11 16.45 -4.96 -3.20
C LEU G 11 16.20 -3.76 -2.29
N SER G 12 14.94 -3.52 -1.95
CA SER G 12 14.56 -2.31 -1.24
C SER G 12 14.11 -2.70 0.14
N LEU G 13 14.93 -2.42 1.15
CA LEU G 13 14.57 -2.83 2.51
C LEU G 13 14.86 -1.69 3.46
N SER G 14 14.14 -1.68 4.62
CA SER G 14 14.38 -0.69 5.66
C SER G 14 15.48 -1.17 6.60
N PRO G 15 16.17 -0.25 7.27
CA PRO G 15 17.08 -0.68 8.33
C PRO G 15 16.35 -1.53 9.35
N GLY G 16 16.99 -2.62 9.76
CA GLY G 16 16.43 -3.55 10.70
C GLY G 16 15.92 -4.84 10.09
N GLU G 17 15.58 -4.85 8.81
CA GLU G 17 15.05 -6.07 8.22
C GLU G 17 16.17 -7.03 7.86
N ARG G 18 15.77 -8.22 7.42
CA ARG G 18 16.68 -9.25 6.93
C ARG G 18 16.68 -9.23 5.40
N ALA G 19 17.87 -9.23 4.81
CA ALA G 19 18.01 -9.26 3.36
C ALA G 19 18.51 -10.63 2.92
N THR G 20 17.93 -11.13 1.84
CA THR G 20 18.27 -12.43 1.27
C THR G 20 18.61 -12.25 -0.20
N LEU G 21 19.89 -12.36 -0.54
CA LEU G 21 20.36 -12.16 -1.90
C LEU G 21 20.69 -13.52 -2.50
N SER G 22 20.29 -13.72 -3.75
CA SER G 22 20.46 -14.98 -4.44
C SER G 22 21.49 -14.84 -5.56
N CYS G 23 22.27 -15.90 -5.75
CA CYS G 23 23.25 -16.02 -6.82
C CYS G 23 23.11 -17.42 -7.40
N ARG G 24 22.97 -17.50 -8.73
CA ARG G 24 22.80 -18.78 -9.40
C ARG G 24 23.83 -18.90 -10.51
N ALA G 25 24.53 -20.04 -10.55
CA ALA G 25 25.59 -20.28 -11.52
C ALA G 25 25.07 -21.13 -12.68
N SER G 26 25.47 -20.77 -13.89
CA SER G 26 25.02 -21.51 -15.08
C SER G 26 25.47 -22.97 -15.03
N GLN G 27 26.58 -23.25 -14.34
CA GLN G 27 27.06 -24.61 -14.12
C GLN G 27 27.53 -24.72 -12.69
N SER G 28 27.75 -25.95 -12.24
CA SER G 28 28.11 -26.16 -10.84
C SER G 28 29.49 -25.60 -10.53
N VAL G 29 29.57 -24.86 -9.43
CA VAL G 29 30.83 -24.37 -8.88
C VAL G 29 31.11 -24.96 -7.51
N SER G 30 30.37 -26.01 -7.13
CA SER G 30 30.56 -26.69 -5.84
C SER G 30 30.42 -25.65 -4.74
N GLY G 31 31.32 -25.59 -3.76
CA GLY G 31 31.26 -24.56 -2.73
C GLY G 31 32.28 -23.43 -2.88
N TYR G 32 32.83 -23.26 -4.08
CA TYR G 32 33.88 -22.25 -4.29
C TYR G 32 33.20 -20.97 -4.79
N LEU G 33 32.76 -20.14 -3.84
CA LEU G 33 32.00 -18.94 -4.14
C LEU G 33 32.20 -17.91 -3.05
N GLY G 34 32.40 -16.65 -3.44
CA GLY G 34 32.54 -15.56 -2.50
C GLY G 34 31.52 -14.46 -2.73
N TRP G 35 31.41 -13.59 -1.74
CA TRP G 35 30.49 -12.46 -1.76
C TRP G 35 31.27 -11.21 -1.40
N TYR G 36 31.11 -10.15 -2.20
CA TYR G 36 31.73 -8.86 -1.92
C TYR G 36 30.67 -7.78 -1.77
N GLN G 37 31.02 -6.76 -0.99
CA GLN G 37 30.27 -5.51 -0.87
C GLN G 37 31.07 -4.38 -1.51
N GLN G 38 30.40 -3.49 -2.25
CA GLN G 38 31.07 -2.34 -2.84
C GLN G 38 30.24 -1.09 -2.67
N LYS G 39 30.84 -0.07 -2.09
CA LYS G 39 30.33 1.28 -1.96
C LYS G 39 30.89 2.19 -3.04
N PRO G 40 30.19 3.28 -3.37
CA PRO G 40 30.63 4.18 -4.44
C PRO G 40 32.07 4.65 -4.36
N GLY G 41 32.83 4.39 -5.43
CA GLY G 41 34.20 4.90 -5.51
C GLY G 41 35.20 4.13 -4.69
N GLN G 42 34.86 2.94 -4.21
CA GLN G 42 35.74 2.06 -3.47
C GLN G 42 35.88 0.74 -4.21
N ALA G 43 36.95 0.02 -3.90
CA ALA G 43 37.09 -1.36 -4.36
C ALA G 43 36.04 -2.22 -3.68
N PRO G 44 35.69 -3.38 -4.24
CA PRO G 44 34.87 -4.33 -3.48
C PRO G 44 35.56 -4.74 -2.20
N ARG G 45 34.76 -5.21 -1.25
CA ARG G 45 35.25 -5.65 0.06
C ARG G 45 34.76 -7.08 0.23
N LEU G 46 35.68 -8.02 0.50
CA LEU G 46 35.27 -9.41 0.58
C LEU G 46 34.50 -9.64 1.88
N LEU G 47 33.35 -10.30 1.79
CA LEU G 47 32.57 -10.68 2.95
C LEU G 47 32.66 -12.16 3.27
N ILE G 48 32.58 -13.01 2.23
CA ILE G 48 32.43 -14.46 2.36
C ILE G 48 33.31 -15.13 1.32
N TYR G 49 33.97 -16.23 1.71
CA TYR G 49 34.61 -17.14 0.78
C TYR G 49 34.18 -18.57 1.11
N GLY G 50 34.43 -19.46 0.16
CA GLY G 50 34.03 -20.85 0.34
C GLY G 50 32.56 -21.05 0.62
N ALA G 51 31.71 -20.31 -0.10
CA ALA G 51 30.25 -20.35 0.01
C ALA G 51 29.69 -19.90 1.36
N SER G 52 30.40 -20.14 2.47
CA SER G 52 29.81 -19.81 3.77
C SER G 52 30.80 -19.34 4.84
N SER G 53 32.07 -19.18 4.55
CA SER G 53 33.06 -18.79 5.55
C SER G 53 33.29 -17.29 5.50
N ARG G 54 33.01 -16.61 6.61
CA ARG G 54 33.17 -15.16 6.68
C ARG G 54 34.63 -14.75 6.66
N ALA G 55 34.94 -13.66 5.96
CA ALA G 55 36.26 -13.09 6.02
C ALA G 55 36.49 -12.42 7.37
N THR G 56 37.72 -11.93 7.55
CA THR G 56 38.17 -11.38 8.83
C THR G 56 37.55 -10.03 9.10
N GLY G 57 36.99 -9.86 10.30
CA GLY G 57 36.38 -8.60 10.68
C GLY G 57 35.00 -8.37 10.12
N ILE G 58 34.47 -9.31 9.34
CA ILE G 58 33.12 -9.22 8.79
C ILE G 58 32.14 -9.61 9.89
N PRO G 59 31.25 -8.70 10.31
CA PRO G 59 30.39 -8.98 11.47
C PRO G 59 29.46 -10.17 11.25
N ASP G 60 28.91 -10.65 12.37
CA ASP G 60 28.15 -11.89 12.40
C ASP G 60 26.89 -11.84 11.56
N ARG G 61 26.36 -10.65 11.26
CA ARG G 61 25.07 -10.58 10.59
C ARG G 61 25.13 -11.01 9.13
N PHE G 62 26.32 -11.05 8.54
CA PHE G 62 26.51 -11.57 7.20
C PHE G 62 26.71 -13.08 7.26
N SER G 63 25.95 -13.82 6.44
CA SER G 63 26.17 -15.26 6.35
C SER G 63 25.89 -15.72 4.93
N GLY G 64 26.67 -16.68 4.45
CA GLY G 64 26.42 -17.27 3.15
C GLY G 64 26.01 -18.72 3.22
N SER G 65 25.39 -19.25 2.16
CA SER G 65 24.95 -20.63 2.17
C SER G 65 24.78 -21.10 0.72
N GLY G 66 24.60 -22.41 0.57
CA GLY G 66 24.41 -23.04 -0.71
C GLY G 66 25.67 -23.73 -1.21
N SER G 67 25.48 -24.53 -2.27
CA SER G 67 26.57 -25.20 -2.96
C SER G 67 26.04 -25.71 -4.28
N GLY G 68 26.94 -25.80 -5.26
CA GLY G 68 26.54 -26.29 -6.56
C GLY G 68 26.20 -25.15 -7.51
N THR G 69 24.91 -24.81 -7.61
CA THR G 69 24.47 -23.73 -8.47
C THR G 69 23.68 -22.64 -7.77
N ASP G 70 23.09 -22.89 -6.61
CA ASP G 70 22.23 -21.93 -5.94
C ASP G 70 22.89 -21.49 -4.64
N PHE G 71 23.08 -20.18 -4.49
CA PHE G 71 23.74 -19.62 -3.33
C PHE G 71 22.92 -18.46 -2.80
N THR G 72 23.16 -18.12 -1.54
CA THR G 72 22.39 -17.09 -0.88
C THR G 72 23.29 -16.34 0.08
N LEU G 73 23.22 -15.02 0.05
CA LEU G 73 23.84 -14.18 1.06
C LEU G 73 22.74 -13.56 1.89
N THR G 74 22.85 -13.73 3.21
CA THR G 74 21.86 -13.27 4.16
C THR G 74 22.51 -12.29 5.12
N ILE G 75 21.88 -11.14 5.32
CA ILE G 75 22.25 -10.24 6.40
C ILE G 75 21.02 -10.06 7.29
N SER G 76 21.18 -10.41 8.57
CA SER G 76 20.06 -10.72 9.45
C SER G 76 19.34 -9.47 9.95
N ARG G 77 20.06 -8.38 10.14
CA ARG G 77 19.46 -7.16 10.67
C ARG G 77 20.24 -5.98 10.08
N LEU G 78 19.75 -5.46 8.96
CA LEU G 78 20.47 -4.43 8.20
C LEU G 78 20.77 -3.21 9.06
N GLU G 79 22.03 -2.81 9.09
CA GLU G 79 22.51 -1.54 9.62
C GLU G 79 22.58 -0.51 8.49
N PRO G 80 22.58 0.78 8.82
CA PRO G 80 22.57 1.79 7.74
C PRO G 80 23.74 1.67 6.79
N GLU G 81 24.89 1.21 7.27
CA GLU G 81 26.08 1.12 6.43
C GLU G 81 26.08 -0.10 5.53
N ASP G 82 25.03 -0.91 5.54
CA ASP G 82 24.98 -2.10 4.71
C ASP G 82 24.32 -1.87 3.37
N PHE G 83 23.77 -0.68 3.15
CA PHE G 83 23.14 -0.39 1.86
C PHE G 83 24.24 -0.10 0.85
N ALA G 84 24.39 -1.01 -0.10
CA ALA G 84 25.52 -1.01 -1.02
C ALA G 84 25.21 -1.99 -2.14
N VAL G 85 26.17 -2.18 -3.03
CA VAL G 85 26.05 -3.16 -4.09
C VAL G 85 26.79 -4.42 -3.64
N TYR G 86 26.23 -5.58 -3.97
CA TYR G 86 26.75 -6.87 -3.55
C TYR G 86 26.99 -7.72 -4.77
N TYR G 87 28.18 -8.33 -4.85
CA TYR G 87 28.52 -9.22 -5.94
C TYR G 87 28.88 -10.60 -5.39
N CYS G 88 28.47 -11.63 -6.11
CA CYS G 88 28.99 -12.97 -5.91
C CYS G 88 30.10 -13.23 -6.93
N GLN G 89 30.97 -14.19 -6.61
CA GLN G 89 32.13 -14.49 -7.42
C GLN G 89 32.50 -15.95 -7.24
N GLN G 90 32.55 -16.69 -8.34
CA GLN G 90 32.92 -18.10 -8.30
C GLN G 90 34.40 -18.28 -8.61
N TYR G 91 34.99 -19.29 -7.97
CA TYR G 91 36.33 -19.73 -8.34
C TYR G 91 36.40 -21.24 -8.49
N GLY G 92 35.28 -21.85 -8.90
CA GLY G 92 35.28 -23.28 -9.16
C GLY G 92 36.10 -23.66 -10.38
N SER G 93 36.00 -22.88 -11.45
CA SER G 93 36.74 -23.14 -12.67
C SER G 93 37.16 -21.82 -13.29
N SER G 94 38.03 -21.92 -14.30
CA SER G 94 38.53 -20.74 -15.00
C SER G 94 37.68 -20.48 -16.24
N PRO G 95 37.45 -19.20 -16.59
CA PRO G 95 37.93 -18.04 -15.84
C PRO G 95 37.09 -17.69 -14.60
N LEU G 96 37.74 -17.12 -13.60
CA LEU G 96 37.02 -16.58 -12.45
C LEU G 96 36.04 -15.52 -12.92
N THR G 97 34.81 -15.58 -12.40
CA THR G 97 33.76 -14.69 -12.89
C THR G 97 32.97 -14.11 -11.72
N PHE G 98 32.36 -12.95 -11.97
CA PHE G 98 31.52 -12.26 -11.02
C PHE G 98 30.10 -12.18 -11.57
N GLY G 99 29.14 -12.10 -10.65
CA GLY G 99 27.77 -11.86 -11.02
C GLY G 99 27.56 -10.39 -11.37
N GLY G 100 26.32 -10.06 -11.69
CA GLY G 100 25.95 -8.74 -12.14
C GLY G 100 25.62 -7.74 -11.07
N GLY G 101 25.54 -8.18 -9.82
CA GLY G 101 25.36 -7.24 -8.74
C GLY G 101 23.92 -7.08 -8.31
N THR G 102 23.70 -6.94 -7.00
CA THR G 102 22.40 -6.61 -6.41
C THR G 102 22.59 -5.31 -5.64
N LYS G 103 21.79 -4.30 -5.96
CA LYS G 103 21.89 -3.03 -5.24
C LYS G 103 20.88 -3.05 -4.10
N LEU G 104 21.37 -2.85 -2.88
CA LEU G 104 20.54 -2.86 -1.68
C LEU G 104 20.29 -1.40 -1.32
N GLU G 105 19.06 -0.93 -1.54
CA GLU G 105 18.72 0.46 -1.32
C GLU G 105 17.72 0.57 -0.18
N ILE G 106 17.59 1.78 0.35
CA ILE G 106 16.78 2.03 1.53
C ILE G 106 15.32 2.15 1.10
N LYS G 107 14.46 1.33 1.67
CA LYS G 107 13.03 1.50 1.46
C LYS G 107 12.53 2.56 2.43
N ARG G 108 11.84 3.56 1.91
CA ARG G 108 11.16 4.57 2.72
C ARG G 108 9.73 4.71 2.21
N THR G 109 8.99 5.64 2.80
CA THR G 109 7.61 5.87 2.36
C THR G 109 7.58 6.50 0.97
N VAL G 110 6.49 6.25 0.25
CA VAL G 110 6.30 6.85 -1.05
C VAL G 110 6.34 8.37 -0.96
N ALA G 111 7.00 8.98 -1.93
CA ALA G 111 7.06 10.44 -2.06
C ALA G 111 6.90 10.79 -3.54
N ALA G 112 5.91 11.64 -3.84
CA ALA G 112 5.68 11.99 -5.23
C ALA G 112 6.71 13.00 -5.71
N PRO G 113 7.13 12.93 -6.97
CA PRO G 113 8.07 13.92 -7.49
C PRO G 113 7.41 15.28 -7.61
N SER G 114 8.20 16.32 -7.35
CA SER G 114 7.86 17.65 -7.83
C SER G 114 8.43 17.78 -9.25
N VAL G 115 7.59 18.18 -10.21
CA VAL G 115 7.97 18.13 -11.62
C VAL G 115 8.14 19.55 -12.16
N PHE G 116 9.24 19.77 -12.89
CA PHE G 116 9.53 21.04 -13.52
C PHE G 116 9.94 20.79 -14.96
N ILE G 117 9.71 21.77 -15.83
CA ILE G 117 10.15 21.68 -17.22
C ILE G 117 10.87 22.97 -17.57
N PHE G 118 11.96 22.85 -18.32
CA PHE G 118 12.81 23.98 -18.69
C PHE G 118 12.93 24.07 -20.21
N PRO G 119 12.40 25.10 -20.86
CA PRO G 119 12.67 25.29 -22.29
C PRO G 119 14.15 25.54 -22.53
N PRO G 120 14.63 25.28 -23.74
CA PRO G 120 16.03 25.62 -24.04
C PRO G 120 16.27 27.11 -23.89
N SER G 121 17.50 27.46 -23.54
CA SER G 121 17.84 28.85 -23.39
C SER G 121 18.07 29.49 -24.75
N ASP G 122 17.97 30.82 -24.78
CA ASP G 122 18.29 31.53 -26.01
C ASP G 122 19.76 31.39 -26.36
N GLU G 123 20.64 31.42 -25.36
CA GLU G 123 22.06 31.16 -25.63
C GLU G 123 22.23 29.82 -26.32
N GLN G 124 21.59 28.76 -25.81
CA GLN G 124 21.80 27.46 -26.44
C GLN G 124 21.24 27.44 -27.87
N LEU G 125 20.05 28.00 -28.07
CA LEU G 125 19.47 28.00 -29.41
C LEU G 125 20.38 28.69 -30.42
N LYS G 126 21.10 29.72 -29.97
CA LYS G 126 22.02 30.42 -30.86
C LYS G 126 23.11 29.50 -31.41
N SER G 127 23.49 28.46 -30.67
CA SER G 127 24.46 27.52 -31.18
C SER G 127 23.86 26.44 -32.08
N GLY G 128 22.53 26.42 -32.24
CA GLY G 128 21.88 25.48 -33.14
C GLY G 128 21.27 24.23 -32.51
N THR G 129 21.08 24.18 -31.20
CA THR G 129 20.56 22.98 -30.55
C THR G 129 19.59 23.39 -29.45
N ALA G 130 18.58 22.56 -29.25
CA ALA G 130 17.60 22.77 -28.22
C ALA G 130 17.64 21.56 -27.29
N SER G 131 17.96 21.81 -26.03
CA SER G 131 17.81 20.81 -25.00
C SER G 131 16.62 21.21 -24.17
N VAL G 132 15.64 20.31 -24.07
CA VAL G 132 14.49 20.48 -23.18
C VAL G 132 14.70 19.57 -21.98
N VAL G 133 14.60 20.12 -20.79
CA VAL G 133 14.87 19.39 -19.55
C VAL G 133 13.61 19.26 -18.73
N CYS G 134 13.32 18.04 -18.30
CA CYS G 134 12.24 17.76 -17.38
C CYS G 134 12.84 17.22 -16.10
N LEU G 135 12.54 17.86 -14.97
CA LEU G 135 13.11 17.52 -13.67
C LEU G 135 12.04 16.92 -12.76
N LEU G 136 12.36 15.78 -12.18
CA LEU G 136 11.54 15.14 -11.14
C LEU G 136 12.34 15.21 -9.86
N ASN G 137 11.85 15.96 -8.87
CA ASN G 137 12.63 16.26 -7.68
C ASN G 137 12.12 15.51 -6.45
N ASN G 138 13.04 14.79 -5.80
CA ASN G 138 12.89 14.25 -4.44
C ASN G 138 11.70 13.31 -4.33
N PHE G 139 11.82 12.14 -4.94
CA PHE G 139 10.73 11.19 -5.00
C PHE G 139 11.21 9.80 -4.58
N TYR G 140 10.22 8.93 -4.30
CA TYR G 140 10.47 7.54 -3.93
C TYR G 140 9.19 6.76 -4.16
N PRO G 141 9.27 5.55 -4.73
CA PRO G 141 10.44 4.80 -5.15
C PRO G 141 11.04 5.33 -6.46
N ARG G 142 12.11 4.67 -6.89
CA ARG G 142 12.87 5.16 -8.04
C ARG G 142 12.11 4.99 -9.35
N GLU G 143 11.19 4.03 -9.43
CA GLU G 143 10.54 3.77 -10.70
C GLU G 143 9.63 4.92 -11.07
N ALA G 144 9.84 5.47 -12.27
CA ALA G 144 9.02 6.55 -12.77
C ALA G 144 8.98 6.43 -14.28
N LYS G 145 7.85 6.81 -14.88
CA LYS G 145 7.74 6.86 -16.33
C LYS G 145 7.66 8.31 -16.75
N VAL G 146 8.62 8.74 -17.57
CA VAL G 146 8.68 10.10 -18.09
C VAL G 146 8.60 10.00 -19.61
N GLN G 147 7.53 10.54 -20.19
CA GLN G 147 7.33 10.53 -21.63
C GLN G 147 7.30 11.95 -22.18
N TRP G 148 8.01 12.16 -23.29
CA TRP G 148 8.00 13.43 -24.00
C TRP G 148 6.97 13.40 -25.12
N LYS G 149 6.19 14.47 -25.21
CA LYS G 149 5.19 14.63 -26.24
C LYS G 149 5.45 15.97 -26.89
N VAL G 150 5.61 15.98 -28.20
CA VAL G 150 5.84 17.22 -28.95
C VAL G 150 4.67 17.37 -29.91
N ASP G 151 3.81 18.35 -29.66
CA ASP G 151 2.54 18.49 -30.37
C ASP G 151 1.81 17.15 -30.40
N ASN G 152 1.70 16.54 -29.21
CA ASN G 152 1.02 15.28 -28.95
C ASN G 152 1.71 14.06 -29.54
N ALA G 153 2.79 14.22 -30.30
CA ALA G 153 3.52 13.08 -30.84
C ALA G 153 4.51 12.56 -29.79
N LEU G 154 4.40 11.29 -29.46
CA LEU G 154 5.30 10.69 -28.48
C LEU G 154 6.71 10.58 -29.06
N GLN G 155 7.69 11.03 -28.29
CA GLN G 155 9.08 11.04 -28.70
C GLN G 155 9.76 9.75 -28.30
N SER G 156 10.63 9.25 -29.17
CA SER G 156 11.39 8.04 -28.91
C SER G 156 12.77 8.19 -29.52
N GLY G 157 13.78 7.69 -28.80
CA GLY G 157 15.15 7.68 -29.28
C GLY G 157 15.90 8.98 -29.14
N ASN G 158 15.28 10.04 -28.61
CA ASN G 158 15.92 11.35 -28.58
C ASN G 158 15.94 11.95 -27.18
N SER G 159 15.92 11.13 -26.14
CA SER G 159 16.08 11.66 -24.80
C SER G 159 16.91 10.69 -23.97
N GLN G 160 17.48 11.23 -22.90
CA GLN G 160 18.28 10.46 -21.96
C GLN G 160 17.90 10.86 -20.55
N GLU G 161 17.92 9.89 -19.65
CA GLU G 161 17.63 10.12 -18.24
C GLU G 161 18.90 10.02 -17.41
N SER G 162 18.95 10.80 -16.33
CA SER G 162 19.96 10.63 -15.31
C SER G 162 19.26 10.65 -13.96
N VAL G 163 19.69 9.77 -13.04
CA VAL G 163 19.09 9.64 -11.71
C VAL G 163 20.18 9.81 -10.67
N THR G 164 19.94 10.65 -9.68
CA THR G 164 20.87 10.81 -8.57
C THR G 164 20.96 9.53 -7.74
N GLU G 165 22.05 9.42 -6.97
CA GLU G 165 22.12 8.44 -5.90
C GLU G 165 21.11 8.77 -4.82
N GLN G 166 20.62 7.72 -4.16
CA GLN G 166 19.66 7.90 -3.07
C GLN G 166 20.19 8.92 -2.07
N ASP G 167 19.38 9.92 -1.78
CA ASP G 167 19.84 11.05 -0.97
C ASP G 167 20.18 10.60 0.45
N SER G 168 21.31 11.10 0.98
CA SER G 168 21.79 10.61 2.25
C SER G 168 20.87 11.00 3.40
N LYS G 169 20.13 12.10 3.26
CA LYS G 169 19.27 12.62 4.32
C LYS G 169 17.86 12.03 4.26
N ASP G 170 17.19 12.12 3.12
CA ASP G 170 15.77 11.72 3.04
C ASP G 170 15.53 10.47 2.20
N SER G 171 16.57 9.85 1.66
CA SER G 171 16.49 8.59 0.94
C SER G 171 15.67 8.70 -0.36
N THR G 172 15.46 9.90 -0.89
CA THR G 172 14.76 10.04 -2.15
C THR G 172 15.72 10.06 -3.33
N TYR G 173 15.13 10.05 -4.51
CA TYR G 173 15.84 10.17 -5.78
C TYR G 173 15.41 11.45 -6.48
N SER G 174 16.27 11.91 -7.38
CA SER G 174 15.89 12.95 -8.33
C SER G 174 16.29 12.48 -9.71
N LEU G 175 15.54 12.91 -10.71
CA LEU G 175 15.71 12.41 -12.07
C LEU G 175 15.64 13.58 -13.04
N SER G 176 16.54 13.57 -14.04
CA SER G 176 16.42 14.49 -15.16
C SER G 176 16.15 13.67 -16.41
N SER G 177 15.26 14.19 -17.26
CA SER G 177 15.07 13.67 -18.60
C SER G 177 15.32 14.81 -19.56
N THR G 178 16.22 14.60 -20.51
CA THR G 178 16.65 15.67 -21.42
C THR G 178 16.34 15.26 -22.84
N LEU G 179 15.47 16.04 -23.48
CA LEU G 179 15.09 15.86 -24.88
C LEU G 179 15.97 16.76 -25.73
N THR G 180 16.69 16.18 -26.69
CA THR G 180 17.62 16.95 -27.51
C THR G 180 17.16 16.98 -28.95
N LEU G 181 17.02 18.18 -29.51
CA LEU G 181 16.71 18.37 -30.92
C LEU G 181 17.64 19.43 -31.51
N SER G 182 17.77 19.40 -32.82
CA SER G 182 18.34 20.55 -33.50
C SER G 182 17.44 21.76 -33.32
N LYS G 183 18.03 22.95 -33.46
CA LYS G 183 17.22 24.17 -33.45
C LYS G 183 16.15 24.10 -34.52
N ALA G 184 16.52 23.63 -35.72
CA ALA G 184 15.58 23.53 -36.83
C ALA G 184 14.38 22.67 -36.45
N ASP G 185 14.63 21.46 -35.93
CA ASP G 185 13.53 20.60 -35.50
C ASP G 185 12.71 21.23 -34.39
N TYR G 186 13.39 21.86 -33.42
CA TYR G 186 12.70 22.52 -32.31
C TYR G 186 11.70 23.55 -32.83
N GLU G 187 12.06 24.27 -33.88
CA GLU G 187 11.19 25.32 -34.38
C GLU G 187 10.06 24.80 -35.27
N LYS G 188 10.02 23.49 -35.55
CA LYS G 188 8.92 22.91 -36.32
C LYS G 188 7.67 22.68 -35.48
N HIS G 189 7.75 22.86 -34.17
CA HIS G 189 6.67 22.48 -33.29
C HIS G 189 6.44 23.55 -32.25
N LYS G 190 5.25 23.54 -31.65
CA LYS G 190 4.87 24.56 -30.70
C LYS G 190 4.84 24.05 -29.26
N VAL G 191 4.25 22.89 -29.01
CA VAL G 191 3.92 22.47 -27.65
C VAL G 191 4.87 21.35 -27.22
N TYR G 192 5.61 21.62 -26.14
CA TYR G 192 6.56 20.68 -25.57
C TYR G 192 6.05 20.26 -24.20
N ALA G 193 5.84 18.97 -24.01
CA ALA G 193 5.24 18.47 -22.77
C ALA G 193 6.00 17.27 -22.23
N CYS G 194 6.17 17.25 -20.91
CA CYS G 194 6.75 16.13 -20.19
C CYS G 194 5.66 15.55 -19.30
N GLU G 195 5.33 14.27 -19.48
CA GLU G 195 4.31 13.60 -18.69
C GLU G 195 4.94 12.55 -17.78
N VAL G 196 4.65 12.63 -16.48
CA VAL G 196 5.32 11.85 -15.45
C VAL G 196 4.31 10.93 -14.78
N THR G 197 4.56 9.63 -14.83
CA THR G 197 3.76 8.67 -14.07
C THR G 197 4.55 8.16 -12.87
N HIS G 198 3.98 8.25 -11.68
CA HIS G 198 4.70 7.78 -10.51
C HIS G 198 3.69 7.40 -9.44
N GLN G 199 3.99 6.30 -8.74
CA GLN G 199 3.12 5.74 -7.71
C GLN G 199 2.65 6.77 -6.69
N GLY G 200 3.49 7.77 -6.39
CA GLY G 200 3.09 8.80 -5.47
C GLY G 200 2.11 9.83 -6.01
N LEU G 201 1.79 9.77 -7.30
CA LEU G 201 0.90 10.74 -7.94
C LEU G 201 -0.45 10.08 -8.20
N SER G 202 -1.53 10.70 -7.70
CA SER G 202 -2.85 10.10 -7.89
C SER G 202 -3.21 9.99 -9.37
N SER G 203 -2.71 10.90 -10.20
CA SER G 203 -2.81 10.76 -11.64
C SER G 203 -1.58 11.40 -12.27
N PRO G 204 -1.22 10.99 -13.48
CA PRO G 204 0.02 11.49 -14.10
C PRO G 204 0.03 13.01 -14.21
N VAL G 205 1.23 13.57 -14.08
CA VAL G 205 1.43 15.01 -14.12
C VAL G 205 2.06 15.39 -15.45
N THR G 206 1.52 16.42 -16.09
CA THR G 206 2.08 16.99 -17.30
C THR G 206 2.55 18.41 -17.02
N LYS G 207 3.80 18.70 -17.36
CA LYS G 207 4.31 20.06 -17.45
C LYS G 207 4.60 20.36 -18.91
N SER G 208 4.22 21.54 -19.37
CA SER G 208 4.38 21.86 -20.78
C SER G 208 4.64 23.34 -20.96
N PHE G 209 5.09 23.72 -22.16
CA PHE G 209 5.19 25.13 -22.55
C PHE G 209 4.98 25.26 -24.05
N ASN G 210 4.58 26.46 -24.46
CA ASN G 210 4.55 26.84 -25.87
C ASN G 210 5.88 27.48 -26.23
N ARG G 211 6.53 26.95 -27.26
CA ARG G 211 7.80 27.52 -27.70
C ARG G 211 7.64 28.98 -28.07
N GLY G 212 8.49 29.83 -27.49
CA GLY G 212 8.47 31.24 -27.79
C GLY G 212 7.54 32.06 -26.93
N GLU G 213 6.92 31.46 -25.93
CA GLU G 213 5.98 32.19 -25.09
C GLU G 213 6.39 32.11 -23.63
N GLU H 1 49.16 -4.67 7.67
CA GLU H 1 48.40 -3.73 6.87
C GLU H 1 48.97 -3.67 5.45
N VAL H 2 48.57 -4.63 4.61
CA VAL H 2 48.91 -4.58 3.20
C VAL H 2 48.55 -3.20 2.65
N GLN H 3 49.38 -2.70 1.75
CA GLN H 3 49.13 -1.43 1.09
C GLN H 3 49.32 -1.64 -0.42
N LEU H 4 48.32 -1.22 -1.20
CA LEU H 4 48.34 -1.32 -2.65
C LEU H 4 47.81 -0.02 -3.22
N VAL H 5 48.48 0.53 -4.23
CA VAL H 5 48.09 1.81 -4.84
C VAL H 5 48.39 1.70 -6.34
N GLU H 6 47.35 1.63 -7.17
CA GLU H 6 47.52 1.65 -8.61
C GLU H 6 47.75 3.07 -9.13
N THR H 7 48.55 3.19 -10.19
CA THR H 7 48.73 4.45 -10.89
C THR H 7 48.82 4.19 -12.39
N GLY H 8 48.70 5.26 -13.18
CA GLY H 8 48.89 5.18 -14.62
C GLY H 8 47.64 5.31 -15.46
N GLY H 9 46.45 5.40 -14.86
CA GLY H 9 45.24 5.48 -15.64
C GLY H 9 45.05 6.83 -16.31
N GLY H 10 44.26 6.83 -17.37
CA GLY H 10 43.97 8.06 -18.07
C GLY H 10 43.24 7.80 -19.37
N LEU H 11 43.16 8.85 -20.17
CA LEU H 11 42.45 8.82 -21.45
C LEU H 11 43.40 8.41 -22.57
N VAL H 12 42.95 7.50 -23.43
CA VAL H 12 43.76 7.04 -24.55
C VAL H 12 42.83 6.71 -25.72
N LYS H 13 43.33 6.95 -26.94
CA LYS H 13 42.56 6.65 -28.13
C LYS H 13 42.50 5.14 -28.37
N PRO H 14 41.45 4.64 -29.03
CA PRO H 14 41.42 3.21 -29.38
C PRO H 14 42.61 2.85 -30.25
N GLY H 15 43.24 1.71 -29.96
CA GLY H 15 44.47 1.32 -30.61
C GLY H 15 45.73 1.80 -29.90
N GLY H 16 45.62 2.75 -28.98
CA GLY H 16 46.75 3.24 -28.23
C GLY H 16 47.19 2.27 -27.15
N SER H 17 48.10 2.78 -26.31
CA SER H 17 48.78 1.97 -25.31
C SER H 17 48.82 2.73 -23.99
N LEU H 18 48.93 1.97 -22.91
CA LEU H 18 48.96 2.53 -21.57
C LEU H 18 49.61 1.51 -20.64
N ARG H 19 50.36 2.00 -19.66
CA ARG H 19 51.02 1.13 -18.69
C ARG H 19 50.54 1.48 -17.29
N LEU H 20 50.02 0.49 -16.57
CA LEU H 20 49.55 0.67 -15.19
C LEU H 20 50.57 0.11 -14.23
N SER H 21 50.82 0.85 -13.14
CA SER H 21 51.70 0.39 -12.07
C SER H 21 50.89 0.21 -10.79
N CYS H 22 51.31 -0.75 -9.98
CA CYS H 22 50.77 -0.99 -8.66
C CYS H 22 51.93 -1.12 -7.70
N SER H 23 52.03 -0.21 -6.73
CA SER H 23 53.07 -0.26 -5.72
C SER H 23 52.55 -0.94 -4.47
N ALA H 24 53.25 -1.99 -4.03
CA ALA H 24 52.93 -2.73 -2.82
C ALA H 24 53.93 -2.42 -1.71
N SER H 25 53.46 -2.51 -0.46
CA SER H 25 54.35 -2.42 0.67
C SER H 25 53.71 -3.11 1.87
N ARG H 26 54.52 -3.29 2.91
CA ARG H 26 54.12 -3.90 4.17
C ARG H 26 53.64 -5.35 4.01
N PHE H 27 54.16 -6.06 3.01
CA PHE H 27 54.04 -7.52 2.98
C PHE H 27 55.10 -8.07 2.03
N SER H 28 55.30 -9.38 2.08
CA SER H 28 56.37 -10.03 1.33
C SER H 28 55.91 -10.27 -0.10
N PHE H 29 56.06 -9.21 -0.90
CA PHE H 29 55.50 -9.16 -2.25
C PHE H 29 55.87 -10.38 -3.09
N ARG H 30 57.13 -10.82 -3.02
CA ARG H 30 57.58 -11.89 -3.90
C ARG H 30 56.90 -13.23 -3.61
N ASP H 31 56.31 -13.40 -2.44
CA ASP H 31 55.72 -14.69 -2.08
C ASP H 31 54.30 -14.86 -2.58
N TYR H 32 53.68 -13.82 -3.12
CA TYR H 32 52.24 -13.82 -3.37
C TYR H 32 51.94 -13.66 -4.85
N TYR H 33 50.92 -14.38 -5.30
CA TYR H 33 50.30 -14.05 -6.58
C TYR H 33 49.79 -12.62 -6.56
N MET H 34 49.77 -12.00 -7.73
CA MET H 34 49.17 -10.69 -7.93
C MET H 34 48.19 -10.77 -9.08
N THR H 35 47.12 -9.98 -8.99
CA THR H 35 46.00 -10.10 -9.92
C THR H 35 45.54 -8.71 -10.35
N TRP H 36 45.13 -8.60 -11.61
CA TRP H 36 44.46 -7.40 -12.13
C TRP H 36 42.97 -7.69 -12.28
N ILE H 37 42.14 -6.83 -11.69
CA ILE H 37 40.69 -6.88 -11.85
C ILE H 37 40.21 -5.55 -12.39
N ARG H 38 39.25 -5.58 -13.32
CA ARG H 38 38.69 -4.34 -13.85
C ARG H 38 37.18 -4.31 -13.69
N GLN H 39 36.63 -3.09 -13.66
CA GLN H 39 35.19 -2.90 -13.52
C GLN H 39 34.72 -1.76 -14.42
N ALA H 40 33.97 -2.11 -15.45
CA ALA H 40 33.35 -1.12 -16.30
C ALA H 40 32.21 -0.41 -15.56
N PRO H 41 31.93 0.85 -15.92
CA PRO H 41 30.86 1.58 -15.23
C PRO H 41 29.53 0.84 -15.32
N GLY H 42 28.92 0.63 -14.17
CA GLY H 42 27.63 -0.03 -14.11
C GLY H 42 27.67 -1.54 -14.20
N LYS H 43 28.85 -2.15 -14.34
CA LYS H 43 28.95 -3.60 -14.49
C LYS H 43 29.64 -4.21 -13.29
N GLY H 44 29.58 -5.54 -13.20
CA GLY H 44 30.33 -6.24 -12.17
C GLY H 44 31.81 -6.25 -12.50
N PRO H 45 32.65 -6.54 -11.52
CA PRO H 45 34.08 -6.66 -11.78
C PRO H 45 34.36 -7.81 -12.74
N GLU H 46 35.52 -7.73 -13.40
CA GLU H 46 35.93 -8.73 -14.36
C GLU H 46 37.40 -9.03 -14.09
N TRP H 47 37.73 -10.32 -14.04
CA TRP H 47 39.13 -10.72 -13.85
C TRP H 47 39.91 -10.51 -15.14
N VAL H 48 41.13 -9.98 -15.01
CA VAL H 48 41.96 -9.63 -16.14
C VAL H 48 43.17 -10.55 -16.28
N SER H 49 43.96 -10.68 -15.21
CA SER H 49 45.24 -11.36 -15.34
C SER H 49 45.76 -11.75 -13.95
N HIS H 50 46.48 -12.89 -13.91
CA HIS H 50 47.24 -13.36 -12.75
C HIS H 50 48.73 -13.39 -13.08
N ILE H 51 49.55 -13.20 -12.06
CA ILE H 51 50.98 -13.50 -12.17
C ILE H 51 51.46 -14.06 -10.83
N SER H 52 52.20 -15.17 -10.89
CA SER H 52 52.73 -15.79 -9.69
C SER H 52 53.78 -14.90 -9.03
N GLY H 53 54.15 -15.28 -7.81
CA GLY H 53 55.15 -14.52 -7.08
C GLY H 53 56.48 -14.46 -7.80
N SER H 54 56.84 -15.55 -8.49
CA SER H 54 58.10 -15.59 -9.24
C SER H 54 57.98 -14.93 -10.59
N GLY H 55 56.78 -14.90 -11.18
CA GLY H 55 56.61 -14.48 -12.55
C GLY H 55 56.61 -15.61 -13.56
N SER H 56 56.71 -16.86 -13.10
CA SER H 56 56.87 -18.00 -14.00
C SER H 56 55.56 -18.45 -14.63
N THR H 57 54.44 -18.32 -13.92
CA THR H 57 53.14 -18.71 -14.45
C THR H 57 52.26 -17.47 -14.57
N ILE H 58 51.66 -17.30 -15.74
CA ILE H 58 50.88 -16.11 -16.05
C ILE H 58 49.61 -16.55 -16.77
N TYR H 59 48.47 -15.94 -16.41
CA TYR H 59 47.22 -16.20 -17.12
C TYR H 59 46.54 -14.89 -17.50
N TYR H 60 45.80 -14.95 -18.60
CA TYR H 60 45.05 -13.81 -19.13
C TYR H 60 43.61 -14.22 -19.44
N ALA H 61 42.68 -13.31 -19.20
CA ALA H 61 41.33 -13.48 -19.73
C ALA H 61 41.36 -13.46 -21.25
N ASP H 62 40.41 -14.17 -21.86
CA ASP H 62 40.37 -14.26 -23.31
C ASP H 62 40.17 -12.90 -23.96
N SER H 63 39.50 -11.98 -23.29
CA SER H 63 39.22 -10.70 -23.93
C SER H 63 40.47 -9.84 -24.09
N VAL H 64 41.53 -10.06 -23.31
CA VAL H 64 42.72 -9.23 -23.37
C VAL H 64 43.95 -9.98 -23.84
N ARG H 65 43.89 -11.30 -24.01
CA ARG H 65 45.06 -12.05 -24.41
C ARG H 65 45.59 -11.56 -25.75
N GLY H 66 46.91 -11.41 -25.82
CA GLY H 66 47.55 -10.85 -27.00
C GLY H 66 47.62 -9.35 -27.02
N ARG H 67 46.89 -8.66 -26.14
CA ARG H 67 46.91 -7.21 -26.08
C ARG H 67 47.49 -6.67 -24.78
N PHE H 68 47.28 -7.36 -23.66
CA PHE H 68 47.79 -6.93 -22.36
C PHE H 68 48.94 -7.84 -21.94
N THR H 69 49.92 -7.26 -21.26
CA THR H 69 51.02 -8.02 -20.68
C THR H 69 51.16 -7.63 -19.22
N ILE H 70 51.07 -8.64 -18.34
CA ILE H 70 51.29 -8.45 -16.90
C ILE H 70 52.75 -8.73 -16.59
N SER H 71 53.31 -8.04 -15.60
CA SER H 71 54.66 -8.31 -15.14
C SER H 71 54.83 -7.74 -13.74
N ARG H 72 55.94 -8.11 -13.09
CA ARG H 72 56.23 -7.64 -11.74
C ARG H 72 57.73 -7.43 -11.56
N ASP H 73 58.07 -6.52 -10.65
CA ASP H 73 59.45 -6.25 -10.25
C ASP H 73 59.52 -6.50 -8.75
N ASN H 74 59.99 -7.70 -8.36
CA ASN H 74 59.97 -8.07 -6.95
C ASN H 74 60.95 -7.25 -6.12
N ALA H 75 62.10 -6.88 -6.70
CA ALA H 75 63.00 -5.95 -6.04
C ALA H 75 62.35 -4.61 -5.80
N LYS H 76 61.34 -4.26 -6.58
CA LYS H 76 60.66 -2.99 -6.48
C LYS H 76 59.28 -3.08 -5.86
N SER H 77 58.81 -4.28 -5.54
CA SER H 77 57.48 -4.49 -4.98
C SER H 77 56.44 -3.74 -5.81
N SER H 78 56.55 -3.93 -7.13
CA SER H 78 55.71 -3.24 -8.10
C SER H 78 55.12 -4.27 -9.06
N LEU H 79 53.88 -4.03 -9.45
CA LEU H 79 53.16 -4.85 -10.41
C LEU H 79 52.75 -3.95 -11.57
N TYR H 80 52.82 -4.48 -12.78
CA TYR H 80 52.54 -3.70 -13.97
C TYR H 80 51.53 -4.40 -14.87
N LEU H 81 50.81 -3.58 -15.65
CA LEU H 81 49.96 -4.07 -16.72
C LEU H 81 50.23 -3.19 -17.93
N GLN H 82 50.79 -3.79 -18.99
CA GLN H 82 51.02 -3.10 -20.25
C GLN H 82 49.84 -3.37 -21.16
N MET H 83 49.13 -2.32 -21.55
CA MET H 83 47.92 -2.45 -22.33
C MET H 83 48.17 -1.85 -23.71
N ASP H 84 48.13 -2.70 -24.73
CA ASP H 84 48.31 -2.28 -26.12
C ASP H 84 47.04 -2.58 -26.89
N SER H 85 46.90 -1.93 -28.05
CA SER H 85 45.74 -2.11 -28.92
C SER H 85 44.44 -2.00 -28.13
N LEU H 86 44.35 -0.94 -27.33
CA LEU H 86 43.22 -0.74 -26.43
C LEU H 86 41.92 -0.54 -27.22
N GLN H 87 40.82 -0.98 -26.62
CA GLN H 87 39.51 -0.92 -27.27
C GLN H 87 38.55 -0.17 -26.37
N ALA H 88 37.51 0.41 -26.96
CA ALA H 88 36.49 1.08 -26.17
C ALA H 88 36.04 0.20 -25.00
N ASP H 89 35.79 -1.09 -25.26
CA ASP H 89 35.28 -1.95 -24.19
C ASP H 89 36.33 -2.30 -23.13
N ASP H 90 37.52 -1.73 -23.22
CA ASP H 90 38.52 -1.80 -22.16
C ASP H 90 38.35 -0.69 -21.13
N THR H 91 37.44 0.27 -21.37
CA THR H 91 37.21 1.36 -20.42
C THR H 91 36.69 0.79 -19.09
N ALA H 92 37.38 1.09 -18.00
CA ALA H 92 37.08 0.47 -16.72
C ALA H 92 38.01 1.04 -15.65
N VAL H 93 37.60 0.85 -14.40
CA VAL H 93 38.50 1.08 -13.27
C VAL H 93 39.35 -0.17 -13.11
N TYR H 94 40.67 0.00 -13.03
CA TYR H 94 41.57 -1.13 -12.94
C TYR H 94 42.10 -1.23 -11.52
N TYR H 95 41.97 -2.42 -10.93
CA TYR H 95 42.30 -2.66 -9.54
C TYR H 95 43.46 -3.64 -9.43
N CYS H 96 44.41 -3.32 -8.55
CA CYS H 96 45.45 -4.25 -8.13
C CYS H 96 44.96 -5.00 -6.89
N ALA H 97 45.13 -6.33 -6.89
CA ALA H 97 44.73 -7.13 -5.73
C ALA H 97 45.75 -8.20 -5.44
N ARG H 98 45.96 -8.48 -4.16
CA ARG H 98 46.86 -9.54 -3.73
C ARG H 98 46.13 -10.88 -3.71
N GLY H 99 46.83 -11.92 -4.15
CA GLY H 99 46.33 -13.28 -4.10
C GLY H 99 46.91 -14.06 -2.94
N GLY H 100 46.96 -15.39 -3.10
CA GLY H 100 47.61 -16.26 -2.16
C GLY H 100 49.03 -16.60 -2.61
N ARG H 101 49.70 -17.39 -1.78
CA ARG H 101 51.06 -17.81 -2.08
C ARG H 101 51.13 -18.71 -3.31
N ALA H 102 50.13 -19.57 -3.48
CA ALA H 102 50.09 -20.51 -4.59
C ALA H 102 48.87 -20.35 -5.49
N THR H 103 47.85 -19.61 -5.06
CA THR H 103 46.61 -19.47 -5.80
C THR H 103 46.17 -18.01 -5.76
N SER H 104 45.23 -17.65 -6.65
CA SER H 104 44.58 -16.35 -6.62
C SER H 104 43.12 -16.56 -7.03
N TYR H 105 42.32 -16.99 -6.05
CA TYR H 105 40.92 -17.35 -6.25
C TYR H 105 39.94 -16.23 -5.92
N TYR H 106 40.27 -15.40 -4.95
CA TYR H 106 39.42 -14.31 -4.48
C TYR H 106 40.34 -13.36 -3.72
N TRP H 107 39.81 -12.19 -3.33
CA TRP H 107 40.70 -11.10 -3.00
C TRP H 107 40.19 -10.31 -1.81
N VAL H 108 41.02 -10.28 -0.76
CA VAL H 108 40.81 -9.45 0.41
C VAL H 108 41.38 -8.06 0.21
N HIS H 109 42.62 -7.98 -0.28
CA HIS H 109 43.36 -6.73 -0.35
C HIS H 109 43.30 -6.19 -1.77
N TRP H 110 42.73 -4.99 -1.91
CA TRP H 110 42.60 -4.30 -3.18
C TRP H 110 43.22 -2.92 -3.07
N GLY H 111 43.80 -2.46 -4.15
CA GLY H 111 44.10 -1.05 -4.27
C GLY H 111 42.84 -0.26 -4.50
N PRO H 112 42.98 1.07 -4.48
CA PRO H 112 41.81 1.94 -4.68
C PRO H 112 41.37 2.08 -6.12
N GLY H 113 42.09 1.50 -7.07
CA GLY H 113 41.73 1.52 -8.50
C GLY H 113 42.31 2.72 -9.22
N THR H 114 42.48 2.56 -10.54
CA THR H 114 42.84 3.67 -11.41
C THR H 114 42.01 3.58 -12.68
N LEU H 115 41.48 4.72 -13.11
CA LEU H 115 40.49 4.76 -14.20
C LEU H 115 41.16 4.81 -15.56
N VAL H 116 40.78 3.91 -16.45
CA VAL H 116 41.24 3.89 -17.84
C VAL H 116 40.04 4.16 -18.73
N THR H 117 40.11 5.23 -19.53
CA THR H 117 39.08 5.59 -20.51
C THR H 117 39.69 5.47 -21.91
N VAL H 118 39.09 4.61 -22.73
CA VAL H 118 39.50 4.40 -24.12
C VAL H 118 38.41 5.00 -25.00
N SER H 119 38.74 6.06 -25.72
CA SER H 119 37.73 6.78 -26.50
C SER H 119 38.40 7.60 -27.59
N SER H 120 37.74 7.70 -28.74
CA SER H 120 38.20 8.60 -29.79
C SER H 120 37.74 10.04 -29.57
N ALA H 121 36.91 10.30 -28.55
CA ALA H 121 36.49 11.67 -28.27
C ALA H 121 37.66 12.51 -27.82
N SER H 122 37.73 13.75 -28.31
CA SER H 122 38.79 14.66 -27.92
C SER H 122 38.44 15.35 -26.60
N THR H 123 39.48 15.63 -25.81
CA THR H 123 39.29 16.42 -24.60
C THR H 123 38.66 17.76 -24.94
N LYS H 124 37.63 18.14 -24.18
CA LYS H 124 36.84 19.31 -24.55
C LYS H 124 36.17 19.87 -23.32
N GLY H 125 36.23 21.19 -23.14
CA GLY H 125 35.54 21.85 -22.04
C GLY H 125 34.07 22.05 -22.32
N PRO H 126 33.25 22.22 -21.28
CA PRO H 126 31.79 22.27 -21.48
C PRO H 126 31.25 23.62 -21.90
N SER H 127 30.18 23.56 -22.67
CA SER H 127 29.27 24.70 -22.81
C SER H 127 28.26 24.67 -21.67
N VAL H 128 27.99 25.85 -21.10
CA VAL H 128 27.11 25.97 -19.95
C VAL H 128 25.94 26.86 -20.32
N PHE H 129 24.73 26.40 -20.04
CA PHE H 129 23.50 27.09 -20.38
C PHE H 129 22.57 27.17 -19.17
N PRO H 130 21.85 28.28 -19.04
CA PRO H 130 20.95 28.41 -17.89
C PRO H 130 19.68 27.59 -18.08
N LEU H 131 19.18 27.10 -16.96
CA LEU H 131 17.85 26.50 -16.83
C LEU H 131 17.07 27.49 -15.98
N ALA H 132 16.49 28.48 -16.64
CA ALA H 132 15.90 29.60 -15.92
C ALA H 132 14.65 29.15 -15.17
N PRO H 133 14.38 29.75 -14.01
CA PRO H 133 13.16 29.40 -13.28
C PRO H 133 11.93 29.89 -14.03
N SER H 134 10.84 29.12 -13.87
CA SER H 134 9.59 29.40 -14.58
C SER H 134 8.90 30.67 -14.06
N GLY H 141 5.78 27.85 -2.48
CA GLY H 141 6.57 28.98 -2.91
C GLY H 141 7.97 28.62 -3.36
N THR H 142 8.12 27.39 -3.86
CA THR H 142 9.40 26.82 -4.28
C THR H 142 9.57 26.92 -5.78
N ALA H 143 10.78 27.28 -6.22
CA ALA H 143 11.10 27.33 -7.64
C ALA H 143 12.38 26.56 -7.91
N ALA H 144 12.51 26.07 -9.14
CA ALA H 144 13.68 25.32 -9.55
C ALA H 144 14.41 26.07 -10.66
N LEU H 145 15.72 26.13 -10.54
CA LEU H 145 16.58 26.69 -11.55
C LEU H 145 17.79 25.79 -11.65
N GLY H 146 18.59 25.99 -12.70
CA GLY H 146 19.72 25.12 -12.85
C GLY H 146 20.66 25.55 -13.95
N CYS H 147 21.66 24.71 -14.20
CA CYS H 147 22.59 24.87 -15.29
C CYS H 147 22.72 23.57 -16.06
N LEU H 148 22.81 23.69 -17.39
CA LEU H 148 23.03 22.56 -18.27
C LEU H 148 24.50 22.57 -18.71
N VAL H 149 25.21 21.52 -18.37
CA VAL H 149 26.64 21.42 -18.61
C VAL H 149 26.83 20.42 -19.73
N LYS H 150 26.96 20.90 -20.96
CA LYS H 150 26.80 20.05 -22.14
C LYS H 150 28.09 19.94 -22.94
N ASP H 151 28.33 18.74 -23.46
CA ASP H 151 29.35 18.47 -24.48
C ASP H 151 30.77 18.67 -23.96
N TYR H 152 31.14 17.99 -22.88
CA TYR H 152 32.53 18.01 -22.41
C TYR H 152 33.07 16.59 -22.37
N PHE H 153 34.39 16.47 -22.29
CA PHE H 153 35.04 15.18 -22.27
C PHE H 153 36.48 15.33 -21.81
N PRO H 154 37.00 14.41 -21.00
CA PRO H 154 36.26 13.31 -20.37
C PRO H 154 35.70 13.76 -19.03
N GLU H 155 35.22 12.82 -18.22
CA GLU H 155 34.84 13.16 -16.85
C GLU H 155 36.08 13.59 -16.05
N PRO H 156 35.89 14.39 -14.99
CA PRO H 156 34.66 14.96 -14.46
C PRO H 156 34.57 16.48 -14.58
N VAL H 157 33.38 17.03 -14.39
CA VAL H 157 33.22 18.44 -14.06
C VAL H 157 32.87 18.53 -12.59
N THR H 158 33.11 19.69 -12.01
CA THR H 158 32.62 20.02 -10.68
C THR H 158 31.70 21.21 -10.82
N VAL H 159 30.57 21.13 -10.13
CA VAL H 159 29.56 22.17 -10.18
C VAL H 159 29.27 22.62 -8.76
N SER H 160 29.37 23.92 -8.54
CA SER H 160 29.01 24.54 -7.28
C SER H 160 28.10 25.72 -7.57
N TRP H 161 27.32 26.12 -6.57
CA TRP H 161 26.41 27.24 -6.72
C TRP H 161 26.80 28.35 -5.74
N ASN H 162 26.94 29.57 -6.28
CA ASN H 162 27.37 30.73 -5.51
C ASN H 162 28.75 30.48 -4.89
N SER H 163 29.62 29.84 -5.69
CA SER H 163 30.95 29.39 -5.31
C SER H 163 30.98 28.58 -4.01
N GLY H 164 29.82 28.17 -3.51
CA GLY H 164 29.74 27.35 -2.31
C GLY H 164 28.80 27.91 -1.26
N ALA H 165 28.37 29.15 -1.46
CA ALA H 165 27.42 29.75 -0.53
C ALA H 165 26.06 29.06 -0.55
N LEU H 166 25.72 28.40 -1.65
CA LEU H 166 24.43 27.73 -1.78
C LEU H 166 24.66 26.23 -1.98
N THR H 167 24.20 25.45 -1.01
CA THR H 167 24.39 24.00 -1.04
C THR H 167 23.13 23.21 -0.74
N SER H 168 22.11 23.81 -0.14
CA SER H 168 20.91 23.08 0.22
C SER H 168 19.99 22.94 -0.98
N GLY H 169 19.45 21.74 -1.17
CA GLY H 169 18.55 21.49 -2.27
C GLY H 169 19.20 21.47 -3.64
N VAL H 170 20.53 21.34 -3.71
CA VAL H 170 21.22 21.21 -4.99
C VAL H 170 21.26 19.75 -5.39
N HIS H 171 21.00 19.48 -6.68
CA HIS H 171 21.16 18.15 -7.25
C HIS H 171 22.00 18.28 -8.50
N THR H 172 23.20 17.69 -8.50
CA THR H 172 24.04 17.63 -9.68
C THR H 172 23.96 16.21 -10.24
N PHE H 173 23.33 16.07 -11.40
CA PHE H 173 23.04 14.75 -11.91
C PHE H 173 24.32 14.07 -12.38
N PRO H 174 24.41 12.75 -12.22
CA PRO H 174 25.50 12.01 -12.85
C PRO H 174 25.54 12.29 -14.34
N ALA H 175 26.76 12.42 -14.87
CA ALA H 175 26.93 12.68 -16.28
C ALA H 175 26.50 11.48 -17.10
N VAL H 176 25.92 11.77 -18.27
CA VAL H 176 25.51 10.73 -19.21
C VAL H 176 26.26 10.95 -20.51
N LEU H 177 26.78 9.86 -21.06
CA LEU H 177 27.48 9.90 -22.34
C LEU H 177 26.45 10.04 -23.46
N GLN H 178 26.56 11.12 -24.23
CA GLN H 178 25.71 11.29 -25.38
C GLN H 178 26.20 10.41 -26.54
N SER H 179 25.36 10.27 -27.56
CA SER H 179 25.74 9.48 -28.71
C SER H 179 26.90 10.10 -29.47
N SER H 180 27.16 11.39 -29.26
CA SER H 180 28.36 12.03 -29.80
C SER H 180 29.63 11.57 -29.11
N GLY H 181 29.53 10.89 -27.97
CA GLY H 181 30.69 10.51 -27.20
C GLY H 181 31.12 11.54 -26.19
N LEU H 182 30.42 12.66 -26.10
CA LEU H 182 30.67 13.70 -25.12
C LEU H 182 29.67 13.58 -23.98
N TYR H 183 30.06 14.06 -22.81
CA TYR H 183 29.21 14.00 -21.62
C TYR H 183 28.29 15.22 -21.54
N SER H 184 27.20 15.05 -20.80
CA SER H 184 26.30 16.13 -20.47
C SER H 184 25.67 15.85 -19.11
N LEU H 185 25.45 16.91 -18.32
CA LEU H 185 24.66 16.82 -17.10
C LEU H 185 23.97 18.14 -16.84
N SER H 186 23.00 18.11 -15.94
CA SER H 186 22.43 19.31 -15.36
C SER H 186 22.70 19.32 -13.86
N SER H 187 22.80 20.51 -13.30
CA SER H 187 22.77 20.70 -11.86
C SER H 187 21.63 21.65 -11.55
N VAL H 188 20.75 21.25 -10.64
CA VAL H 188 19.58 22.04 -10.33
C VAL H 188 19.56 22.36 -8.84
N VAL H 189 18.78 23.37 -8.50
CA VAL H 189 18.60 23.75 -7.11
C VAL H 189 17.21 24.33 -6.97
N THR H 190 16.54 23.96 -5.89
CA THR H 190 15.24 24.51 -5.57
C THR H 190 15.41 25.60 -4.51
N VAL H 191 14.88 26.79 -4.82
CA VAL H 191 14.99 27.95 -3.94
C VAL H 191 13.59 28.49 -3.68
N PRO H 192 13.38 29.40 -2.73
CA PRO H 192 12.07 30.03 -2.59
C PRO H 192 11.82 31.02 -3.73
N SER H 193 10.54 31.10 -4.15
CA SER H 193 10.19 31.93 -5.31
C SER H 193 10.36 33.42 -5.04
N SER H 194 10.31 33.84 -3.77
CA SER H 194 10.41 35.27 -3.48
C SER H 194 11.81 35.82 -3.71
N SER H 195 12.84 34.98 -3.67
CA SER H 195 14.21 35.44 -3.88
C SER H 195 14.61 35.50 -5.35
N LEU H 196 13.69 35.21 -6.27
CA LEU H 196 14.04 35.10 -7.69
C LEU H 196 14.26 36.43 -8.37
N GLY H 197 14.41 37.51 -7.61
CA GLY H 197 14.83 38.78 -8.19
C GLY H 197 15.93 39.38 -7.35
N THR H 198 15.85 39.14 -6.05
CA THR H 198 16.85 39.64 -5.10
C THR H 198 18.12 38.81 -5.16
N GLN H 199 18.01 37.52 -4.86
CA GLN H 199 19.19 36.66 -4.75
C GLN H 199 19.79 36.36 -6.12
N THR H 200 21.11 36.33 -6.17
CA THR H 200 21.83 36.02 -7.40
C THR H 200 22.21 34.54 -7.40
N TYR H 201 22.19 33.93 -8.59
CA TYR H 201 22.40 32.50 -8.73
C TYR H 201 23.36 32.26 -9.87
N ILE H 202 24.56 31.77 -9.54
CA ILE H 202 25.63 31.54 -10.49
C ILE H 202 26.15 30.14 -10.24
N CYS H 203 26.16 29.31 -11.28
CA CYS H 203 26.76 28.00 -11.15
C CYS H 203 28.19 28.06 -11.67
N ASN H 204 29.10 27.44 -10.93
CA ASN H 204 30.51 27.50 -11.23
C ASN H 204 30.94 26.11 -11.69
N VAL H 205 31.33 26.01 -12.96
CA VAL H 205 31.67 24.73 -13.57
C VAL H 205 33.17 24.69 -13.80
N ASN H 206 33.80 23.62 -13.33
CA ASN H 206 35.23 23.39 -13.49
C ASN H 206 35.44 22.11 -14.27
N HIS H 207 36.21 22.18 -15.35
CA HIS H 207 36.57 20.98 -16.11
C HIS H 207 38.08 20.85 -16.15
N LYS H 208 38.63 20.21 -15.12
CA LYS H 208 40.09 20.09 -14.98
C LYS H 208 40.78 19.48 -16.19
N PRO H 209 40.29 18.42 -16.85
CA PRO H 209 41.07 17.83 -17.96
C PRO H 209 41.40 18.82 -19.08
N SER H 210 40.66 19.91 -19.21
CA SER H 210 40.93 20.91 -20.24
C SER H 210 41.28 22.26 -19.65
N ASN H 211 41.32 22.39 -18.32
CA ASN H 211 41.69 23.64 -17.65
C ASN H 211 40.67 24.73 -17.99
N THR H 212 39.41 24.33 -18.08
CA THR H 212 38.29 25.20 -18.38
C THR H 212 37.52 25.50 -17.10
N LYS H 213 37.20 26.77 -16.90
CA LYS H 213 36.30 27.22 -15.84
C LYS H 213 35.25 28.10 -16.50
N VAL H 214 33.98 27.86 -16.19
CA VAL H 214 32.89 28.64 -16.75
C VAL H 214 31.96 29.02 -15.61
N ASP H 215 31.53 30.27 -15.59
CA ASP H 215 30.55 30.75 -14.64
C ASP H 215 29.33 31.26 -15.40
N LYS H 216 28.13 30.96 -14.90
CA LYS H 216 26.89 31.28 -15.59
C LYS H 216 25.87 31.77 -14.57
N LYS H 217 25.40 33.00 -14.74
CA LYS H 217 24.31 33.50 -13.93
C LYS H 217 23.00 32.99 -14.51
N VAL H 218 22.08 32.62 -13.62
CA VAL H 218 20.81 32.01 -14.00
C VAL H 218 19.71 32.98 -13.61
N GLU H 219 19.23 33.77 -14.59
CA GLU H 219 18.21 34.78 -14.37
C GLU H 219 16.86 34.30 -14.88
N PRO H 220 15.77 34.79 -14.30
CA PRO H 220 14.46 34.57 -14.91
C PRO H 220 14.40 35.23 -16.28
N LYS H 221 13.58 34.66 -17.15
CA LYS H 221 13.45 35.17 -18.51
C LYS H 221 12.28 36.14 -18.62
N SER H 222 12.45 37.16 -19.47
CA SER H 222 11.43 38.19 -19.66
C SER H 222 10.91 38.21 -21.10
N SER I 1 -30.21 26.01 -28.69
CA SER I 1 -29.42 25.41 -29.76
C SER I 1 -29.32 26.34 -30.97
N ASP I 2 -28.81 25.80 -32.09
CA ASP I 2 -28.61 26.57 -33.30
C ASP I 2 -29.36 25.92 -34.47
N SER I 3 -30.03 26.75 -35.27
CA SER I 3 -30.78 26.24 -36.42
C SER I 3 -29.85 25.55 -37.43
N ASP I 4 -28.59 25.97 -37.50
CA ASP I 4 -27.64 25.29 -38.37
C ASP I 4 -27.45 23.83 -37.99
N SER I 5 -27.66 23.48 -36.71
CA SER I 5 -27.33 22.18 -36.16
C SER I 5 -28.55 21.30 -35.84
N ASP I 6 -29.72 21.62 -36.37
CA ASP I 6 -30.91 20.86 -36.01
C ASP I 6 -31.41 20.00 -37.16
N SER I 7 -32.27 19.05 -36.81
CA SER I 7 -32.79 18.03 -37.71
C SER I 7 -33.60 18.62 -38.86
N SER J 1 -24.46 -45.71 -0.06
CA SER J 1 -25.71 -46.45 0.11
C SER J 1 -26.53 -45.87 1.27
N ASP J 2 -25.90 -45.78 2.44
CA ASP J 2 -26.54 -45.20 3.61
C ASP J 2 -26.89 -43.73 3.38
N SER J 3 -26.19 -43.05 2.47
CA SER J 3 -26.38 -41.63 2.21
C SER J 3 -27.17 -41.34 0.94
N ASP J 4 -27.61 -42.36 0.21
CA ASP J 4 -28.32 -42.15 -1.05
C ASP J 4 -27.47 -41.30 -2.02
N ASP K 2 6.09 42.32 27.84
CA ASP K 2 5.52 42.58 29.16
C ASP K 2 6.59 42.50 30.24
N SER K 3 6.80 43.61 30.96
CA SER K 3 7.76 43.64 32.06
C SER K 3 7.38 42.65 33.15
N ASP K 4 6.10 42.28 33.24
CA ASP K 4 5.68 41.26 34.18
C ASP K 4 6.41 39.94 33.97
N SER K 5 6.81 39.66 32.73
CA SER K 5 7.40 38.38 32.36
C SER K 5 8.92 38.41 32.22
N ASP K 6 9.58 39.46 32.68
CA ASP K 6 11.05 39.45 32.68
C ASP K 6 11.61 39.40 34.11
N SER L 1 46.85 -20.56 5.77
CA SER L 1 48.26 -20.83 5.43
C SER L 1 48.60 -20.29 4.04
N ASP L 2 47.91 -20.78 3.02
CA ASP L 2 48.07 -20.19 1.68
C ASP L 2 47.53 -18.76 1.66
N SER L 3 46.41 -18.53 2.36
CA SER L 3 45.86 -17.19 2.50
C SER L 3 46.38 -16.48 3.74
N ASP L 4 47.06 -17.21 4.63
CA ASP L 4 47.65 -16.73 5.90
C ASP L 4 47.47 -15.25 6.24
C1 NAG M . -24.46 22.40 -36.03
C2 NAG M . -23.14 23.14 -36.08
C3 NAG M . -22.21 22.44 -37.07
C4 NAG M . -22.04 20.98 -36.69
C5 NAG M . -23.41 20.31 -36.58
C6 NAG M . -23.36 18.89 -36.08
C7 NAG M . -22.92 25.56 -35.70
C8 NAG M . -22.30 25.22 -34.41
N2 NAG M . -23.32 24.52 -36.44
O3 NAG M . -20.96 23.11 -37.08
O4 NAG M . -21.25 20.32 -37.69
O5 NAG M . -24.25 21.03 -35.66
O6 NAG M . -24.64 18.28 -36.10
O7 NAG M . -23.08 26.71 -36.05
C1 NAG N . -24.92 -40.47 4.42
C2 NAG N . -24.07 -40.46 5.68
C3 NAG N . -24.86 -39.88 6.85
C4 NAG N . -25.34 -38.48 6.50
C5 NAG N . -26.14 -38.53 5.20
C6 NAG N . -26.55 -37.15 4.71
C7 NAG N . -22.32 -42.19 5.80
C8 NAG N . -21.40 -41.19 5.14
N2 NAG N . -23.58 -41.79 6.02
O3 NAG N . -24.06 -39.86 8.03
O4 NAG N . -26.16 -37.97 7.55
O5 NAG N . -25.38 -39.13 4.14
O6 NAG N . -27.38 -37.22 3.56
O7 NAG N . -21.94 -43.30 6.12
C1 NAG O . 4.90 36.83 32.07
C2 NAG O . 3.40 36.58 32.12
C3 NAG O . 3.08 35.58 33.23
C4 NAG O . 3.85 34.29 33.02
C5 NAG O . 5.34 34.58 32.88
C6 NAG O . 6.14 33.36 32.49
C7 NAG O . 1.81 38.30 31.39
C8 NAG O . 1.75 37.58 30.09
N2 NAG O . 2.64 37.80 32.31
O3 NAG O . 1.68 35.34 33.24
O4 NAG O . 3.64 33.41 34.11
O5 NAG O . 5.59 35.57 31.87
O6 NAG O . 7.52 33.51 32.73
O7 NAG O . 1.14 39.31 31.60
C1 NAG P . 43.94 -17.52 0.23
C2 NAG P . 43.44 -18.20 -1.04
C3 NAG P . 43.84 -17.40 -2.27
C4 NAG P . 43.35 -15.97 -2.16
C5 NAG P . 43.87 -15.33 -0.86
C6 NAG P . 43.33 -13.94 -0.63
C7 NAG P . 43.13 -20.63 -1.15
C8 NAG P . 41.66 -20.37 -1.00
N2 NAG P . 43.93 -19.56 -1.14
O3 NAG P . 43.30 -18.00 -3.44
O4 NAG P . 43.80 -15.20 -3.27
O5 NAG P . 43.48 -16.14 0.26
O6 NAG P . 43.96 -13.30 0.47
O7 NAG P . 43.57 -21.76 -1.26
#